data_5AA1
#
_entry.id   5AA1
#
_cell.length_a   65.853
_cell.length_b   135.752
_cell.length_c   138.030
_cell.angle_alpha   90.00
_cell.angle_beta   92.01
_cell.angle_gamma   90.00
#
_symmetry.space_group_name_H-M   'P 1 21 1'
#
loop_
_entity.id
_entity.type
_entity.pdbx_description
1 polymer 'MEMBRANE-BOUND LYTIC MUREIN TRANSGLYCOSYLASE F'
2 polymer 'N-ACETYLGLUCOSAMINE-1,6-ANHYDRO-N-ACETYLMURAMIC ACID L-ALA-D-GLU-M-DAP-D-ALA-D-ALA'
3 non-polymer 'CHLORIDE ION'
4 water water
#
loop_
_entity_poly.entity_id
_entity_poly.type
_entity_poly.pdbx_seq_one_letter_code
_entity_poly.pdbx_strand_id
1 'polypeptide(L)'
;MAPSRLCVYCADVCPDRLRCAAWLLATGIFLLLAGCSEAKAPTALERVQKEGVLRVITRNSPATYFQDRNGETGFEYELA
KRFAERLGVELKIETADNLDDLYAQLSREGGPALAAAGLTPGREDDASVRYSHTYLDVTPQIIYRNGQQRPTRPEDLVGK
RIMVLKGSSHAEQLAELKKQYPELKYEESDAVEVVDLLRMVDVGDIDLTLVDSNELAMNQVYFPNVRVAFDFGEARGLAW
ALPGGDDDSLMNEVNAFLDQAKKEGLLQRLKDRYYGHVDVLGYVGAYTFTQHLQQRLPRYESHFKQSGKQKDTDWRLLAA
IGYQESLWQPGATSKTGVRGLMMLTNRTAQAMGVSNRLDPKQSIQGGSKYFVQIRSELPESIKEPDRSWFALAAYNIGGA
HLEDARKMAEKEGLNPNKWLDVKKMLPRLAQKQWYAKTRYGYARGGETVHFVQNVRRYYDILTWVTQPQMEGSQIAESGL
HLPGVNKTRPEEDSGDEKL
;
A,B,C,D
2 'polypeptide(L)' (AH0)A(FGA)(API)(DAL)(DAL) E
#
loop_
_chem_comp.id
_chem_comp.type
_chem_comp.name
_chem_comp.formula
AH0 non-polymer '2-(2-ACETYLAMINO-4-HYDROXY-6,8-DIOXA-BICYCLO[3.2.1]OCT-3-YLOXY)-PROPIONIC ACID' 'C11 H17 N O7'
CL non-polymer 'CHLORIDE ION' 'Cl -1'
FGA D-gamma-peptide, C-delta linking 'GAMMA-D-GLUTAMIC ACID' 'C5 H9 N O4'
#
# COMPACT_ATOMS: atom_id res chain seq x y z
N GLU A 51 -18.67 8.42 33.72
CA GLU A 51 -17.88 7.88 34.83
C GLU A 51 -17.10 6.64 34.35
N GLY A 52 -16.34 6.01 35.26
CA GLY A 52 -15.64 4.77 34.97
C GLY A 52 -16.63 3.62 34.77
N VAL A 53 -16.42 2.37 35.22
CA VAL A 53 -15.23 1.53 35.51
C VAL A 53 -15.56 0.75 36.78
N LEU A 54 -16.14 -0.42 36.58
CA LEU A 54 -16.38 -1.38 37.66
C LEU A 54 -15.21 -2.36 37.79
N ARG A 55 -14.53 -2.34 38.93
CA ARG A 55 -13.42 -3.28 39.17
C ARG A 55 -13.90 -4.65 39.68
N VAL A 56 -13.74 -5.69 38.86
CA VAL A 56 -14.19 -7.05 39.22
C VAL A 56 -13.03 -8.06 39.36
N ILE A 57 -12.84 -8.62 40.56
CA ILE A 57 -11.75 -9.59 40.80
C ILE A 57 -12.21 -11.03 40.58
N THR A 58 -11.38 -11.82 39.90
CA THR A 58 -11.71 -13.22 39.63
C THR A 58 -10.48 -14.12 39.60
N ARG A 59 -10.67 -15.39 39.24
CA ARG A 59 -9.52 -16.25 38.97
C ARG A 59 -9.28 -16.45 37.48
N ASN A 60 -8.02 -16.44 37.08
CA ASN A 60 -7.63 -16.84 35.72
C ASN A 60 -7.74 -18.38 35.59
N SER A 61 -8.86 -18.83 35.04
CA SER A 61 -9.19 -20.25 34.97
C SER A 61 -10.30 -20.49 33.96
N PRO A 62 -10.37 -21.70 33.39
CA PRO A 62 -11.38 -21.91 32.32
C PRO A 62 -12.87 -21.73 32.73
N ALA A 63 -13.20 -21.85 34.02
CA ALA A 63 -14.59 -21.70 34.49
C ALA A 63 -14.98 -20.26 34.74
N THR A 64 -13.97 -19.44 35.03
CA THR A 64 -14.16 -18.06 35.41
C THR A 64 -13.87 -17.06 34.29
N TYR A 65 -12.59 -16.78 34.11
CA TYR A 65 -12.11 -15.79 33.15
C TYR A 65 -10.80 -16.25 32.55
N PHE A 66 -10.66 -16.14 31.25
CA PHE A 66 -9.38 -16.41 30.58
C PHE A 66 -9.38 -15.77 29.21
N GLN A 67 -8.20 -15.66 28.61
CA GLN A 67 -8.07 -15.08 27.29
C GLN A 67 -7.87 -16.17 26.25
N ASP A 68 -8.57 -16.06 25.12
CA ASP A 68 -8.44 -17.03 24.03
C ASP A 68 -8.07 -16.36 22.70
N ARG A 69 -8.41 -16.99 21.57
CA ARG A 69 -7.99 -16.50 20.25
C ARG A 69 -8.74 -15.21 19.87
N ASN A 70 -9.93 -15.00 20.44
CA ASN A 70 -10.71 -13.78 20.12
C ASN A 70 -10.77 -12.75 21.24
N GLY A 71 -10.06 -12.98 22.34
CA GLY A 71 -10.05 -12.03 23.44
C GLY A 71 -10.54 -12.58 24.75
N GLU A 72 -11.01 -11.72 25.64
CA GLU A 72 -11.51 -12.17 26.94
C GLU A 72 -12.76 -13.03 26.82
N THR A 73 -12.95 -13.92 27.77
CA THR A 73 -14.06 -14.87 27.71
C THR A 73 -14.22 -15.67 29.02
N GLY A 74 -15.20 -16.56 29.07
CA GLY A 74 -15.48 -17.30 30.30
C GLY A 74 -16.83 -16.95 30.92
N PHE A 75 -17.38 -17.88 31.70
CA PHE A 75 -18.65 -17.68 32.39
C PHE A 75 -18.68 -16.38 33.15
N GLU A 76 -17.93 -16.35 34.25
CA GLU A 76 -17.87 -15.20 35.15
C GLU A 76 -17.59 -13.90 34.42
N TYR A 77 -16.84 -13.96 33.32
CA TYR A 77 -16.53 -12.76 32.55
C TYR A 77 -17.75 -12.23 31.80
N GLU A 78 -18.39 -13.10 31.03
CA GLU A 78 -19.55 -12.68 30.25
C GLU A 78 -20.56 -12.06 31.17
N LEU A 79 -20.81 -12.75 32.27
CA LEU A 79 -21.84 -12.37 33.22
C LEU A 79 -21.53 -11.01 33.82
N ALA A 80 -20.31 -10.84 34.31
CA ALA A 80 -19.90 -9.57 34.88
C ALA A 80 -19.84 -8.45 33.82
N LYS A 81 -19.55 -8.79 32.57
CA LYS A 81 -19.58 -7.78 31.51
C LYS A 81 -21.02 -7.45 31.19
N ARG A 82 -21.92 -8.43 31.23
CA ARG A 82 -23.33 -8.14 30.95
C ARG A 82 -23.92 -7.27 32.08
N PHE A 83 -23.33 -7.36 33.26
CA PHE A 83 -23.73 -6.52 34.40
C PHE A 83 -23.13 -5.11 34.35
N ALA A 84 -21.86 -4.99 33.95
CA ALA A 84 -21.25 -3.68 33.78
C ALA A 84 -21.97 -2.88 32.70
N GLU A 85 -22.46 -3.59 31.69
CA GLU A 85 -23.21 -2.97 30.61
C GLU A 85 -24.48 -2.38 31.19
N ARG A 86 -25.14 -3.15 32.05
CA ARG A 86 -26.37 -2.71 32.69
C ARG A 86 -26.15 -1.42 33.50
N LEU A 87 -25.08 -1.38 34.28
CA LEU A 87 -24.73 -0.20 35.10
C LEU A 87 -24.45 1.04 34.29
N GLY A 88 -23.76 0.85 33.16
CA GLY A 88 -23.36 1.95 32.30
C GLY A 88 -21.91 2.32 32.49
N VAL A 89 -21.08 1.32 32.76
CA VAL A 89 -19.70 1.53 33.14
C VAL A 89 -18.75 0.57 32.39
N GLU A 90 -17.45 0.87 32.38
CA GLU A 90 -16.46 0.00 31.73
C GLU A 90 -16.04 -1.10 32.69
N LEU A 91 -15.91 -2.33 32.21
CA LEU A 91 -15.54 -3.46 33.10
C LEU A 91 -14.04 -3.55 33.25
N LYS A 92 -13.54 -3.63 34.49
CA LYS A 92 -12.09 -3.89 34.64
C LYS A 92 -11.80 -5.16 35.42
N ILE A 93 -11.31 -6.19 34.72
CA ILE A 93 -10.96 -7.45 35.38
C ILE A 93 -9.58 -7.41 36.03
N GLU A 94 -9.52 -7.87 37.28
CA GLU A 94 -8.26 -8.09 37.97
C GLU A 94 -8.24 -9.56 38.31
N THR A 95 -7.07 -10.19 38.24
CA THR A 95 -6.98 -11.62 38.53
C THR A 95 -6.24 -11.82 39.86
N ALA A 96 -6.72 -12.76 40.66
CA ALA A 96 -6.08 -12.98 41.96
C ALA A 96 -5.05 -14.11 41.90
N ASP A 97 -3.99 -14.01 42.72
CA ASP A 97 -2.87 -14.96 42.67
C ASP A 97 -3.29 -16.35 43.11
N ASN A 98 -4.45 -16.40 43.74
CA ASN A 98 -5.05 -17.54 44.44
C ASN A 98 -6.18 -17.05 45.35
N LEU A 99 -6.94 -17.99 45.91
CA LEU A 99 -8.11 -17.65 46.73
C LEU A 99 -7.80 -16.81 47.97
N ASP A 100 -6.79 -17.20 48.74
CA ASP A 100 -6.43 -16.41 49.91
C ASP A 100 -6.19 -14.93 49.54
N ASP A 101 -5.56 -14.72 48.38
CA ASP A 101 -5.33 -13.37 47.87
C ASP A 101 -6.61 -12.69 47.41
N LEU A 102 -7.46 -13.42 46.68
CA LEU A 102 -8.71 -12.88 46.16
C LEU A 102 -9.52 -12.21 47.26
N TYR A 103 -9.81 -12.96 48.31
CA TYR A 103 -10.50 -12.40 49.46
C TYR A 103 -9.75 -11.24 50.11
N ALA A 104 -8.45 -11.40 50.32
CA ALA A 104 -7.68 -10.33 50.94
C ALA A 104 -7.78 -9.04 50.12
N GLN A 105 -7.59 -9.13 48.80
CA GLN A 105 -7.66 -7.95 47.96
C GLN A 105 -9.04 -7.31 48.00
N LEU A 106 -10.06 -8.14 48.25
CA LEU A 106 -11.46 -7.71 48.31
C LEU A 106 -11.88 -7.00 49.61
N SER A 107 -11.12 -7.22 50.69
CA SER A 107 -11.49 -6.66 51.98
C SER A 107 -10.59 -5.50 52.31
N ARG A 108 -9.71 -5.18 51.36
CA ARG A 108 -8.71 -4.15 51.54
C ARG A 108 -9.30 -2.78 51.25
N GLU A 109 -8.75 -1.76 51.89
CA GLU A 109 -9.29 -0.42 51.82
C GLU A 109 -9.48 0.06 50.37
N GLY A 110 -8.45 -0.08 49.54
CA GLY A 110 -8.50 0.46 48.18
C GLY A 110 -8.80 -0.58 47.11
N GLY A 111 -9.61 -1.57 47.48
CA GLY A 111 -9.77 -2.74 46.65
C GLY A 111 -10.87 -2.64 45.61
N PRO A 112 -11.11 -3.76 44.89
CA PRO A 112 -12.16 -3.95 43.89
C PRO A 112 -13.56 -3.97 44.50
N ALA A 113 -14.57 -3.97 43.63
CA ALA A 113 -15.94 -3.80 44.06
C ALA A 113 -16.62 -5.11 44.35
N LEU A 114 -16.25 -6.15 43.62
CA LEU A 114 -16.87 -7.45 43.81
C LEU A 114 -16.02 -8.57 43.23
N ALA A 115 -16.22 -9.77 43.78
CA ALA A 115 -15.57 -10.97 43.32
C ALA A 115 -16.54 -11.87 42.56
N ALA A 116 -16.17 -12.24 41.34
CA ALA A 116 -16.96 -13.13 40.50
C ALA A 116 -16.06 -14.30 40.07
N ALA A 117 -16.15 -15.42 40.78
CA ALA A 117 -15.09 -16.42 40.68
C ALA A 117 -15.51 -17.82 41.11
N GLY A 118 -16.79 -18.12 40.96
CA GLY A 118 -17.35 -19.39 41.37
C GLY A 118 -17.27 -19.58 42.86
N LEU A 119 -17.65 -18.59 43.63
CA LEU A 119 -17.47 -18.71 45.07
C LEU A 119 -18.68 -19.35 45.80
N THR A 120 -18.40 -20.31 46.65
CA THR A 120 -19.39 -20.91 47.55
C THR A 120 -19.48 -20.11 48.85
N PRO A 121 -20.60 -19.41 49.06
CA PRO A 121 -20.77 -18.53 50.22
C PRO A 121 -20.45 -19.24 51.52
N GLY A 122 -19.98 -18.48 52.52
CA GLY A 122 -19.46 -19.09 53.72
C GLY A 122 -20.36 -19.02 54.92
N ARG A 123 -21.06 -17.90 55.05
CA ARG A 123 -21.96 -17.68 56.17
C ARG A 123 -22.70 -16.39 55.93
N GLU A 124 -23.86 -16.23 56.59
CA GLU A 124 -24.59 -14.97 56.52
C GLU A 124 -24.17 -14.06 57.68
N ASP A 125 -23.36 -14.60 58.58
CA ASP A 125 -22.66 -13.79 59.57
C ASP A 125 -21.40 -13.23 58.94
N ASP A 126 -20.32 -13.17 59.73
CA ASP A 126 -19.04 -12.59 59.31
C ASP A 126 -19.16 -11.16 58.76
N ALA A 127 -20.27 -10.86 58.08
CA ALA A 127 -20.61 -9.53 57.52
C ALA A 127 -19.47 -8.91 56.70
N SER A 128 -18.23 -9.05 57.18
CA SER A 128 -17.05 -8.97 56.32
C SER A 128 -17.33 -9.96 55.22
N VAL A 129 -16.96 -9.63 53.99
CA VAL A 129 -17.48 -10.31 52.79
C VAL A 129 -18.97 -10.74 52.89
N ARG A 130 -19.82 -10.02 52.17
CA ARG A 130 -21.22 -10.37 52.00
C ARG A 130 -21.41 -11.05 50.62
N TYR A 131 -22.41 -11.93 50.50
CA TYR A 131 -22.61 -12.67 49.24
C TYR A 131 -23.97 -12.40 48.53
N SER A 132 -23.89 -12.18 47.22
CA SER A 132 -25.05 -12.00 46.36
C SER A 132 -26.03 -13.16 46.38
N HIS A 133 -27.08 -13.05 45.57
CA HIS A 133 -27.99 -14.18 45.35
C HIS A 133 -27.25 -15.20 44.52
N THR A 134 -27.74 -16.43 44.51
CA THR A 134 -26.97 -17.48 43.86
C THR A 134 -27.35 -17.52 42.40
N TYR A 135 -26.39 -17.90 41.55
CA TYR A 135 -26.61 -17.90 40.11
C TYR A 135 -26.34 -19.24 39.43
N LEU A 136 -25.91 -20.23 40.21
CA LEU A 136 -25.61 -21.55 39.66
C LEU A 136 -25.51 -22.58 40.76
N ASP A 137 -26.27 -23.66 40.63
CA ASP A 137 -26.24 -24.72 41.63
C ASP A 137 -25.27 -25.81 41.25
N VAL A 138 -24.28 -26.04 42.11
CA VAL A 138 -23.29 -27.08 41.93
C VAL A 138 -23.26 -28.03 43.13
N THR A 139 -22.47 -29.09 43.03
CA THR A 139 -22.32 -30.03 44.12
C THR A 139 -20.93 -30.63 44.15
N PRO A 140 -20.21 -30.47 45.27
CA PRO A 140 -18.88 -31.03 45.50
C PRO A 140 -18.85 -32.53 45.27
N GLN A 141 -17.93 -33.00 44.44
CA GLN A 141 -17.78 -34.44 44.24
C GLN A 141 -16.30 -34.85 44.47
N ILE A 142 -16.08 -36.03 45.02
CA ILE A 142 -14.75 -36.62 45.10
C ILE A 142 -14.40 -37.16 43.72
N ILE A 143 -13.18 -36.94 43.25
CA ILE A 143 -12.77 -37.46 41.95
C ILE A 143 -11.70 -38.52 42.15
N TYR A 144 -11.75 -39.61 41.40
CA TYR A 144 -10.67 -40.60 41.42
C TYR A 144 -10.22 -41.02 40.03
N ARG A 145 -9.35 -42.01 39.97
CA ARG A 145 -8.80 -42.40 38.69
C ARG A 145 -9.38 -43.74 38.26
N ASN A 146 -9.55 -43.95 36.96
CA ASN A 146 -9.99 -45.25 36.49
C ASN A 146 -8.88 -46.26 36.71
N GLY A 147 -9.24 -47.38 37.34
CA GLY A 147 -8.28 -48.44 37.60
C GLY A 147 -8.01 -48.58 39.07
N GLN A 148 -8.02 -47.46 39.81
CA GLN A 148 -7.94 -47.53 41.27
C GLN A 148 -9.35 -47.69 41.82
N GLN A 149 -9.47 -48.08 43.08
CA GLN A 149 -10.79 -48.38 43.64
C GLN A 149 -11.59 -47.12 44.03
N ARG A 150 -12.85 -47.11 43.63
CA ARG A 150 -13.77 -46.02 43.91
C ARG A 150 -14.08 -45.98 45.40
N PRO A 151 -13.64 -44.91 46.07
CA PRO A 151 -14.02 -44.74 47.48
C PRO A 151 -15.53 -44.54 47.54
N THR A 152 -16.24 -45.27 48.38
CA THR A 152 -17.70 -45.23 48.35
C THR A 152 -18.28 -44.09 49.18
N ARG A 153 -17.89 -43.96 50.44
CA ARG A 153 -18.36 -42.86 51.28
C ARG A 153 -17.19 -42.28 52.10
N PRO A 154 -17.33 -41.06 52.68
CA PRO A 154 -16.19 -40.24 53.15
C PRO A 154 -14.98 -40.95 53.76
N GLU A 155 -15.15 -41.74 54.81
CA GLU A 155 -14.02 -42.33 55.54
C GLU A 155 -13.07 -43.14 54.63
N ASP A 156 -13.51 -43.45 53.41
CA ASP A 156 -12.66 -44.13 52.44
C ASP A 156 -11.50 -43.25 51.97
N LEU A 157 -11.46 -42.00 52.43
CA LEU A 157 -10.44 -41.04 52.00
C LEU A 157 -9.10 -41.16 52.73
N VAL A 158 -9.08 -41.92 53.81
CA VAL A 158 -7.89 -42.06 54.61
C VAL A 158 -6.82 -42.84 53.86
N GLY A 159 -5.58 -42.36 53.92
CA GLY A 159 -4.46 -42.99 53.23
C GLY A 159 -4.48 -42.85 51.72
N LYS A 160 -4.79 -41.66 51.23
CA LYS A 160 -4.79 -41.39 49.81
C LYS A 160 -4.19 -40.02 49.69
N ARG A 161 -3.39 -39.78 48.67
CA ARG A 161 -2.90 -38.43 48.48
C ARG A 161 -4.02 -37.58 47.90
N ILE A 162 -4.41 -36.55 48.63
CA ILE A 162 -5.51 -35.67 48.23
C ILE A 162 -5.03 -34.27 48.02
N MET A 163 -5.28 -33.64 46.88
CA MET A 163 -4.98 -32.19 46.82
C MET A 163 -6.24 -31.34 46.63
N VAL A 164 -6.30 -30.23 47.34
CA VAL A 164 -7.35 -29.22 47.15
C VAL A 164 -6.70 -27.83 47.06
N LEU A 165 -7.41 -26.88 46.48
CA LEU A 165 -6.91 -25.49 46.44
C LEU A 165 -6.82 -24.91 47.86
N LYS A 166 -5.67 -24.36 48.20
CA LYS A 166 -5.55 -23.69 49.47
C LYS A 166 -6.57 -22.52 49.54
N GLY A 167 -7.14 -22.33 50.73
CA GLY A 167 -8.08 -21.25 50.99
C GLY A 167 -9.48 -21.50 50.46
N SER A 168 -9.75 -22.72 50.00
CA SER A 168 -11.03 -23.07 49.37
C SER A 168 -12.06 -23.66 50.33
N SER A 169 -13.32 -23.72 49.88
CA SER A 169 -14.41 -24.25 50.67
C SER A 169 -14.27 -25.75 50.77
N HIS A 170 -13.59 -26.32 49.78
CA HIS A 170 -13.29 -27.74 49.76
C HIS A 170 -12.25 -28.11 50.82
N ALA A 171 -11.40 -27.15 51.16
CA ALA A 171 -10.45 -27.34 52.22
C ALA A 171 -11.14 -27.30 53.58
N GLU A 172 -12.16 -26.44 53.69
CA GLU A 172 -12.95 -26.37 54.92
C GLU A 172 -13.74 -27.67 55.04
N GLN A 173 -14.03 -28.26 53.90
CA GLN A 173 -14.84 -29.48 53.83
C GLN A 173 -14.08 -30.69 54.38
N LEU A 174 -12.83 -30.78 53.95
CA LEU A 174 -11.91 -31.79 54.42
C LEU A 174 -11.44 -31.52 55.85
N ALA A 175 -11.36 -30.25 56.24
CA ALA A 175 -10.86 -29.90 57.57
C ALA A 175 -11.87 -30.36 58.60
N GLU A 176 -13.14 -30.19 58.20
CA GLU A 176 -14.29 -30.61 58.96
C GLU A 176 -14.31 -32.13 59.10
N LEU A 177 -14.10 -32.80 57.98
CA LEU A 177 -14.04 -34.26 57.96
C LEU A 177 -12.87 -34.78 58.80
N LYS A 178 -11.81 -33.98 58.91
CA LYS A 178 -10.61 -34.44 59.59
C LYS A 178 -10.86 -34.47 61.08
N LYS A 179 -11.87 -33.73 61.50
CA LYS A 179 -12.25 -33.74 62.90
C LYS A 179 -12.87 -35.10 63.23
N GLN A 180 -13.57 -35.69 62.27
CA GLN A 180 -14.10 -37.04 62.46
C GLN A 180 -12.97 -38.05 62.47
N TYR A 181 -12.26 -38.10 61.35
CA TYR A 181 -11.17 -39.05 61.18
C TYR A 181 -9.86 -38.30 61.14
N PRO A 182 -9.10 -38.35 62.24
CA PRO A 182 -7.80 -37.68 62.30
C PRO A 182 -6.77 -38.42 61.44
N GLU A 183 -7.15 -39.60 60.99
CA GLU A 183 -6.35 -40.40 60.06
C GLU A 183 -6.31 -39.78 58.66
N LEU A 184 -7.23 -38.86 58.41
CA LEU A 184 -7.31 -38.16 57.14
C LEU A 184 -6.12 -37.22 56.92
N LYS A 185 -5.47 -37.35 55.76
CA LYS A 185 -4.35 -36.50 55.38
C LYS A 185 -4.64 -35.89 54.02
N TYR A 186 -4.54 -34.57 53.89
CA TYR A 186 -4.73 -33.95 52.57
C TYR A 186 -3.81 -32.76 52.38
N GLU A 187 -3.53 -32.39 51.13
CA GLU A 187 -2.65 -31.25 50.85
C GLU A 187 -3.40 -30.07 50.26
N GLU A 188 -2.87 -28.87 50.40
CA GLU A 188 -3.47 -27.69 49.74
C GLU A 188 -2.40 -26.76 49.19
N SER A 189 -2.57 -26.34 47.95
CA SER A 189 -1.58 -25.49 47.32
C SER A 189 -2.18 -24.16 46.84
N ASP A 190 -1.31 -23.15 46.67
CA ASP A 190 -1.70 -21.91 46.01
C ASP A 190 -1.33 -21.94 44.54
N ALA A 191 -0.55 -22.94 44.14
CA ALA A 191 0.07 -22.93 42.82
C ALA A 191 -0.64 -23.86 41.87
N VAL A 192 -1.88 -24.20 42.22
CA VAL A 192 -2.72 -24.97 41.32
C VAL A 192 -4.11 -24.37 41.21
N GLU A 193 -4.76 -24.67 40.09
CA GLU A 193 -6.16 -24.36 39.89
C GLU A 193 -6.85 -25.69 39.79
N VAL A 194 -8.16 -25.70 39.58
CA VAL A 194 -8.86 -26.98 39.49
C VAL A 194 -8.40 -27.81 38.30
N VAL A 195 -8.16 -27.11 37.20
CA VAL A 195 -7.68 -27.77 36.01
C VAL A 195 -6.38 -28.55 36.30
N ASP A 196 -5.52 -28.04 37.18
CA ASP A 196 -4.30 -28.73 37.60
C ASP A 196 -4.60 -30.00 38.40
N LEU A 197 -5.44 -29.84 39.43
CA LEU A 197 -5.95 -30.94 40.23
C LEU A 197 -6.44 -32.08 39.35
N LEU A 198 -7.25 -31.75 38.35
CA LEU A 198 -7.84 -32.79 37.52
C LEU A 198 -6.76 -33.48 36.69
N ARG A 199 -5.77 -32.71 36.24
CA ARG A 199 -4.67 -33.27 35.46
C ARG A 199 -3.90 -34.23 36.37
N MET A 200 -3.72 -33.78 37.61
CA MET A 200 -2.97 -34.55 38.57
C MET A 200 -3.63 -35.90 38.87
N VAL A 201 -4.95 -35.92 38.99
CA VAL A 201 -5.67 -37.16 39.22
C VAL A 201 -5.59 -38.04 37.99
N ASP A 202 -5.84 -37.42 36.83
CA ASP A 202 -5.84 -38.10 35.54
C ASP A 202 -4.58 -38.91 35.30
N VAL A 203 -3.41 -38.28 35.38
CA VAL A 203 -2.15 -38.93 35.03
C VAL A 203 -1.56 -39.68 36.20
N GLY A 204 -2.26 -39.63 37.33
CA GLY A 204 -1.90 -40.42 38.49
C GLY A 204 -0.94 -39.87 39.53
N ASP A 205 -0.75 -38.56 39.57
CA ASP A 205 0.19 -37.97 40.53
C ASP A 205 -0.42 -37.76 41.93
N ILE A 206 -1.74 -37.82 42.01
CA ILE A 206 -2.49 -37.75 43.27
C ILE A 206 -3.68 -38.71 43.15
N ASP A 207 -4.18 -39.23 44.27
CA ASP A 207 -5.14 -40.31 44.21
C ASP A 207 -6.57 -39.82 44.07
N LEU A 208 -6.90 -38.81 44.88
CA LEU A 208 -8.24 -38.21 44.93
C LEU A 208 -8.16 -36.68 44.85
N THR A 209 -9.29 -36.05 44.56
CA THR A 209 -9.44 -34.62 44.78
C THR A 209 -10.91 -34.30 45.00
N LEU A 210 -11.18 -33.05 45.34
CA LEU A 210 -12.52 -32.60 45.69
C LEU A 210 -12.81 -31.27 45.02
N VAL A 211 -13.78 -31.29 44.09
CA VAL A 211 -14.12 -30.14 43.27
C VAL A 211 -15.63 -30.05 43.00
N ASP A 212 -16.15 -28.83 42.80
CA ASP A 212 -17.57 -28.56 42.52
C ASP A 212 -18.02 -29.15 41.18
N SER A 213 -19.23 -29.72 41.15
CA SER A 213 -19.73 -30.51 40.01
C SER A 213 -19.55 -29.84 38.66
N ASN A 214 -19.69 -28.51 38.63
CA ASN A 214 -19.64 -27.76 37.37
C ASN A 214 -18.26 -27.79 36.75
N GLU A 215 -17.26 -27.73 37.62
CA GLU A 215 -15.90 -27.62 37.16
C GLU A 215 -15.53 -28.93 36.49
N LEU A 216 -16.04 -30.02 37.03
CA LEU A 216 -15.79 -31.31 36.43
C LEU A 216 -16.60 -31.41 35.13
N ALA A 217 -17.77 -30.78 35.10
CA ALA A 217 -18.61 -30.75 33.90
C ALA A 217 -17.91 -30.10 32.70
N MET A 218 -17.28 -28.95 32.91
CA MET A 218 -16.56 -28.30 31.84
C MET A 218 -15.29 -29.05 31.45
N ASN A 219 -14.72 -29.79 32.39
CA ASN A 219 -13.39 -30.35 32.19
C ASN A 219 -13.27 -31.86 31.99
N GLN A 220 -14.24 -32.62 32.51
CA GLN A 220 -14.14 -34.08 32.47
C GLN A 220 -13.74 -34.59 31.10
N VAL A 221 -14.29 -34.00 30.04
CA VAL A 221 -13.98 -34.36 28.64
C VAL A 221 -12.46 -34.38 28.29
N TYR A 222 -11.70 -33.49 28.91
CA TYR A 222 -10.27 -33.40 28.63
C TYR A 222 -9.42 -34.32 29.51
N PHE A 223 -10.09 -35.04 30.40
CA PHE A 223 -9.40 -35.93 31.32
C PHE A 223 -10.01 -37.33 31.29
N PRO A 224 -9.66 -38.10 30.26
CA PRO A 224 -10.31 -39.38 29.97
C PRO A 224 -10.29 -40.33 31.17
N ASN A 225 -9.34 -40.15 32.08
CA ASN A 225 -9.16 -41.11 33.17
C ASN A 225 -10.01 -40.79 34.41
N VAL A 226 -10.39 -39.53 34.63
CA VAL A 226 -11.03 -39.19 35.89
C VAL A 226 -12.48 -39.68 35.96
N ARG A 227 -12.95 -39.91 37.19
CA ARG A 227 -14.32 -40.38 37.46
C ARG A 227 -14.87 -39.82 38.77
N VAL A 228 -16.18 -39.62 38.82
CA VAL A 228 -16.80 -39.11 40.04
C VAL A 228 -17.12 -40.25 40.99
N ALA A 229 -16.48 -40.23 42.16
CA ALA A 229 -16.73 -41.25 43.17
C ALA A 229 -18.10 -41.05 43.81
N PHE A 230 -18.29 -39.94 44.51
CA PHE A 230 -19.59 -39.60 45.07
C PHE A 230 -19.74 -38.11 45.33
N ASP A 231 -21.00 -37.69 45.48
CA ASP A 231 -21.37 -36.37 45.99
C ASP A 231 -20.93 -36.20 47.45
N PHE A 232 -20.51 -35.00 47.80
CA PHE A 232 -19.98 -34.75 49.14
C PHE A 232 -20.47 -33.38 49.58
N GLY A 233 -21.61 -33.36 50.28
CA GLY A 233 -22.36 -32.14 50.59
C GLY A 233 -23.66 -32.13 49.80
N GLU A 234 -24.47 -31.10 49.97
CA GLU A 234 -25.70 -30.94 49.18
C GLU A 234 -25.47 -29.87 48.13
N ALA A 235 -26.43 -29.66 47.23
CA ALA A 235 -26.30 -28.61 46.23
C ALA A 235 -26.18 -27.22 46.86
N ARG A 236 -25.05 -26.58 46.66
CA ARG A 236 -24.80 -25.20 47.06
C ARG A 236 -25.01 -24.31 45.87
N GLY A 237 -25.53 -23.10 46.09
CA GLY A 237 -25.55 -22.11 45.04
C GLY A 237 -24.24 -21.34 44.99
N LEU A 238 -23.75 -21.06 43.79
CA LEU A 238 -22.63 -20.14 43.61
C LEU A 238 -23.07 -18.68 43.70
N ALA A 239 -22.23 -17.83 44.30
CA ALA A 239 -22.57 -16.42 44.47
C ALA A 239 -21.39 -15.48 44.39
N TRP A 240 -21.65 -14.24 43.95
CA TRP A 240 -20.64 -13.17 44.02
C TRP A 240 -20.34 -12.67 45.44
N ALA A 241 -19.11 -12.21 45.65
CA ALA A 241 -18.77 -11.67 46.96
C ALA A 241 -18.36 -10.19 46.93
N LEU A 242 -19.11 -9.36 47.65
CA LEU A 242 -18.79 -7.95 47.78
C LEU A 242 -18.20 -7.76 49.16
N PRO A 243 -17.45 -6.69 49.38
CA PRO A 243 -16.99 -6.38 50.74
C PRO A 243 -18.15 -6.02 51.66
N GLY A 244 -17.96 -6.16 52.96
CA GLY A 244 -18.94 -5.68 53.92
C GLY A 244 -18.66 -4.23 54.25
N GLY A 245 -19.70 -3.42 54.39
CA GLY A 245 -21.06 -3.88 54.20
C GLY A 245 -22.02 -2.78 54.61
N ASP A 246 -21.53 -1.54 54.63
CA ASP A 246 -22.32 -0.50 55.26
C ASP A 246 -23.15 0.30 54.22
N ASP A 247 -22.90 0.09 52.94
CA ASP A 247 -23.77 0.64 51.89
C ASP A 247 -24.25 -0.44 50.94
N ASP A 248 -25.57 -0.60 50.85
CA ASP A 248 -26.16 -1.72 50.11
C ASP A 248 -26.61 -1.32 48.72
N SER A 249 -26.14 -0.19 48.21
CA SER A 249 -26.60 0.25 46.91
C SER A 249 -26.00 -0.64 45.82
N LEU A 250 -24.68 -0.85 45.85
CA LEU A 250 -24.04 -1.74 44.85
C LEU A 250 -24.56 -3.17 44.90
N MET A 251 -24.72 -3.69 46.12
CA MET A 251 -25.26 -5.02 46.32
C MET A 251 -26.68 -5.14 45.79
N ASN A 252 -27.53 -4.16 46.11
CA ASN A 252 -28.91 -4.23 45.65
C ASN A 252 -29.01 -4.20 44.14
N GLU A 253 -28.05 -3.55 43.48
CA GLU A 253 -28.07 -3.52 42.03
C GLU A 253 -27.56 -4.85 41.49
N VAL A 254 -26.56 -5.42 42.15
CA VAL A 254 -26.12 -6.77 41.79
C VAL A 254 -27.25 -7.76 41.86
N ASN A 255 -27.96 -7.81 42.99
CA ASN A 255 -29.01 -8.81 43.14
C ASN A 255 -30.20 -8.57 42.21
N ALA A 256 -30.46 -7.32 41.83
CA ALA A 256 -31.52 -7.07 40.88
C ALA A 256 -31.14 -7.55 39.47
N PHE A 257 -29.84 -7.52 39.16
CA PHE A 257 -29.34 -7.98 37.86
C PHE A 257 -29.31 -9.50 37.76
N LEU A 258 -28.95 -10.18 38.85
CA LEU A 258 -28.96 -11.63 38.92
C LEU A 258 -30.38 -12.22 38.95
N ASP A 259 -31.33 -11.51 39.56
CA ASP A 259 -32.73 -11.76 39.26
C ASP A 259 -32.94 -11.25 37.85
N GLN A 260 -34.02 -11.65 37.20
CA GLN A 260 -34.28 -11.24 35.81
C GLN A 260 -33.26 -11.83 34.84
N ALA A 261 -32.00 -11.94 35.23
CA ALA A 261 -31.07 -12.75 34.46
C ALA A 261 -31.43 -14.21 34.66
N LYS A 262 -32.16 -14.47 35.73
CA LYS A 262 -32.57 -15.81 36.07
C LYS A 262 -34.00 -16.00 35.64
N LYS A 263 -34.61 -14.92 35.15
CA LYS A 263 -35.97 -14.95 34.60
C LYS A 263 -35.91 -14.83 33.06
N GLU A 264 -35.28 -13.76 32.57
CA GLU A 264 -34.96 -13.61 31.15
C GLU A 264 -34.10 -14.79 30.68
N GLY A 265 -33.47 -15.46 31.63
CA GLY A 265 -32.92 -16.79 31.41
C GLY A 265 -31.64 -16.88 30.62
N LEU A 266 -30.74 -15.92 30.78
CA LEU A 266 -29.44 -16.05 30.13
C LEU A 266 -28.45 -16.68 31.10
N LEU A 267 -28.92 -17.05 32.27
CA LEU A 267 -28.08 -17.85 33.17
C LEU A 267 -28.16 -19.31 32.73
N GLN A 268 -29.27 -19.67 32.09
CA GLN A 268 -29.36 -21.00 31.53
C GLN A 268 -28.71 -20.96 30.15
N ARG A 269 -28.72 -19.78 29.51
CA ARG A 269 -28.02 -19.63 28.24
C ARG A 269 -26.53 -19.83 28.44
N LEU A 270 -25.99 -19.26 29.53
CA LEU A 270 -24.55 -19.35 29.79
C LEU A 270 -24.14 -20.75 30.19
N LYS A 271 -24.89 -21.39 31.07
CA LYS A 271 -24.55 -22.71 31.59
C LYS A 271 -24.52 -23.74 30.46
N ASP A 272 -25.21 -23.46 29.36
CA ASP A 272 -25.14 -24.35 28.20
C ASP A 272 -24.11 -23.87 27.17
N ARG A 273 -23.72 -22.59 27.24
CA ARG A 273 -22.74 -22.04 26.29
C ARG A 273 -21.32 -22.35 26.71
N TYR A 274 -21.12 -22.68 27.98
CA TYR A 274 -19.78 -22.95 28.49
C TYR A 274 -19.63 -24.34 29.09
N TYR A 275 -20.55 -25.25 28.83
CA TYR A 275 -20.45 -26.54 29.52
C TYR A 275 -20.80 -27.78 28.71
N GLY A 276 -19.77 -28.49 28.27
CA GLY A 276 -19.96 -29.82 27.71
C GLY A 276 -19.61 -29.99 26.24
N HIS A 277 -18.67 -29.20 25.76
CA HIS A 277 -18.23 -29.33 24.39
C HIS A 277 -16.72 -29.52 24.37
N VAL A 278 -16.22 -30.02 23.25
CA VAL A 278 -14.80 -30.19 23.06
C VAL A 278 -14.31 -29.11 22.06
N ASP A 279 -13.21 -28.45 22.39
CA ASP A 279 -12.61 -27.46 21.51
C ASP A 279 -12.22 -28.10 20.18
N VAL A 280 -11.23 -28.98 20.29
CA VAL A 280 -10.61 -29.64 19.15
C VAL A 280 -11.17 -31.04 18.96
N LEU A 281 -11.78 -31.31 17.82
CA LEU A 281 -12.45 -32.60 17.60
C LEU A 281 -11.43 -33.70 17.32
N GLY A 282 -11.60 -34.85 17.96
CA GLY A 282 -10.65 -35.97 17.91
C GLY A 282 -10.35 -36.58 16.56
N TYR A 283 -9.20 -37.24 16.44
CA TYR A 283 -8.80 -37.81 15.15
C TYR A 283 -9.75 -38.97 14.72
N VAL A 284 -10.24 -38.93 13.48
CA VAL A 284 -11.35 -39.81 13.04
C VAL A 284 -10.91 -41.17 12.51
N GLY A 285 -9.62 -41.32 12.26
CA GLY A 285 -9.08 -42.57 11.74
C GLY A 285 -9.15 -42.70 10.24
N ALA A 286 -8.53 -43.75 9.71
CA ALA A 286 -8.42 -43.91 8.27
C ALA A 286 -9.79 -44.13 7.62
N TYR A 287 -10.51 -45.17 8.05
CA TYR A 287 -11.82 -45.51 7.49
C TYR A 287 -12.77 -44.32 7.34
N THR A 288 -12.99 -43.57 8.42
CA THR A 288 -13.87 -42.42 8.29
C THR A 288 -13.29 -41.40 7.32
N PHE A 289 -11.99 -41.18 7.40
CA PHE A 289 -11.39 -40.15 6.57
C PHE A 289 -11.45 -40.55 5.11
N THR A 290 -11.19 -41.83 4.85
CA THR A 290 -11.22 -42.35 3.48
C THR A 290 -12.59 -42.22 2.86
N GLN A 291 -13.60 -42.34 3.71
CA GLN A 291 -14.98 -42.32 3.28
C GLN A 291 -15.34 -40.92 2.84
N HIS A 292 -15.03 -39.97 3.71
CA HIS A 292 -15.29 -38.57 3.44
C HIS A 292 -14.43 -38.08 2.28
N LEU A 293 -13.27 -38.69 2.14
CA LEU A 293 -12.42 -38.42 1.01
C LEU A 293 -13.18 -38.66 -0.31
N GLN A 294 -14.02 -39.69 -0.35
CA GLN A 294 -14.80 -40.02 -1.54
C GLN A 294 -16.17 -39.33 -1.60
N GLN A 295 -16.70 -39.02 -0.41
CA GLN A 295 -18.08 -38.58 -0.25
C GLN A 295 -18.20 -37.06 -0.12
N ARG A 296 -17.17 -36.42 0.42
CA ARG A 296 -17.25 -34.99 0.74
C ARG A 296 -16.26 -34.14 -0.04
N LEU A 297 -14.99 -34.50 -0.02
CA LEU A 297 -13.97 -33.66 -0.66
C LEU A 297 -14.32 -33.27 -2.11
N PRO A 298 -14.92 -34.18 -2.89
CA PRO A 298 -15.26 -33.74 -4.25
C PRO A 298 -16.24 -32.56 -4.38
N ARG A 299 -17.00 -32.22 -3.35
CA ARG A 299 -17.87 -31.06 -3.45
C ARG A 299 -17.07 -29.74 -3.33
N TYR A 300 -15.98 -29.80 -2.57
CA TYR A 300 -15.27 -28.61 -2.19
C TYR A 300 -13.81 -28.55 -2.66
N GLU A 301 -13.38 -29.54 -3.44
CA GLU A 301 -11.99 -29.58 -3.87
C GLU A 301 -11.62 -28.44 -4.83
N SER A 302 -12.49 -28.08 -5.76
CA SER A 302 -12.14 -27.00 -6.67
C SER A 302 -11.98 -25.68 -5.89
N HIS A 303 -12.76 -25.51 -4.83
CA HIS A 303 -12.66 -24.35 -3.93
C HIS A 303 -11.29 -24.27 -3.21
N PHE A 304 -10.85 -25.43 -2.67
CA PHE A 304 -9.59 -25.50 -1.97
C PHE A 304 -8.45 -25.18 -2.93
N LYS A 305 -8.46 -25.86 -4.08
CA LYS A 305 -7.48 -25.64 -5.13
C LYS A 305 -7.39 -24.16 -5.58
N GLN A 306 -8.54 -23.53 -5.78
CA GLN A 306 -8.58 -22.15 -6.26
C GLN A 306 -8.04 -21.15 -5.21
N SER A 307 -8.29 -21.42 -3.94
CA SER A 307 -7.67 -20.63 -2.90
C SER A 307 -6.15 -20.79 -2.87
N GLY A 308 -5.67 -22.01 -3.10
CA GLY A 308 -4.25 -22.26 -2.96
C GLY A 308 -3.51 -21.53 -4.04
N LYS A 309 -4.16 -21.44 -5.20
CA LYS A 309 -3.63 -20.65 -6.29
C LYS A 309 -3.53 -19.20 -5.83
N GLN A 310 -4.63 -18.65 -5.35
CA GLN A 310 -4.74 -17.24 -5.04
C GLN A 310 -3.82 -16.82 -3.90
N LYS A 311 -3.34 -17.79 -3.15
CA LYS A 311 -2.51 -17.47 -2.01
C LYS A 311 -1.22 -18.21 -1.97
N ASP A 312 -0.77 -18.68 -3.14
CA ASP A 312 0.46 -19.43 -3.32
C ASP A 312 0.80 -20.38 -2.15
N THR A 313 -0.11 -21.28 -1.82
CA THR A 313 0.14 -22.33 -0.83
C THR A 313 -0.44 -23.67 -1.25
N ASP A 314 0.01 -24.71 -0.55
CA ASP A 314 -0.45 -26.07 -0.79
C ASP A 314 -1.95 -26.17 -0.48
N TRP A 315 -2.76 -26.50 -1.49
CA TRP A 315 -4.21 -26.49 -1.30
C TRP A 315 -4.64 -27.57 -0.33
N ARG A 316 -3.81 -28.61 -0.20
CA ARG A 316 -4.13 -29.76 0.61
C ARG A 316 -3.99 -29.49 2.08
N LEU A 317 -3.05 -28.63 2.46
CA LEU A 317 -2.99 -28.21 3.86
C LEU A 317 -4.27 -27.45 4.22
N LEU A 318 -4.80 -26.65 3.30
CA LEU A 318 -6.03 -25.89 3.53
C LEU A 318 -7.22 -26.85 3.76
N ALA A 319 -7.31 -27.84 2.89
CA ALA A 319 -8.27 -28.93 2.98
C ALA A 319 -8.14 -29.70 4.29
N ALA A 320 -6.91 -29.93 4.72
CA ALA A 320 -6.67 -30.55 5.99
C ALA A 320 -7.30 -29.71 7.10
N ILE A 321 -7.09 -28.39 7.05
CA ILE A 321 -7.64 -27.51 8.06
C ILE A 321 -9.17 -27.58 8.08
N GLY A 322 -9.78 -27.37 6.93
CA GLY A 322 -11.20 -27.61 6.75
C GLY A 322 -11.71 -28.93 7.32
N TYR A 323 -10.95 -30.03 7.14
CA TYR A 323 -11.44 -31.29 7.67
C TYR A 323 -11.33 -31.37 9.18
N GLN A 324 -10.21 -30.89 9.71
CA GLN A 324 -10.05 -30.78 11.15
C GLN A 324 -11.10 -29.83 11.78
N GLU A 325 -11.64 -28.90 10.99
CA GLU A 325 -12.56 -27.91 11.55
C GLU A 325 -14.02 -28.37 11.46
N SER A 326 -14.42 -28.94 10.32
CA SER A 326 -15.84 -29.25 10.11
C SER A 326 -16.09 -30.62 9.47
N LEU A 327 -15.04 -31.39 9.25
CA LEU A 327 -15.19 -32.67 8.55
C LEU A 327 -15.76 -32.39 7.14
N TRP A 328 -15.43 -31.20 6.63
CA TRP A 328 -15.91 -30.70 5.36
C TRP A 328 -17.43 -30.68 5.33
N GLN A 329 -17.98 -29.96 6.30
CA GLN A 329 -19.40 -29.73 6.43
C GLN A 329 -19.64 -28.23 6.48
N PRO A 330 -20.24 -27.67 5.42
CA PRO A 330 -20.33 -26.21 5.40
C PRO A 330 -21.42 -25.70 6.34
N GLY A 331 -22.27 -26.62 6.76
CA GLY A 331 -23.37 -26.26 7.62
C GLY A 331 -23.02 -26.33 9.09
N ALA A 332 -21.76 -26.65 9.39
CA ALA A 332 -21.36 -26.92 10.78
C ALA A 332 -21.28 -25.64 11.63
N THR A 333 -21.44 -25.82 12.94
CA THR A 333 -21.52 -24.69 13.87
C THR A 333 -21.33 -25.16 15.32
N SER A 334 -21.06 -24.20 16.19
CA SER A 334 -20.74 -24.49 17.57
C SER A 334 -21.32 -23.39 18.42
N LYS A 335 -21.64 -23.68 19.67
CA LYS A 335 -22.18 -22.63 20.53
C LYS A 335 -21.10 -21.61 20.87
N THR A 336 -19.85 -21.93 20.51
CA THR A 336 -18.77 -20.97 20.64
C THR A 336 -18.81 -19.80 19.66
N GLY A 337 -19.54 -19.95 18.56
CA GLY A 337 -19.69 -18.85 17.63
C GLY A 337 -18.92 -18.95 16.33
N VAL A 338 -18.21 -20.06 16.13
CA VAL A 338 -17.63 -20.34 14.82
C VAL A 338 -18.68 -21.07 14.02
N ARG A 339 -18.52 -21.05 12.70
CA ARG A 339 -19.52 -21.56 11.76
C ARG A 339 -18.95 -21.63 10.34
N GLY A 340 -19.31 -22.68 9.63
CA GLY A 340 -18.94 -22.79 8.25
C GLY A 340 -17.95 -23.90 8.10
N LEU A 341 -17.55 -24.18 6.87
CA LEU A 341 -16.62 -25.23 6.60
C LEU A 341 -15.26 -24.98 7.27
N MET A 342 -14.87 -23.72 7.43
CA MET A 342 -13.62 -23.44 8.15
C MET A 342 -13.84 -22.91 9.59
N MET A 343 -15.04 -23.09 10.13
CA MET A 343 -15.44 -22.62 11.47
C MET A 343 -14.84 -21.23 11.86
N LEU A 344 -15.44 -20.19 11.32
CA LEU A 344 -15.01 -18.82 11.47
C LEU A 344 -15.92 -18.06 12.40
N THR A 345 -15.35 -17.22 13.24
CA THR A 345 -16.15 -16.28 14.02
C THR A 345 -16.77 -15.17 13.14
N ASN A 346 -17.70 -14.43 13.69
CA ASN A 346 -18.27 -13.33 12.94
C ASN A 346 -17.27 -12.22 12.69
N ARG A 347 -16.50 -11.89 13.74
CA ARG A 347 -15.44 -10.88 13.68
C ARG A 347 -14.42 -11.20 12.58
N THR A 348 -14.10 -12.46 12.41
CA THR A 348 -13.10 -12.88 11.44
C THR A 348 -13.66 -12.94 10.03
N ALA A 349 -14.86 -13.50 9.92
CA ALA A 349 -15.47 -13.63 8.60
C ALA A 349 -15.74 -12.26 8.00
N GLN A 350 -16.16 -11.30 8.82
CA GLN A 350 -16.35 -9.97 8.31
C GLN A 350 -15.04 -9.33 7.89
N ALA A 351 -13.95 -9.70 8.56
CA ALA A 351 -12.64 -9.14 8.25
C ALA A 351 -11.92 -9.86 7.12
N MET A 352 -12.53 -10.87 6.53
CA MET A 352 -11.91 -11.55 5.40
C MET A 352 -12.83 -11.48 4.18
N GLY A 353 -13.86 -10.68 4.28
CA GLY A 353 -14.75 -10.48 3.16
C GLY A 353 -15.78 -11.57 2.98
N VAL A 354 -16.16 -12.18 4.10
CA VAL A 354 -17.08 -13.31 4.05
C VAL A 354 -18.47 -12.85 4.44
N SER A 355 -19.35 -12.77 3.47
CA SER A 355 -20.69 -12.21 3.71
C SER A 355 -21.65 -13.30 4.12
N ASN A 356 -21.36 -14.54 3.75
CA ASN A 356 -22.16 -15.65 4.24
C ASN A 356 -21.34 -16.86 4.70
N ARG A 357 -21.23 -17.06 6.02
CA ARG A 357 -20.34 -18.10 6.55
C ARG A 357 -20.74 -19.51 6.12
N LEU A 358 -21.99 -19.70 5.74
CA LEU A 358 -22.51 -21.00 5.33
C LEU A 358 -22.25 -21.34 3.85
N ASP A 359 -21.76 -20.36 3.11
CA ASP A 359 -21.32 -20.59 1.74
C ASP A 359 -19.91 -21.20 1.76
N PRO A 360 -19.78 -22.44 1.29
CA PRO A 360 -18.51 -23.14 1.39
C PRO A 360 -17.38 -22.44 0.62
N LYS A 361 -17.66 -21.92 -0.56
CA LYS A 361 -16.61 -21.27 -1.34
C LYS A 361 -16.03 -20.06 -0.58
N GLN A 362 -16.90 -19.28 0.03
CA GLN A 362 -16.50 -18.13 0.84
C GLN A 362 -15.82 -18.49 2.13
N SER A 363 -16.33 -19.54 2.77
CA SER A 363 -15.72 -20.00 4.00
C SER A 363 -14.31 -20.51 3.72
N ILE A 364 -14.16 -21.25 2.63
CA ILE A 364 -12.86 -21.84 2.28
C ILE A 364 -11.88 -20.73 1.88
N GLN A 365 -12.38 -19.70 1.20
CA GLN A 365 -11.58 -18.51 0.92
C GLN A 365 -11.16 -17.78 2.21
N GLY A 366 -12.12 -17.29 2.97
CA GLY A 366 -11.82 -16.62 4.20
C GLY A 366 -10.92 -17.35 5.19
N GLY A 367 -11.13 -18.64 5.37
CA GLY A 367 -10.37 -19.38 6.37
C GLY A 367 -8.94 -19.54 5.89
N SER A 368 -8.79 -19.75 4.60
CA SER A 368 -7.47 -19.89 4.02
C SER A 368 -6.73 -18.55 4.06
N LYS A 369 -7.45 -17.48 3.72
CA LYS A 369 -6.92 -16.13 3.85
C LYS A 369 -6.44 -15.86 5.30
N TYR A 370 -7.25 -16.22 6.27
CA TYR A 370 -6.86 -16.08 7.67
C TYR A 370 -5.55 -16.82 7.94
N PHE A 371 -5.49 -18.10 7.56
CA PHE A 371 -4.31 -18.91 7.83
C PHE A 371 -3.06 -18.29 7.23
N VAL A 372 -3.09 -18.01 5.93
CA VAL A 372 -1.90 -17.52 5.27
C VAL A 372 -1.43 -16.20 5.87
N GLN A 373 -2.38 -15.36 6.27
CA GLN A 373 -2.12 -14.08 6.87
C GLN A 373 -1.42 -14.23 8.22
N ILE A 374 -2.00 -15.04 9.11
CA ILE A 374 -1.33 -15.41 10.36
C ILE A 374 0.12 -15.90 10.14
N ARG A 375 0.35 -16.70 9.09
CA ARG A 375 1.67 -17.23 8.78
C ARG A 375 2.61 -16.20 8.20
N SER A 376 2.09 -15.28 7.39
CA SER A 376 2.91 -14.17 6.91
C SER A 376 3.35 -13.31 8.08
N GLU A 377 2.55 -13.30 9.13
CA GLU A 377 2.73 -12.40 10.25
C GLU A 377 3.70 -12.88 11.31
N LEU A 378 3.93 -14.19 11.39
CA LEU A 378 4.95 -14.76 12.29
C LEU A 378 6.33 -14.07 12.19
N PRO A 379 7.01 -13.90 13.33
CA PRO A 379 8.42 -13.49 13.32
C PRO A 379 9.23 -14.29 12.29
N GLU A 380 9.84 -13.65 11.32
N GLU A 380 9.84 -13.61 11.34
CA GLU A 380 10.42 -14.39 10.20
CA GLU A 380 10.52 -14.26 10.21
C GLU A 380 11.67 -15.21 10.59
C GLU A 380 11.77 -15.05 10.59
N SER A 381 12.04 -15.18 11.87
CA SER A 381 13.08 -16.08 12.35
C SER A 381 12.57 -17.53 12.35
N ILE A 382 11.24 -17.72 12.33
CA ILE A 382 10.68 -19.06 12.19
C ILE A 382 10.61 -19.44 10.72
N LYS A 383 11.30 -20.50 10.32
CA LYS A 383 11.35 -20.91 8.92
C LYS A 383 10.39 -22.05 8.60
N GLU A 384 10.11 -22.25 7.31
CA GLU A 384 9.31 -23.40 6.88
C GLU A 384 10.13 -24.67 7.03
N PRO A 385 9.49 -25.83 7.27
CA PRO A 385 8.05 -26.07 7.47
C PRO A 385 7.51 -25.62 8.83
N ASP A 386 8.39 -25.35 9.80
CA ASP A 386 7.96 -25.10 11.18
C ASP A 386 6.98 -23.96 11.24
N ARG A 387 7.20 -22.98 10.37
CA ARG A 387 6.39 -21.79 10.29
C ARG A 387 4.92 -22.15 10.06
N SER A 388 4.65 -22.97 9.05
CA SER A 388 3.32 -23.51 8.84
C SER A 388 2.72 -24.20 10.08
N TRP A 389 3.52 -24.92 10.86
CA TRP A 389 2.97 -25.58 12.06
C TRP A 389 2.63 -24.57 13.13
N PHE A 390 3.53 -23.62 13.37
CA PHE A 390 3.21 -22.44 14.16
C PHE A 390 1.94 -21.74 13.66
N ALA A 391 1.80 -21.60 12.35
CA ALA A 391 0.64 -20.91 11.80
C ALA A 391 -0.63 -21.67 12.19
N LEU A 392 -0.59 -23.01 12.15
CA LEU A 392 -1.70 -23.83 12.60
C LEU A 392 -1.96 -23.59 14.08
N ALA A 393 -0.92 -23.73 14.89
CA ALA A 393 -1.04 -23.46 16.30
C ALA A 393 -1.68 -22.11 16.58
N ALA A 394 -1.23 -21.08 15.88
CA ALA A 394 -1.79 -19.74 16.06
C ALA A 394 -3.24 -19.69 15.61
N TYR A 395 -3.55 -20.26 14.44
CA TYR A 395 -4.93 -20.42 13.98
C TYR A 395 -5.89 -20.86 15.11
N ASN A 396 -5.38 -21.69 16.01
CA ASN A 396 -6.21 -22.26 17.04
C ASN A 396 -6.17 -21.53 18.37
N ILE A 397 -4.96 -21.22 18.83
CA ILE A 397 -4.76 -20.79 20.19
C ILE A 397 -4.58 -19.28 20.28
N GLY A 398 -4.29 -18.68 19.14
CA GLY A 398 -4.09 -17.25 19.04
C GLY A 398 -2.62 -16.93 19.09
N GLY A 399 -2.22 -15.92 18.34
CA GLY A 399 -0.83 -15.51 18.28
C GLY A 399 -0.26 -15.19 19.65
N ALA A 400 -1.10 -14.62 20.49
CA ALA A 400 -0.67 -14.06 21.77
C ALA A 400 -0.13 -15.14 22.71
N HIS A 401 -0.98 -16.13 22.99
CA HIS A 401 -0.57 -17.30 23.76
C HIS A 401 0.63 -17.97 23.14
N LEU A 402 0.63 -18.07 21.81
CA LEU A 402 1.73 -18.71 21.09
C LEU A 402 3.06 -18.01 21.36
N GLU A 403 3.04 -16.68 21.44
CA GLU A 403 4.27 -15.96 21.78
C GLU A 403 4.68 -16.21 23.22
N ASP A 404 3.70 -16.39 24.12
CA ASP A 404 4.02 -16.83 25.47
C ASP A 404 4.77 -18.17 25.45
N ALA A 405 4.34 -19.05 24.56
CA ALA A 405 4.93 -20.38 24.48
C ALA A 405 6.34 -20.25 23.95
N ARG A 406 6.53 -19.33 23.02
CA ARG A 406 7.86 -19.09 22.49
C ARG A 406 8.78 -18.49 23.58
N LYS A 407 8.28 -17.49 24.31
CA LYS A 407 9.07 -16.92 25.39
C LYS A 407 9.44 -18.00 26.42
N MET A 408 8.48 -18.84 26.77
CA MET A 408 8.69 -19.89 27.78
C MET A 408 9.73 -20.88 27.28
N ALA A 409 9.60 -21.27 26.01
CA ALA A 409 10.57 -22.14 25.33
C ALA A 409 11.98 -21.61 25.43
N GLU A 410 12.17 -20.35 25.07
CA GLU A 410 13.50 -19.78 25.09
C GLU A 410 14.06 -19.79 26.49
N LYS A 411 13.28 -19.25 27.43
CA LYS A 411 13.70 -19.11 28.82
C LYS A 411 14.03 -20.47 29.41
N GLU A 412 13.30 -21.48 28.96
CA GLU A 412 13.51 -22.87 29.35
C GLU A 412 14.67 -23.55 28.57
N GLY A 413 15.53 -22.74 27.96
CA GLY A 413 16.71 -23.27 27.27
C GLY A 413 16.53 -23.80 25.85
N LEU A 414 15.30 -23.83 25.35
CA LEU A 414 15.02 -24.38 24.04
C LEU A 414 15.08 -23.33 22.91
N ASN A 415 14.55 -23.73 21.76
CA ASN A 415 14.60 -22.97 20.53
C ASN A 415 13.20 -22.55 20.13
N PRO A 416 12.87 -21.26 20.28
CA PRO A 416 11.57 -20.67 19.98
C PRO A 416 11.19 -20.70 18.49
N ASN A 417 12.08 -21.18 17.63
CA ASN A 417 11.78 -21.27 16.21
C ASN A 417 11.61 -22.70 15.70
N LYS A 418 11.65 -23.65 16.61
CA LYS A 418 11.42 -25.06 16.27
C LYS A 418 10.05 -25.50 16.79
N TRP A 419 9.20 -25.96 15.90
CA TRP A 419 7.88 -26.39 16.32
C TRP A 419 8.01 -27.50 17.37
N LEU A 420 9.05 -28.32 17.28
CA LEU A 420 9.09 -29.52 18.12
C LEU A 420 9.38 -29.12 19.56
N ASP A 421 9.89 -27.90 19.73
CA ASP A 421 10.26 -27.42 21.06
C ASP A 421 9.12 -26.69 21.72
N VAL A 422 8.43 -25.86 20.96
CA VAL A 422 7.32 -25.08 21.49
C VAL A 422 6.10 -25.98 21.71
N LYS A 423 5.96 -26.98 20.85
CA LYS A 423 4.95 -28.01 20.99
C LYS A 423 4.94 -28.58 22.40
N LYS A 424 6.12 -28.58 23.03
CA LYS A 424 6.30 -29.14 24.36
C LYS A 424 6.03 -28.09 25.44
N MET A 425 6.16 -26.81 25.10
CA MET A 425 5.79 -25.77 26.07
C MET A 425 4.28 -25.57 26.11
N LEU A 426 3.63 -25.70 24.96
CA LEU A 426 2.18 -25.46 24.85
C LEU A 426 1.28 -26.08 25.95
N PRO A 427 1.51 -27.34 26.36
CA PRO A 427 0.57 -27.86 27.36
C PRO A 427 0.70 -27.24 28.75
N ARG A 428 1.80 -26.55 28.98
CA ARG A 428 2.08 -26.00 30.30
C ARG A 428 1.23 -24.78 30.59
N LEU A 429 0.62 -24.25 29.54
CA LEU A 429 -0.29 -23.14 29.66
C LEU A 429 -1.58 -23.51 30.43
N ALA A 430 -1.75 -24.79 30.70
CA ALA A 430 -2.93 -25.24 31.41
C ALA A 430 -2.59 -25.55 32.87
N GLN A 431 -1.36 -25.19 33.24
CA GLN A 431 -0.88 -25.35 34.60
C GLN A 431 -0.59 -23.99 35.23
N LYS A 432 -1.22 -23.74 36.37
CA LYS A 432 -1.12 -22.45 37.03
C LYS A 432 0.32 -22.09 37.35
N GLN A 433 1.07 -23.07 37.86
CA GLN A 433 2.46 -22.88 38.25
C GLN A 433 3.28 -22.33 37.11
N TRP A 434 2.84 -22.62 35.89
CA TRP A 434 3.50 -22.06 34.72
C TRP A 434 2.73 -20.90 34.10
N TYR A 435 1.41 -21.02 33.89
CA TYR A 435 0.75 -19.98 33.09
C TYR A 435 0.67 -18.63 33.80
N ALA A 436 0.74 -18.64 35.12
CA ALA A 436 0.63 -17.39 35.86
C ALA A 436 1.90 -16.56 35.66
N LYS A 437 3.02 -17.24 35.42
CA LYS A 437 4.29 -16.58 35.10
C LYS A 437 4.30 -16.01 33.67
N THR A 438 3.21 -16.17 32.93
CA THR A 438 3.07 -15.65 31.57
C THR A 438 2.17 -14.41 31.48
N ARG A 439 2.16 -13.76 30.32
CA ARG A 439 1.42 -12.50 30.16
C ARG A 439 -0.07 -12.72 30.00
N TYR A 440 -0.44 -13.70 29.17
CA TYR A 440 -1.84 -13.93 28.78
C TYR A 440 -2.52 -15.11 29.52
N GLY A 441 -1.73 -15.86 30.29
CA GLY A 441 -2.29 -16.71 31.32
C GLY A 441 -2.74 -18.06 30.84
N TYR A 442 -3.78 -18.59 31.47
CA TYR A 442 -4.32 -19.90 31.15
C TYR A 442 -4.72 -20.05 29.68
N ALA A 443 -4.53 -21.26 29.14
CA ALA A 443 -4.98 -21.65 27.81
C ALA A 443 -4.82 -23.17 27.70
N ARG A 444 -5.88 -23.86 27.32
CA ARG A 444 -5.81 -25.31 27.12
C ARG A 444 -4.90 -25.68 25.92
N GLY A 445 -3.62 -25.40 26.04
CA GLY A 445 -2.72 -25.54 24.93
C GLY A 445 -2.50 -26.95 24.41
N GLY A 446 -2.75 -27.92 25.27
CA GLY A 446 -2.69 -29.31 24.83
C GLY A 446 -3.76 -29.62 23.78
N GLU A 447 -4.90 -28.94 23.83
CA GLU A 447 -5.84 -29.08 22.74
C GLU A 447 -5.25 -28.42 21.48
N THR A 448 -4.49 -27.34 21.63
CA THR A 448 -3.82 -26.77 20.48
C THR A 448 -2.85 -27.77 19.88
N VAL A 449 -2.10 -28.47 20.73
CA VAL A 449 -1.24 -29.53 20.24
C VAL A 449 -2.04 -30.58 19.45
N HIS A 450 -3.10 -31.14 20.02
CA HIS A 450 -3.96 -32.11 19.31
C HIS A 450 -4.51 -31.53 18.02
N PHE A 451 -4.81 -30.24 18.02
CA PHE A 451 -5.25 -29.61 16.78
C PHE A 451 -4.22 -29.72 15.68
N VAL A 452 -2.98 -29.39 16.00
CA VAL A 452 -1.93 -29.26 14.99
C VAL A 452 -1.49 -30.62 14.56
N GLN A 453 -1.66 -31.60 15.46
CA GLN A 453 -1.12 -32.93 15.16
C GLN A 453 -2.04 -33.47 14.12
N ASN A 454 -3.32 -33.26 14.41
CA ASN A 454 -4.42 -33.77 13.62
C ASN A 454 -4.52 -33.17 12.23
N VAL A 455 -4.36 -31.86 12.11
CA VAL A 455 -4.25 -31.23 10.79
C VAL A 455 -3.11 -31.88 10.04
N ARG A 456 -1.97 -32.04 10.70
CA ARG A 456 -0.81 -32.56 9.99
C ARG A 456 -1.01 -33.98 9.55
N ARG A 457 -1.80 -34.73 10.30
CA ARG A 457 -1.91 -36.11 9.89
C ARG A 457 -2.90 -36.26 8.74
N TYR A 458 -3.96 -35.45 8.71
CA TYR A 458 -4.82 -35.42 7.53
C TYR A 458 -4.01 -34.90 6.35
N TYR A 459 -3.15 -33.94 6.61
CA TYR A 459 -2.33 -33.33 5.58
C TYR A 459 -1.48 -34.42 4.97
N ASP A 460 -0.94 -35.31 5.80
CA ASP A 460 -0.06 -36.35 5.26
C ASP A 460 -0.85 -37.34 4.38
N ILE A 461 -2.02 -37.75 4.84
CA ILE A 461 -2.83 -38.67 4.04
C ILE A 461 -3.16 -38.05 2.71
N LEU A 462 -3.75 -36.86 2.73
CA LEU A 462 -4.02 -36.10 1.51
C LEU A 462 -2.84 -35.96 0.55
N THR A 463 -1.66 -35.71 1.08
CA THR A 463 -0.47 -35.61 0.24
C THR A 463 -0.21 -36.94 -0.43
N TRP A 464 -0.39 -38.03 0.30
CA TRP A 464 -0.13 -39.36 -0.23
C TRP A 464 -1.12 -39.78 -1.31
N VAL A 465 -2.40 -39.46 -1.16
CA VAL A 465 -3.38 -39.86 -2.18
C VAL A 465 -3.38 -38.95 -3.41
N THR A 466 -2.51 -37.94 -3.42
CA THR A 466 -2.47 -36.99 -4.53
C THR A 466 -1.07 -36.90 -5.16
N GLN A 467 -0.34 -38.00 -5.06
CA GLN A 467 0.96 -38.17 -5.72
C GLN A 467 0.73 -38.67 -7.15
N PRO A 468 1.80 -38.73 -7.98
CA PRO A 468 3.17 -38.25 -7.78
C PRO A 468 3.30 -36.75 -8.08
N GLY B 52 -13.19 -39.13 -30.64
CA GLY B 52 -13.85 -38.36 -29.59
C GLY B 52 -13.50 -36.88 -29.41
N VAL B 53 -12.78 -36.27 -30.37
CA VAL B 53 -12.50 -34.80 -30.35
C VAL B 53 -12.34 -34.20 -31.75
N LEU B 54 -12.82 -32.96 -31.92
CA LEU B 54 -12.62 -32.20 -33.16
C LEU B 54 -11.68 -31.03 -32.95
N ARG B 55 -10.55 -31.03 -33.65
CA ARG B 55 -9.52 -29.99 -33.48
C ARG B 55 -9.62 -28.89 -34.51
N VAL B 56 -9.79 -27.65 -34.06
CA VAL B 56 -9.99 -26.51 -34.95
C VAL B 56 -8.88 -25.48 -34.75
N ILE B 57 -8.20 -25.11 -35.83
CA ILE B 57 -7.13 -24.13 -35.72
C ILE B 57 -7.62 -22.73 -36.13
N THR B 58 -7.21 -21.72 -35.38
CA THR B 58 -7.62 -20.35 -35.67
C THR B 58 -6.56 -19.34 -35.21
N ARG B 59 -6.81 -18.07 -35.46
CA ARG B 59 -5.95 -17.02 -34.93
C ARG B 59 -6.58 -16.29 -33.72
N ASN B 60 -5.71 -15.88 -32.79
CA ASN B 60 -6.12 -15.18 -31.59
C ASN B 60 -6.32 -13.71 -31.91
N SER B 61 -7.57 -13.36 -32.16
CA SER B 61 -7.96 -12.05 -32.64
C SER B 61 -9.41 -11.87 -32.18
N PRO B 62 -9.91 -10.63 -32.13
CA PRO B 62 -11.29 -10.39 -31.69
C PRO B 62 -12.38 -10.76 -32.71
N ALA B 63 -12.00 -10.86 -33.98
CA ALA B 63 -12.96 -11.21 -35.01
C ALA B 63 -13.13 -12.70 -35.08
N THR B 64 -12.21 -13.43 -34.46
CA THR B 64 -12.13 -14.88 -34.56
C THR B 64 -12.31 -15.67 -33.25
N TYR B 65 -11.40 -15.50 -32.29
CA TYR B 65 -11.36 -16.28 -31.04
C TYR B 65 -10.49 -15.63 -29.97
N PHE B 66 -11.02 -15.54 -28.75
CA PHE B 66 -10.24 -15.05 -27.63
C PHE B 66 -10.91 -15.29 -26.31
N GLN B 67 -10.18 -15.03 -25.23
CA GLN B 67 -10.72 -15.08 -23.88
C GLN B 67 -11.23 -13.70 -23.41
N ASP B 68 -12.41 -13.68 -22.79
CA ASP B 68 -12.86 -12.48 -22.06
C ASP B 68 -13.03 -12.81 -20.57
N ARG B 69 -13.89 -12.07 -19.87
CA ARG B 69 -14.04 -12.28 -18.43
C ARG B 69 -14.90 -13.51 -18.09
N ASN B 70 -15.42 -14.19 -19.13
CA ASN B 70 -16.31 -15.36 -18.95
C ASN B 70 -15.85 -16.62 -19.65
N GLY B 71 -14.59 -16.67 -20.05
CA GLY B 71 -14.10 -17.81 -20.78
C GLY B 71 -13.86 -17.54 -22.25
N GLU B 72 -14.00 -18.58 -23.06
CA GLU B 72 -13.72 -18.46 -24.49
C GLU B 72 -14.87 -17.81 -25.21
N THR B 73 -14.56 -17.03 -26.25
CA THR B 73 -15.58 -16.35 -27.03
C THR B 73 -15.00 -15.98 -28.41
N GLY B 74 -15.83 -15.39 -29.26
CA GLY B 74 -15.45 -15.05 -30.62
C GLY B 74 -16.39 -15.67 -31.65
N PHE B 75 -16.58 -14.97 -32.78
CA PHE B 75 -17.43 -15.46 -33.86
C PHE B 75 -17.08 -16.90 -34.28
N GLU B 76 -15.88 -17.10 -34.83
CA GLU B 76 -15.46 -18.42 -35.29
C GLU B 76 -15.50 -19.45 -34.17
N TYR B 77 -15.10 -19.06 -32.96
CA TYR B 77 -15.21 -19.97 -31.83
C TYR B 77 -16.61 -20.57 -31.69
N GLU B 78 -17.63 -19.71 -31.60
CA GLU B 78 -19.00 -20.20 -31.41
C GLU B 78 -19.44 -21.13 -32.53
N LEU B 79 -19.14 -20.75 -33.76
CA LEU B 79 -19.49 -21.57 -34.90
C LEU B 79 -18.79 -22.95 -34.80
N ALA B 80 -17.51 -22.95 -34.45
CA ALA B 80 -16.76 -24.19 -34.31
C ALA B 80 -17.27 -25.02 -33.15
N LYS B 81 -17.83 -24.34 -32.16
CA LYS B 81 -18.48 -25.01 -31.05
C LYS B 81 -19.81 -25.58 -31.53
N ARG B 82 -20.65 -24.74 -32.15
CA ARG B 82 -21.95 -25.18 -32.67
C ARG B 82 -21.80 -26.35 -33.62
N PHE B 83 -20.68 -26.40 -34.34
CA PHE B 83 -20.47 -27.47 -35.28
C PHE B 83 -20.08 -28.76 -34.56
N ALA B 84 -19.26 -28.66 -33.54
CA ALA B 84 -18.87 -29.85 -32.77
C ALA B 84 -20.05 -30.26 -31.91
N GLU B 85 -20.86 -29.28 -31.53
CA GLU B 85 -22.14 -29.50 -30.87
C GLU B 85 -22.95 -30.52 -31.66
N ARG B 86 -22.95 -30.32 -32.98
CA ARG B 86 -23.73 -31.10 -33.91
C ARG B 86 -23.04 -32.43 -34.25
N LEU B 87 -21.79 -32.59 -33.85
CA LEU B 87 -21.07 -33.81 -34.20
C LEU B 87 -20.96 -34.76 -33.01
N GLY B 88 -21.40 -34.29 -31.85
CA GLY B 88 -21.31 -35.08 -30.63
C GLY B 88 -19.88 -35.21 -30.13
N VAL B 89 -19.11 -34.15 -30.37
CA VAL B 89 -17.66 -34.17 -30.16
C VAL B 89 -17.23 -32.96 -29.38
N GLU B 90 -16.22 -33.11 -28.54
CA GLU B 90 -15.67 -31.96 -27.81
C GLU B 90 -14.84 -31.06 -28.77
N LEU B 91 -15.05 -29.75 -28.68
CA LEU B 91 -14.29 -28.78 -29.48
C LEU B 91 -12.93 -28.49 -28.83
N LYS B 92 -11.88 -28.39 -29.65
CA LYS B 92 -10.53 -28.15 -29.14
C LYS B 92 -9.79 -27.11 -30.00
N ILE B 93 -9.74 -25.87 -29.53
CA ILE B 93 -9.22 -24.76 -30.32
C ILE B 93 -7.71 -24.59 -30.17
N GLU B 94 -7.04 -24.42 -31.31
CA GLU B 94 -5.59 -24.21 -31.34
C GLU B 94 -5.26 -22.90 -32.04
N THR B 95 -4.43 -22.09 -31.40
CA THR B 95 -4.11 -20.77 -31.92
C THR B 95 -2.91 -20.85 -32.85
N ALA B 96 -2.99 -20.15 -33.98
CA ALA B 96 -1.89 -20.15 -34.94
C ALA B 96 -0.96 -18.96 -34.70
N ASP B 97 0.34 -19.15 -34.91
CA ASP B 97 1.31 -18.08 -34.63
C ASP B 97 1.18 -16.86 -35.54
N ASN B 98 0.54 -17.06 -36.68
CA ASN B 98 0.49 -16.12 -37.80
C ASN B 98 -0.06 -16.90 -38.98
N LEU B 99 -0.49 -16.21 -40.03
CA LEU B 99 -1.11 -16.86 -41.20
C LEU B 99 -0.27 -17.98 -41.80
N ASP B 100 0.99 -17.70 -42.09
CA ASP B 100 1.89 -18.71 -42.63
C ASP B 100 1.90 -19.98 -41.76
N ASP B 101 1.98 -19.80 -40.45
CA ASP B 101 1.97 -20.94 -39.55
C ASP B 101 0.66 -21.69 -39.66
N LEU B 102 -0.45 -20.98 -39.83
CA LEU B 102 -1.75 -21.63 -39.91
C LEU B 102 -1.80 -22.63 -41.05
N TYR B 103 -1.61 -22.13 -42.26
CA TYR B 103 -1.82 -22.98 -43.41
C TYR B 103 -0.84 -24.14 -43.38
N ALA B 104 0.30 -23.90 -42.75
CA ALA B 104 1.34 -24.90 -42.62
C ALA B 104 0.96 -26.00 -41.62
N GLN B 105 0.51 -25.55 -40.44
CA GLN B 105 0.00 -26.43 -39.39
C GLN B 105 -1.15 -27.26 -39.92
N LEU B 106 -2.02 -26.60 -40.70
CA LEU B 106 -3.15 -27.26 -41.37
C LEU B 106 -2.75 -28.43 -42.25
N SER B 107 -1.75 -28.23 -43.10
CA SER B 107 -1.41 -29.21 -44.12
C SER B 107 -0.48 -30.32 -43.60
N ARG B 108 0.25 -30.05 -42.54
CA ARG B 108 1.10 -31.08 -41.94
C ARG B 108 0.26 -32.28 -41.50
N GLU B 109 0.77 -33.50 -41.77
CA GLU B 109 0.06 -34.72 -41.41
C GLU B 109 -0.04 -34.84 -39.90
N GLY B 110 -1.12 -35.45 -39.42
CA GLY B 110 -1.38 -35.55 -37.99
C GLY B 110 -1.68 -34.20 -37.35
N GLY B 111 -2.22 -33.27 -38.15
CA GLY B 111 -2.55 -31.95 -37.67
C GLY B 111 -4.05 -31.71 -37.49
N PRO B 112 -4.46 -30.45 -37.39
CA PRO B 112 -5.86 -30.08 -37.09
C PRO B 112 -6.84 -30.45 -38.19
N ALA B 113 -8.11 -30.56 -37.81
CA ALA B 113 -9.16 -31.01 -38.72
C ALA B 113 -9.61 -29.92 -39.66
N LEU B 114 -9.90 -28.73 -39.13
CA LEU B 114 -10.24 -27.60 -39.99
C LEU B 114 -9.66 -26.28 -39.46
N ALA B 115 -9.74 -25.24 -40.30
CA ALA B 115 -9.28 -23.91 -39.93
C ALA B 115 -10.42 -22.93 -40.02
N ALA B 116 -10.66 -22.26 -38.88
CA ALA B 116 -11.74 -21.30 -38.72
C ALA B 116 -11.14 -19.93 -38.40
N ALA B 117 -11.06 -19.05 -39.39
CA ALA B 117 -10.33 -17.80 -39.19
C ALA B 117 -10.60 -16.79 -40.31
N GLY B 118 -9.51 -16.24 -40.84
CA GLY B 118 -9.48 -15.24 -41.90
C GLY B 118 -10.78 -14.97 -42.62
N LEU B 119 -11.12 -15.79 -43.61
CA LEU B 119 -10.20 -16.70 -44.26
C LEU B 119 -10.69 -16.82 -45.71
N THR B 120 -10.06 -16.10 -46.62
CA THR B 120 -10.52 -16.05 -48.02
C THR B 120 -10.09 -17.28 -48.80
N PRO B 121 -11.03 -17.90 -49.54
CA PRO B 121 -10.68 -19.05 -50.38
C PRO B 121 -9.70 -18.69 -51.49
N GLY B 122 -8.63 -19.47 -51.59
CA GLY B 122 -7.65 -19.28 -52.63
C GLY B 122 -8.14 -19.68 -54.01
N ARG B 123 -7.21 -19.66 -54.96
CA ARG B 123 -7.52 -19.96 -56.34
C ARG B 123 -8.09 -21.36 -56.52
N GLU B 124 -8.74 -21.59 -57.64
CA GLU B 124 -9.49 -22.82 -57.87
C GLU B 124 -8.61 -23.94 -58.40
N ASP B 125 -7.53 -23.59 -59.10
CA ASP B 125 -6.65 -24.58 -59.73
C ASP B 125 -5.58 -25.13 -58.78
N ASP B 126 -5.39 -24.44 -57.66
CA ASP B 126 -4.58 -24.96 -56.57
C ASP B 126 -5.54 -25.47 -55.51
N ALA B 127 -5.16 -26.56 -54.85
CA ALA B 127 -5.77 -27.13 -53.64
C ALA B 127 -5.42 -28.60 -53.60
N SER B 128 -4.57 -29.11 -52.70
CA SER B 128 -3.71 -28.52 -51.62
C SER B 128 -4.48 -27.93 -50.40
N VAL B 129 -5.41 -27.00 -50.60
CA VAL B 129 -6.28 -26.57 -49.51
C VAL B 129 -7.75 -26.37 -49.96
N ARG B 130 -8.66 -27.13 -49.36
CA ARG B 130 -10.08 -27.03 -49.70
C ARG B 130 -10.84 -26.05 -48.79
N TYR B 131 -11.89 -25.45 -49.33
CA TYR B 131 -12.76 -24.57 -48.54
C TYR B 131 -14.24 -25.00 -48.55
N SER B 132 -15.02 -24.44 -47.62
CA SER B 132 -16.48 -24.29 -47.71
C SER B 132 -16.76 -23.39 -48.97
N HIS B 133 -17.97 -22.98 -49.39
CA HIS B 133 -19.26 -22.72 -48.70
C HIS B 133 -19.14 -21.60 -47.68
N THR B 134 -19.12 -20.38 -48.24
CA THR B 134 -18.93 -19.16 -47.50
C THR B 134 -19.99 -18.97 -46.43
N TYR B 135 -19.62 -18.35 -45.31
CA TYR B 135 -20.51 -18.20 -44.16
C TYR B 135 -20.71 -16.74 -43.76
N LEU B 136 -20.16 -15.83 -44.56
CA LEU B 136 -20.13 -14.40 -44.23
C LEU B 136 -19.47 -13.59 -45.37
N ASP B 137 -20.22 -12.65 -45.95
CA ASP B 137 -19.67 -11.81 -46.99
C ASP B 137 -18.96 -10.56 -46.45
N VAL B 138 -17.80 -10.25 -47.02
CA VAL B 138 -16.99 -9.10 -46.61
C VAL B 138 -16.43 -8.45 -47.87
N THR B 139 -15.85 -7.27 -47.73
CA THR B 139 -15.29 -6.54 -48.88
C THR B 139 -14.03 -5.80 -48.45
N PRO B 140 -12.87 -6.14 -49.02
CA PRO B 140 -11.61 -5.52 -48.56
C PRO B 140 -11.55 -4.02 -48.81
N GLN B 141 -11.21 -3.28 -47.76
CA GLN B 141 -11.28 -1.83 -47.73
C GLN B 141 -9.90 -1.22 -47.47
N ILE B 142 -9.66 -0.05 -48.06
CA ILE B 142 -8.45 0.70 -47.79
C ILE B 142 -8.74 1.70 -46.70
N ILE B 143 -7.90 1.68 -45.67
CA ILE B 143 -8.10 2.56 -44.52
C ILE B 143 -7.12 3.71 -44.50
N TYR B 144 -7.64 4.92 -44.55
CA TYR B 144 -6.78 6.07 -44.40
C TYR B 144 -7.07 6.72 -43.04
N ARG B 145 -6.20 7.63 -42.61
CA ARG B 145 -6.37 8.31 -41.33
C ARG B 145 -7.20 9.58 -41.50
N ASN B 146 -8.20 9.82 -40.65
CA ASN B 146 -8.92 11.09 -40.76
C ASN B 146 -7.99 12.21 -40.37
N GLY B 147 -7.12 12.56 -41.31
CA GLY B 147 -6.05 13.49 -41.06
C GLY B 147 -5.93 14.57 -42.13
N GLN B 148 -5.18 14.43 -43.24
CA GLN B 148 -4.68 13.24 -43.97
C GLN B 148 -5.82 12.77 -44.85
N GLN B 149 -5.82 13.13 -46.14
CA GLN B 149 -7.04 12.86 -46.91
C GLN B 149 -6.96 11.81 -48.03
N ARG B 150 -8.15 11.54 -48.56
CA ARG B 150 -8.63 10.24 -49.04
C ARG B 150 -8.21 9.84 -50.44
N PRO B 151 -7.45 8.74 -50.54
CA PRO B 151 -7.18 8.12 -51.83
C PRO B 151 -8.49 7.71 -52.51
N THR B 152 -8.60 7.91 -53.82
CA THR B 152 -9.86 7.63 -54.51
C THR B 152 -9.79 6.37 -55.37
N ARG B 153 -8.60 6.06 -55.87
CA ARG B 153 -8.38 4.82 -56.61
C ARG B 153 -6.95 4.33 -56.37
N PRO B 154 -6.73 3.00 -56.49
CA PRO B 154 -5.45 2.29 -56.30
C PRO B 154 -4.16 3.09 -56.54
N GLU B 155 -4.04 3.79 -57.67
CA GLU B 155 -2.84 4.58 -57.98
C GLU B 155 -2.34 5.46 -56.83
N ASP B 156 -3.30 6.03 -56.09
CA ASP B 156 -2.97 6.93 -54.99
C ASP B 156 -2.41 6.21 -53.78
N LEU B 157 -2.02 4.95 -53.94
CA LEU B 157 -1.38 4.21 -52.85
C LEU B 157 0.13 4.36 -52.91
N VAL B 158 0.64 4.71 -54.08
CA VAL B 158 2.08 4.82 -54.25
C VAL B 158 2.62 6.03 -53.50
N GLY B 159 3.57 5.80 -52.59
CA GLY B 159 4.19 6.86 -51.81
C GLY B 159 3.78 6.89 -50.35
N LYS B 160 2.93 5.94 -49.96
CA LYS B 160 2.40 5.88 -48.61
C LYS B 160 2.98 4.72 -47.81
N ARG B 161 3.14 4.87 -46.50
CA ARG B 161 3.57 3.72 -45.72
C ARG B 161 2.39 2.79 -45.55
N ILE B 162 2.47 1.63 -46.21
CA ILE B 162 1.38 0.67 -46.15
C ILE B 162 1.80 -0.65 -45.49
N MET B 163 1.00 -1.11 -44.52
CA MET B 163 1.28 -2.39 -43.87
C MET B 163 0.06 -3.30 -43.90
N VAL B 164 0.30 -4.59 -44.13
CA VAL B 164 -0.73 -5.63 -44.09
C VAL B 164 -0.19 -6.92 -43.45
N LEU B 165 -1.02 -7.93 -43.34
CA LEU B 165 -0.59 -9.20 -42.72
C LEU B 165 0.12 -10.04 -43.76
N LYS B 166 1.17 -10.73 -43.31
CA LYS B 166 1.97 -11.59 -44.19
C LYS B 166 1.21 -12.86 -44.56
N GLY B 167 1.13 -13.11 -45.86
CA GLY B 167 0.41 -14.25 -46.38
C GLY B 167 -1.07 -14.01 -46.31
N SER B 168 -1.48 -12.76 -46.13
CA SER B 168 -2.90 -12.44 -46.12
C SER B 168 -3.42 -12.36 -47.56
N SER B 169 -4.73 -12.48 -47.73
CA SER B 169 -5.33 -12.29 -49.03
C SER B 169 -4.96 -10.88 -49.50
N HIS B 170 -5.03 -9.93 -48.57
CA HIS B 170 -4.79 -8.53 -48.85
C HIS B 170 -3.35 -8.23 -49.25
N ALA B 171 -2.42 -9.02 -48.74
CA ALA B 171 -1.02 -8.89 -49.13
C ALA B 171 -0.87 -9.32 -50.59
N GLU B 172 -1.44 -10.48 -50.91
CA GLU B 172 -1.45 -10.98 -52.28
C GLU B 172 -2.19 -10.02 -53.20
N GLN B 173 -3.16 -9.32 -52.61
CA GLN B 173 -3.95 -8.35 -53.36
C GLN B 173 -3.06 -7.21 -53.87
N LEU B 174 -2.36 -6.54 -52.95
CA LEU B 174 -1.42 -5.48 -53.28
C LEU B 174 -0.30 -6.01 -54.15
N ALA B 175 -0.11 -7.32 -54.12
CA ALA B 175 0.98 -7.95 -54.86
C ALA B 175 0.76 -7.82 -56.34
N GLU B 176 -0.48 -8.03 -56.78
CA GLU B 176 -0.81 -7.96 -58.21
C GLU B 176 -1.16 -6.54 -58.61
N LEU B 177 -1.29 -5.67 -57.61
CA LEU B 177 -1.38 -4.25 -57.88
C LEU B 177 0.03 -3.72 -58.19
N LYS B 178 1.04 -4.36 -57.61
CA LYS B 178 2.44 -3.97 -57.80
C LYS B 178 2.94 -4.29 -59.22
N LYS B 179 2.34 -5.29 -59.87
CA LYS B 179 2.68 -5.64 -61.25
C LYS B 179 2.26 -4.52 -62.21
N GLN B 180 1.12 -3.91 -61.90
CA GLN B 180 0.61 -2.75 -62.60
C GLN B 180 1.50 -1.54 -62.36
N TYR B 181 1.45 -1.06 -61.13
CA TYR B 181 2.17 0.13 -60.73
C TYR B 181 3.36 -0.30 -59.88
N PRO B 182 4.54 -0.40 -60.52
CA PRO B 182 5.72 -1.01 -59.92
C PRO B 182 6.31 -0.14 -58.81
N GLU B 183 6.11 1.16 -58.93
CA GLU B 183 6.59 2.15 -57.99
C GLU B 183 6.03 1.94 -56.57
N LEU B 184 4.80 1.44 -56.50
CA LEU B 184 4.17 1.11 -55.22
C LEU B 184 5.04 0.20 -54.37
N LYS B 185 5.04 0.44 -53.06
CA LYS B 185 5.70 -0.44 -52.10
C LYS B 185 4.87 -0.52 -50.83
N TYR B 186 5.01 -1.62 -50.11
CA TYR B 186 4.23 -1.87 -48.90
C TYR B 186 4.96 -2.82 -47.97
N GLU B 187 4.64 -2.80 -46.68
CA GLU B 187 5.28 -3.70 -45.73
C GLU B 187 4.30 -4.78 -45.25
N GLU B 188 4.82 -5.95 -44.87
CA GLU B 188 3.97 -6.97 -44.26
C GLU B 188 4.68 -7.61 -43.07
N SER B 189 3.91 -8.04 -42.07
CA SER B 189 4.52 -8.55 -40.85
C SER B 189 3.89 -9.85 -40.36
N ASP B 190 4.65 -10.58 -39.53
CA ASP B 190 4.17 -11.77 -38.83
C ASP B 190 3.86 -11.45 -37.37
N ALA B 191 4.15 -10.21 -36.96
CA ALA B 191 4.07 -9.81 -35.57
C ALA B 191 2.96 -8.80 -35.36
N VAL B 192 2.13 -8.64 -36.39
CA VAL B 192 0.95 -7.80 -36.27
C VAL B 192 -0.30 -8.59 -36.66
N GLU B 193 -1.41 -8.18 -36.05
CA GLU B 193 -2.72 -8.70 -36.37
C GLU B 193 -3.53 -7.51 -36.89
N VAL B 194 -4.73 -7.75 -37.42
CA VAL B 194 -5.53 -6.69 -38.00
C VAL B 194 -5.75 -5.50 -37.05
N VAL B 195 -5.85 -5.79 -35.77
CA VAL B 195 -6.11 -4.77 -34.76
C VAL B 195 -4.92 -3.83 -34.69
N ASP B 196 -3.74 -4.38 -34.87
CA ASP B 196 -2.50 -3.61 -34.89
C ASP B 196 -2.41 -2.70 -36.13
N LEU B 197 -2.82 -3.25 -37.27
CA LEU B 197 -2.93 -2.49 -38.51
C LEU B 197 -3.81 -1.24 -38.37
N LEU B 198 -4.93 -1.38 -37.68
CA LEU B 198 -5.84 -0.24 -37.48
C LEU B 198 -5.26 0.77 -36.52
N ARG B 199 -4.67 0.27 -35.45
CA ARG B 199 -4.12 1.14 -34.41
C ARG B 199 -3.09 2.01 -35.04
N MET B 200 -2.27 1.39 -35.88
CA MET B 200 -1.16 2.10 -36.53
C MET B 200 -1.67 3.23 -37.43
N VAL B 201 -2.74 2.99 -38.18
CA VAL B 201 -3.32 4.05 -39.00
C VAL B 201 -3.90 5.13 -38.10
N ASP B 202 -4.45 4.71 -36.95
CA ASP B 202 -5.09 5.63 -36.02
C ASP B 202 -4.09 6.60 -35.40
N VAL B 203 -3.00 6.06 -34.87
CA VAL B 203 -2.02 6.87 -34.16
C VAL B 203 -1.09 7.65 -35.10
N GLY B 204 -1.03 7.25 -36.37
CA GLY B 204 -0.23 7.94 -37.36
C GLY B 204 1.00 7.20 -37.88
N ASP B 205 1.28 6.03 -37.30
CA ASP B 205 2.50 5.28 -37.59
C ASP B 205 2.54 4.76 -39.03
N ILE B 206 1.39 4.38 -39.56
CA ILE B 206 1.30 4.05 -40.98
C ILE B 206 0.17 4.87 -41.60
N ASP B 207 0.26 5.08 -42.91
CA ASP B 207 -0.67 5.96 -43.59
C ASP B 207 -1.91 5.20 -44.02
N LEU B 208 -1.73 3.93 -44.38
CA LEU B 208 -2.76 3.13 -45.01
C LEU B 208 -2.72 1.65 -44.67
N THR B 209 -3.87 1.01 -44.58
CA THR B 209 -3.86 -0.45 -44.51
C THR B 209 -4.96 -1.06 -45.37
N LEU B 210 -4.92 -2.38 -45.52
CA LEU B 210 -5.93 -3.10 -46.29
C LEU B 210 -6.49 -4.29 -45.47
N VAL B 211 -7.78 -4.23 -45.18
CA VAL B 211 -8.42 -5.15 -44.26
C VAL B 211 -9.79 -5.51 -44.82
N ASP B 212 -10.35 -6.63 -44.38
CA ASP B 212 -11.71 -6.99 -44.78
C ASP B 212 -12.69 -6.05 -44.11
N SER B 213 -13.89 -5.92 -44.67
CA SER B 213 -14.86 -4.95 -44.16
C SER B 213 -15.35 -5.29 -42.77
N ASN B 214 -15.61 -6.57 -42.51
CA ASN B 214 -16.08 -6.98 -41.19
C ASN B 214 -15.10 -6.53 -40.13
N GLU B 215 -13.82 -6.72 -40.45
CA GLU B 215 -12.74 -6.40 -39.54
C GLU B 215 -12.69 -4.91 -39.25
N LEU B 216 -13.35 -4.09 -40.06
CA LEU B 216 -13.52 -2.69 -39.70
C LEU B 216 -14.53 -2.65 -38.58
N ALA B 217 -15.47 -1.73 -38.59
CA ALA B 217 -16.58 -1.83 -37.63
C ALA B 217 -17.09 -3.24 -37.84
N MET B 218 -16.88 -4.17 -36.90
CA MET B 218 -16.66 -4.00 -35.45
C MET B 218 -15.57 -3.11 -34.85
N ASN B 219 -14.38 -3.07 -35.43
CA ASN B 219 -13.26 -2.39 -34.79
C ASN B 219 -13.22 -0.88 -34.89
N GLN B 220 -13.88 -0.33 -35.92
CA GLN B 220 -13.89 1.11 -36.17
C GLN B 220 -14.02 1.94 -34.89
N VAL B 221 -15.06 1.71 -34.09
CA VAL B 221 -15.40 2.64 -33.02
C VAL B 221 -14.30 2.81 -31.94
N TYR B 222 -13.39 1.84 -31.85
CA TYR B 222 -12.26 1.93 -30.93
C TYR B 222 -11.12 2.71 -31.55
N PHE B 223 -11.33 3.16 -32.77
CA PHE B 223 -10.31 3.89 -33.51
C PHE B 223 -10.89 5.11 -34.23
N PRO B 224 -11.20 6.17 -33.45
CA PRO B 224 -11.82 7.42 -33.88
C PRO B 224 -11.25 7.99 -35.18
N ASN B 225 -9.92 7.97 -35.30
CA ASN B 225 -9.19 8.58 -36.39
C ASN B 225 -9.29 7.90 -37.77
N VAL B 226 -9.74 6.66 -37.83
CA VAL B 226 -9.69 5.92 -39.09
C VAL B 226 -10.94 6.12 -39.95
N ARG B 227 -10.75 6.10 -41.26
CA ARG B 227 -11.86 6.21 -42.21
C ARG B 227 -11.65 5.25 -43.39
N VAL B 228 -12.72 5.07 -44.16
CA VAL B 228 -12.69 4.26 -45.37
C VAL B 228 -12.53 5.12 -46.63
N ALA B 229 -11.74 4.63 -47.57
CA ALA B 229 -11.62 5.32 -48.86
C ALA B 229 -12.45 4.55 -49.88
N PHE B 230 -12.03 3.32 -50.10
CA PHE B 230 -12.71 2.29 -50.90
C PHE B 230 -12.14 1.03 -50.26
N ASP B 231 -12.61 -0.21 -50.44
CA ASP B 231 -13.37 -0.86 -51.52
C ASP B 231 -12.44 -1.13 -52.71
N PHE B 232 -11.52 -2.06 -52.45
CA PHE B 232 -10.57 -2.57 -53.42
C PHE B 232 -10.85 -4.06 -53.61
N GLY B 233 -11.29 -4.44 -54.80
CA GLY B 233 -11.66 -5.82 -55.08
C GLY B 233 -13.09 -6.08 -54.64
N GLU B 234 -13.89 -6.71 -55.50
CA GLU B 234 -15.31 -6.92 -55.22
C GLU B 234 -15.55 -7.90 -54.10
N ALA B 235 -16.79 -7.98 -53.62
CA ALA B 235 -17.08 -8.67 -52.36
C ALA B 235 -16.93 -10.19 -52.44
N ARG B 236 -16.18 -10.72 -51.49
CA ARG B 236 -15.89 -12.14 -51.38
C ARG B 236 -16.56 -12.79 -50.16
N GLY B 237 -16.69 -14.12 -50.17
CA GLY B 237 -17.22 -14.83 -49.03
C GLY B 237 -16.21 -15.68 -48.28
N LEU B 238 -16.23 -15.59 -46.96
CA LEU B 238 -15.26 -16.30 -46.13
C LEU B 238 -15.66 -17.76 -45.87
N ALA B 239 -14.71 -18.66 -46.07
CA ALA B 239 -14.96 -20.09 -45.87
C ALA B 239 -14.00 -20.66 -44.85
N TRP B 240 -14.26 -21.90 -44.43
CA TRP B 240 -13.33 -22.60 -43.55
C TRP B 240 -12.40 -23.37 -44.42
N ALA B 241 -11.21 -23.67 -43.93
CA ALA B 241 -10.26 -24.40 -44.74
C ALA B 241 -10.09 -25.82 -44.23
N LEU B 242 -9.86 -26.77 -45.14
CA LEU B 242 -9.54 -28.14 -44.74
C LEU B 242 -8.37 -28.67 -45.55
N PRO B 243 -7.66 -29.66 -45.00
CA PRO B 243 -6.52 -30.22 -45.77
C PRO B 243 -7.01 -30.94 -47.00
N GLY B 244 -6.36 -30.74 -48.14
CA GLY B 244 -6.71 -31.48 -49.35
C GLY B 244 -6.38 -32.94 -49.11
N GLY B 245 -7.11 -33.85 -49.74
CA GLY B 245 -8.23 -33.52 -50.59
C GLY B 245 -9.03 -34.73 -51.05
N ASP B 246 -8.56 -35.93 -50.70
CA ASP B 246 -9.18 -37.15 -51.25
C ASP B 246 -10.52 -37.50 -50.61
N ASP B 247 -10.64 -37.22 -49.32
CA ASP B 247 -11.82 -37.62 -48.53
C ASP B 247 -12.85 -36.50 -48.39
N ASP B 248 -14.11 -36.79 -48.70
CA ASP B 248 -15.14 -35.77 -48.64
C ASP B 248 -15.99 -35.83 -47.37
N SER B 249 -15.75 -36.85 -46.56
CA SER B 249 -16.47 -37.12 -45.30
C SER B 249 -16.77 -35.90 -44.43
N LEU B 250 -15.72 -35.29 -43.88
CA LEU B 250 -15.87 -34.11 -43.03
C LEU B 250 -16.41 -32.88 -43.78
N MET B 251 -15.92 -32.63 -45.00
CA MET B 251 -16.38 -31.46 -45.76
C MET B 251 -17.89 -31.49 -45.96
N ASN B 252 -18.43 -32.65 -46.32
CA ASN B 252 -19.89 -32.81 -46.47
C ASN B 252 -20.64 -32.41 -45.21
N GLU B 253 -20.11 -32.83 -44.07
CA GLU B 253 -20.71 -32.49 -42.80
C GLU B 253 -20.55 -31.00 -42.48
N VAL B 254 -19.35 -30.47 -42.71
CA VAL B 254 -19.07 -29.05 -42.53
C VAL B 254 -19.97 -28.20 -43.42
N ASN B 255 -20.09 -28.59 -44.68
CA ASN B 255 -20.85 -27.80 -45.63
C ASN B 255 -22.34 -27.94 -45.37
N ALA B 256 -22.75 -29.08 -44.81
CA ALA B 256 -24.14 -29.30 -44.44
C ALA B 256 -24.54 -28.45 -43.25
N PHE B 257 -23.67 -28.41 -42.25
CA PHE B 257 -23.89 -27.60 -41.06
C PHE B 257 -23.97 -26.10 -41.38
N LEU B 258 -23.12 -25.65 -42.29
CA LEU B 258 -23.15 -24.24 -42.70
C LEU B 258 -24.44 -23.93 -43.47
N ASP B 259 -24.85 -24.87 -44.32
CA ASP B 259 -26.06 -24.72 -45.13
C ASP B 259 -27.30 -24.57 -44.28
N GLN B 260 -27.40 -25.39 -43.25
CA GLN B 260 -28.56 -25.30 -42.38
C GLN B 260 -28.47 -24.06 -41.51
N ALA B 261 -27.29 -23.76 -40.97
CA ALA B 261 -27.08 -22.57 -40.16
C ALA B 261 -27.56 -21.28 -40.84
N LYS B 262 -27.59 -21.27 -42.17
CA LYS B 262 -28.09 -20.11 -42.92
C LYS B 262 -29.62 -20.09 -43.03
N LYS B 263 -30.23 -21.18 -43.51
CA LYS B 263 -31.70 -21.26 -43.61
C LYS B 263 -32.34 -21.16 -42.21
N GLU B 264 -31.62 -21.67 -41.22
CA GLU B 264 -32.06 -21.71 -39.83
C GLU B 264 -31.73 -20.38 -39.11
N GLY B 265 -31.22 -19.40 -39.87
CA GLY B 265 -30.91 -18.08 -39.34
C GLY B 265 -29.84 -17.95 -38.25
N LEU B 266 -29.19 -19.06 -37.90
CA LEU B 266 -28.12 -19.07 -36.88
C LEU B 266 -26.93 -18.27 -37.36
N LEU B 267 -26.69 -18.35 -38.66
CA LEU B 267 -25.59 -17.65 -39.29
C LEU B 267 -25.77 -16.16 -39.25
N GLN B 268 -26.90 -15.67 -39.74
CA GLN B 268 -27.23 -14.25 -39.61
C GLN B 268 -27.15 -13.82 -38.14
N ARG B 269 -27.50 -14.71 -37.19
CA ARG B 269 -27.45 -14.38 -35.77
C ARG B 269 -26.06 -14.22 -35.15
N LEU B 270 -25.02 -14.70 -35.82
CA LEU B 270 -23.68 -14.48 -35.26
C LEU B 270 -23.12 -13.15 -35.78
N LYS B 271 -23.63 -12.74 -36.93
CA LYS B 271 -23.35 -11.42 -37.47
C LYS B 271 -24.10 -10.33 -36.69
N ASP B 272 -25.18 -10.72 -35.99
CA ASP B 272 -25.85 -9.91 -34.97
C ASP B 272 -24.86 -9.41 -33.96
N ARG B 273 -24.35 -10.42 -33.28
CA ARG B 273 -23.85 -10.38 -31.93
C ARG B 273 -22.43 -9.84 -31.87
N TYR B 274 -21.80 -9.80 -33.03
CA TYR B 274 -20.42 -9.38 -33.10
C TYR B 274 -20.26 -8.12 -33.97
N TYR B 275 -21.13 -7.94 -34.96
CA TYR B 275 -21.06 -6.75 -35.79
C TYR B 275 -22.38 -5.95 -35.78
N GLY B 276 -22.54 -5.10 -34.76
CA GLY B 276 -23.69 -4.21 -34.68
C GLY B 276 -23.24 -2.81 -34.28
N HIS B 277 -23.44 -2.48 -33.00
CA HIS B 277 -22.91 -1.24 -32.46
C HIS B 277 -22.80 -1.33 -30.93
N LEU B 281 -20.51 6.00 -24.98
CA LEU B 281 -19.15 5.49 -25.13
C LEU B 281 -18.23 5.95 -23.98
N GLY B 282 -17.67 7.15 -24.12
CA GLY B 282 -16.77 7.71 -23.13
C GLY B 282 -17.54 8.26 -21.95
N TYR B 283 -17.24 9.50 -21.57
CA TYR B 283 -17.90 10.13 -20.43
C TYR B 283 -19.04 11.07 -20.85
N VAL B 284 -19.96 11.32 -19.92
CA VAL B 284 -21.13 12.17 -20.17
C VAL B 284 -20.88 13.64 -19.82
N GLY B 285 -19.89 13.88 -18.96
CA GLY B 285 -19.56 15.25 -18.59
C GLY B 285 -20.60 15.96 -17.72
N ALA B 286 -20.12 17.00 -17.03
CA ALA B 286 -20.87 17.91 -16.15
C ALA B 286 -22.40 17.82 -16.12
N TYR B 287 -23.05 18.69 -16.88
CA TYR B 287 -24.50 18.62 -17.01
C TYR B 287 -24.79 17.28 -17.64
N THR B 288 -25.99 16.75 -17.42
CA THR B 288 -26.37 15.36 -17.77
C THR B 288 -26.04 14.45 -16.62
N PHE B 289 -24.79 14.45 -16.15
CA PHE B 289 -24.48 13.63 -14.97
C PHE B 289 -25.21 14.19 -13.77
N THR B 290 -25.53 15.46 -13.82
CA THR B 290 -26.29 16.05 -12.74
C THR B 290 -27.77 15.78 -12.96
N GLN B 291 -28.16 15.76 -14.23
CA GLN B 291 -29.51 15.40 -14.57
C GLN B 291 -29.79 14.04 -13.94
N HIS B 292 -29.11 13.01 -14.44
CA HIS B 292 -29.17 11.68 -13.84
C HIS B 292 -28.52 11.75 -12.50
N LEU B 293 -29.27 12.07 -11.48
CA LEU B 293 -28.73 12.21 -10.12
C LEU B 293 -29.84 12.77 -9.27
N GLN B 294 -30.46 13.82 -9.77
CA GLN B 294 -31.72 14.24 -9.26
C GLN B 294 -32.73 13.24 -9.79
N GLN B 295 -32.60 12.93 -11.08
CA GLN B 295 -33.55 12.08 -11.78
C GLN B 295 -33.54 10.60 -11.38
N ARG B 296 -32.34 10.02 -11.21
CA ARG B 296 -32.20 8.58 -11.19
C ARG B 296 -31.66 7.99 -9.89
N LEU B 297 -30.59 8.56 -9.37
CA LEU B 297 -29.94 7.97 -8.21
C LEU B 297 -30.81 7.83 -6.95
N PRO B 298 -31.76 8.77 -6.69
CA PRO B 298 -32.52 8.57 -5.45
C PRO B 298 -33.43 7.35 -5.47
N ARG B 299 -33.78 6.89 -6.67
CA ARG B 299 -34.47 5.63 -6.82
C ARG B 299 -33.65 4.45 -6.28
N TYR B 300 -32.33 4.60 -6.25
CA TYR B 300 -31.47 3.47 -5.91
C TYR B 300 -30.43 3.76 -4.82
N GLU B 301 -30.36 4.99 -4.34
CA GLU B 301 -29.37 5.31 -3.31
C GLU B 301 -29.58 4.41 -2.11
N SER B 302 -30.85 4.11 -1.83
CA SER B 302 -31.22 3.21 -0.75
C SER B 302 -30.47 1.87 -0.83
N HIS B 303 -30.64 1.18 -1.97
CA HIS B 303 -30.04 -0.11 -2.21
C HIS B 303 -28.50 -0.05 -2.21
N PHE B 304 -27.95 0.93 -2.92
CA PHE B 304 -26.52 1.14 -2.94
C PHE B 304 -25.94 1.24 -1.52
N LYS B 305 -26.69 1.85 -0.62
CA LYS B 305 -26.21 2.12 0.73
C LYS B 305 -26.28 0.87 1.59
N GLN B 306 -27.36 0.13 1.40
CA GLN B 306 -27.63 -1.05 2.20
C GLN B 306 -26.74 -2.19 1.73
N SER B 307 -26.40 -2.18 0.44
CA SER B 307 -25.41 -3.14 -0.12
C SER B 307 -24.00 -2.82 0.35
N GLY B 308 -23.66 -1.54 0.32
CA GLY B 308 -22.43 -1.07 0.93
C GLY B 308 -22.28 -1.53 2.38
N LYS B 309 -23.34 -1.46 3.16
CA LYS B 309 -23.19 -1.77 4.57
C LYS B 309 -23.00 -3.28 4.75
N GLN B 310 -23.69 -4.09 3.94
CA GLN B 310 -23.58 -5.55 4.02
C GLN B 310 -22.18 -6.06 3.66
N LYS B 311 -21.42 -5.26 2.93
CA LYS B 311 -20.11 -5.72 2.48
C LYS B 311 -18.95 -4.77 2.77
N ASP B 312 -19.13 -3.86 3.73
CA ASP B 312 -18.07 -2.98 4.24
C ASP B 312 -17.30 -2.25 3.13
N THR B 313 -17.97 -2.00 2.00
CA THR B 313 -17.39 -1.21 0.93
C THR B 313 -18.15 0.11 0.78
N ASP B 314 -17.42 1.16 0.40
CA ASP B 314 -17.96 2.49 0.12
C ASP B 314 -19.07 2.44 -0.92
N TRP B 315 -20.27 2.91 -0.55
CA TRP B 315 -21.45 2.79 -1.43
C TRP B 315 -21.36 3.67 -2.66
N ARG B 316 -20.60 4.76 -2.57
CA ARG B 316 -20.49 5.64 -3.72
C ARG B 316 -19.65 5.01 -4.82
N LEU B 317 -18.80 4.04 -4.46
CA LEU B 317 -18.03 3.33 -5.48
C LEU B 317 -18.92 2.43 -6.30
N LEU B 318 -19.75 1.66 -5.57
CA LEU B 318 -20.76 0.81 -6.16
C LEU B 318 -21.65 1.59 -7.12
N ALA B 319 -22.08 2.76 -6.68
CA ALA B 319 -22.99 3.60 -7.42
C ALA B 319 -22.33 4.06 -8.72
N ALA B 320 -21.05 4.38 -8.64
CA ALA B 320 -20.28 4.76 -9.82
C ALA B 320 -20.18 3.63 -10.83
N ILE B 321 -19.84 2.42 -10.38
CA ILE B 321 -19.85 1.25 -11.26
C ILE B 321 -21.19 1.20 -11.97
N GLY B 322 -22.27 1.18 -11.20
CA GLY B 322 -23.61 1.22 -11.74
C GLY B 322 -23.80 2.27 -12.82
N TYR B 323 -23.23 3.46 -12.63
CA TYR B 323 -23.39 4.52 -13.63
C TYR B 323 -22.62 4.20 -14.92
N GLN B 324 -21.36 3.81 -14.80
CA GLN B 324 -20.57 3.48 -15.96
C GLN B 324 -21.11 2.23 -16.68
N GLU B 325 -21.92 1.44 -15.98
CA GLU B 325 -22.47 0.26 -16.61
C GLU B 325 -23.80 0.53 -17.31
N SER B 326 -24.68 1.33 -16.71
CA SER B 326 -26.05 1.42 -17.23
C SER B 326 -26.70 2.78 -17.04
N LEU B 327 -25.92 3.75 -16.60
CA LEU B 327 -26.39 5.11 -16.33
C LEU B 327 -27.57 5.15 -15.36
N TRP B 328 -27.64 4.16 -14.47
CA TRP B 328 -28.69 4.02 -13.48
C TRP B 328 -30.04 3.76 -14.15
N GLN B 329 -30.04 2.81 -15.07
CA GLN B 329 -31.25 2.28 -15.65
C GLN B 329 -31.31 0.78 -15.38
N PRO B 330 -32.36 0.32 -14.68
CA PRO B 330 -32.38 -1.07 -14.22
C PRO B 330 -32.69 -2.02 -15.35
N GLY B 331 -33.19 -1.47 -16.46
CA GLY B 331 -33.63 -2.26 -17.59
C GLY B 331 -32.73 -2.16 -18.81
N ALA B 332 -31.53 -1.65 -18.60
CA ALA B 332 -30.58 -1.49 -19.70
C ALA B 332 -29.99 -2.83 -20.10
N THR B 333 -30.00 -3.13 -21.39
CA THR B 333 -29.48 -4.43 -21.86
C THR B 333 -28.62 -4.30 -23.08
N SER B 334 -27.75 -5.29 -23.28
CA SER B 334 -26.81 -5.28 -24.39
C SER B 334 -26.97 -6.52 -25.28
N LYS B 335 -26.59 -6.39 -26.55
CA LYS B 335 -26.63 -7.52 -27.48
C LYS B 335 -25.59 -8.57 -27.08
N THR B 336 -24.70 -8.21 -26.17
CA THR B 336 -23.59 -9.07 -25.76
C THR B 336 -23.96 -10.03 -24.63
N GLY B 337 -25.17 -9.89 -24.10
CA GLY B 337 -25.66 -10.74 -23.04
C GLY B 337 -25.52 -10.23 -21.61
N VAL B 338 -25.60 -8.92 -21.39
CA VAL B 338 -25.65 -8.40 -20.03
C VAL B 338 -26.94 -7.63 -19.76
N ARG B 339 -27.30 -7.48 -18.50
CA ARG B 339 -28.61 -6.94 -18.18
C ARG B 339 -28.65 -6.29 -16.81
N GLY B 340 -29.32 -5.15 -16.74
CA GLY B 340 -29.66 -4.58 -15.46
C GLY B 340 -28.67 -3.56 -14.96
N LEU B 341 -29.05 -2.90 -13.87
CA LEU B 341 -28.32 -1.79 -13.29
C LEU B 341 -26.81 -1.97 -13.28
N MET B 342 -26.36 -3.22 -13.09
CA MET B 342 -24.94 -3.52 -12.94
C MET B 342 -24.41 -4.34 -14.12
N MET B 343 -25.24 -4.49 -15.15
CA MET B 343 -24.89 -5.20 -16.39
C MET B 343 -24.16 -6.51 -16.13
N LEU B 344 -24.92 -7.48 -15.67
CA LEU B 344 -24.40 -8.77 -15.26
C LEU B 344 -24.55 -9.80 -16.35
N THR B 345 -23.61 -10.73 -16.44
CA THR B 345 -23.79 -11.88 -17.32
C THR B 345 -24.78 -12.82 -16.69
N ASN B 346 -25.48 -13.57 -17.53
CA ASN B 346 -26.46 -14.53 -17.05
C ASN B 346 -25.86 -15.53 -16.06
N ARG B 347 -24.63 -15.96 -16.30
CA ARG B 347 -24.00 -16.89 -15.37
C ARG B 347 -23.53 -16.24 -14.06
N THR B 348 -23.00 -15.02 -14.12
CA THR B 348 -22.56 -14.32 -12.91
C THR B 348 -23.75 -13.95 -12.02
N ALA B 349 -24.84 -13.52 -12.65
CA ALA B 349 -26.10 -13.28 -11.97
C ALA B 349 -26.54 -14.49 -11.17
N GLN B 350 -26.61 -15.63 -11.86
CA GLN B 350 -27.11 -16.83 -11.21
C GLN B 350 -26.14 -17.26 -10.13
N ALA B 351 -24.84 -17.06 -10.38
CA ALA B 351 -23.83 -17.35 -9.37
C ALA B 351 -23.87 -16.44 -8.15
N MET B 352 -24.39 -15.22 -8.29
CA MET B 352 -24.32 -14.26 -7.20
C MET B 352 -25.59 -14.24 -6.37
N GLY B 353 -26.53 -15.10 -6.73
CA GLY B 353 -27.76 -15.24 -5.98
C GLY B 353 -28.89 -14.42 -6.57
N VAL B 354 -28.75 -14.04 -7.83
CA VAL B 354 -29.69 -13.13 -8.48
C VAL B 354 -30.75 -13.88 -9.29
N SER B 355 -32.02 -13.57 -9.01
CA SER B 355 -33.18 -14.25 -9.61
C SER B 355 -33.66 -13.51 -10.85
N ASN B 356 -33.67 -12.18 -10.73
CA ASN B 356 -34.09 -11.27 -11.79
C ASN B 356 -33.15 -10.11 -11.94
N ARG B 357 -32.28 -10.20 -12.95
CA ARG B 357 -31.28 -9.18 -13.27
C ARG B 357 -31.86 -7.78 -13.42
N LEU B 358 -33.17 -7.71 -13.66
CA LEU B 358 -33.88 -6.46 -13.95
C LEU B 358 -34.49 -5.82 -12.70
N ASP B 359 -34.48 -6.56 -11.58
CA ASP B 359 -34.80 -6.03 -10.25
C ASP B 359 -33.59 -5.30 -9.73
N PRO B 360 -33.72 -4.01 -9.46
CA PRO B 360 -32.49 -3.25 -9.21
C PRO B 360 -31.87 -3.53 -7.84
N LYS B 361 -32.68 -3.90 -6.85
CA LYS B 361 -32.13 -4.26 -5.54
C LYS B 361 -31.29 -5.53 -5.66
N GLN B 362 -31.76 -6.48 -6.47
CA GLN B 362 -31.00 -7.68 -6.84
C GLN B 362 -29.76 -7.42 -7.70
N SER B 363 -29.85 -6.51 -8.67
CA SER B 363 -28.70 -6.18 -9.50
C SER B 363 -27.62 -5.48 -8.67
N ILE B 364 -28.01 -4.45 -7.93
CA ILE B 364 -27.06 -3.73 -7.09
C ILE B 364 -26.41 -4.70 -6.12
N GLN B 365 -27.20 -5.58 -5.52
CA GLN B 365 -26.65 -6.57 -4.60
C GLN B 365 -25.73 -7.54 -5.32
N GLY B 366 -26.18 -8.03 -6.47
CA GLY B 366 -25.43 -9.01 -7.23
C GLY B 366 -24.13 -8.51 -7.80
N GLY B 367 -24.20 -7.37 -8.51
CA GLY B 367 -23.02 -6.72 -9.02
C GLY B 367 -22.04 -6.35 -7.91
N SER B 368 -22.58 -5.95 -6.76
CA SER B 368 -21.73 -5.47 -5.67
C SER B 368 -21.03 -6.62 -4.98
N LYS B 369 -21.70 -7.75 -4.93
CA LYS B 369 -21.10 -8.91 -4.31
C LYS B 369 -20.06 -9.43 -5.28
N TYR B 370 -20.36 -9.30 -6.58
CA TYR B 370 -19.41 -9.69 -7.61
C TYR B 370 -18.18 -8.83 -7.57
N PHE B 371 -18.40 -7.53 -7.36
CA PHE B 371 -17.27 -6.64 -7.22
C PHE B 371 -16.49 -7.00 -5.97
N VAL B 372 -17.13 -6.98 -4.82
CA VAL B 372 -16.41 -7.19 -3.57
C VAL B 372 -15.67 -8.54 -3.57
N GLN B 373 -16.27 -9.52 -4.22
CA GLN B 373 -15.67 -10.84 -4.25
C GLN B 373 -14.40 -10.81 -5.07
N ILE B 374 -14.49 -10.29 -6.30
CA ILE B 374 -13.30 -10.08 -7.12
C ILE B 374 -12.16 -9.39 -6.34
N ARG B 375 -12.46 -8.31 -5.64
CA ARG B 375 -11.44 -7.60 -4.90
C ARG B 375 -10.77 -8.48 -3.83
N SER B 376 -11.55 -9.30 -3.14
CA SER B 376 -10.96 -10.22 -2.15
C SER B 376 -10.07 -11.30 -2.78
N GLU B 377 -10.40 -11.77 -3.98
CA GLU B 377 -9.58 -12.75 -4.71
C GLU B 377 -8.22 -12.22 -5.19
N LEU B 378 -8.05 -10.91 -5.22
CA LEU B 378 -6.83 -10.32 -5.77
C LEU B 378 -5.64 -10.76 -4.95
N PRO B 379 -4.47 -10.89 -5.59
CA PRO B 379 -3.22 -11.22 -4.91
C PRO B 379 -3.06 -10.48 -3.60
N GLU B 380 -2.48 -11.12 -2.60
CA GLU B 380 -2.36 -10.55 -1.27
C GLU B 380 -1.48 -9.29 -1.23
N SER B 381 -0.58 -9.20 -2.21
CA SER B 381 0.43 -8.16 -2.27
C SER B 381 -0.13 -6.79 -2.66
N ILE B 382 -1.27 -6.78 -3.35
CA ILE B 382 -1.87 -5.52 -3.79
C ILE B 382 -2.70 -4.86 -2.70
N LYS B 383 -2.15 -3.83 -2.06
CA LYS B 383 -2.88 -3.17 -0.97
C LYS B 383 -3.79 -2.06 -1.50
N GLU B 384 -4.54 -1.40 -0.61
CA GLU B 384 -5.44 -0.33 -1.05
C GLU B 384 -4.71 1.00 -1.03
N PRO B 385 -5.19 1.99 -1.80
CA PRO B 385 -6.38 2.00 -2.66
C PRO B 385 -6.18 1.32 -4.01
N ASP B 386 -4.95 0.91 -4.31
CA ASP B 386 -4.68 0.30 -5.60
C ASP B 386 -5.52 -0.92 -5.78
N ARG B 387 -5.77 -1.63 -4.67
CA ARG B 387 -6.49 -2.89 -4.71
C ARG B 387 -7.85 -2.77 -5.36
N SER B 388 -8.56 -1.71 -5.02
CA SER B 388 -9.87 -1.47 -5.62
C SER B 388 -9.77 -1.16 -7.09
N TRP B 389 -8.76 -0.39 -7.49
CA TRP B 389 -8.60 -0.07 -8.90
C TRP B 389 -8.33 -1.35 -9.70
N PHE B 390 -7.57 -2.27 -9.10
CA PHE B 390 -7.30 -3.57 -9.71
C PHE B 390 -8.58 -4.36 -9.83
N ALA B 391 -9.41 -4.28 -8.80
CA ALA B 391 -10.67 -4.99 -8.81
C ALA B 391 -11.55 -4.50 -9.97
N LEU B 392 -11.69 -3.17 -10.12
CA LEU B 392 -12.49 -2.64 -11.22
C LEU B 392 -12.00 -3.14 -12.55
N ALA B 393 -10.68 -3.19 -12.70
CA ALA B 393 -10.05 -3.75 -13.87
C ALA B 393 -10.51 -5.19 -14.11
N ALA B 394 -10.25 -6.06 -13.14
CA ALA B 394 -10.72 -7.45 -13.26
C ALA B 394 -12.24 -7.54 -13.45
N TYR B 395 -12.99 -6.64 -12.82
CA TYR B 395 -14.43 -6.56 -13.04
C TYR B 395 -14.72 -6.49 -14.53
N ASN B 396 -13.91 -5.72 -15.24
CA ASN B 396 -14.13 -5.50 -16.66
C ASN B 396 -13.48 -6.57 -17.55
N ILE B 397 -12.18 -6.82 -17.34
CA ILE B 397 -11.36 -7.64 -18.25
C ILE B 397 -11.11 -9.08 -17.74
N GLY B 398 -11.39 -9.33 -16.47
CA GLY B 398 -11.27 -10.68 -15.94
C GLY B 398 -9.91 -10.86 -15.31
N GLY B 399 -9.85 -11.64 -14.23
CA GLY B 399 -8.64 -11.76 -13.45
C GLY B 399 -7.47 -12.24 -14.29
N ALA B 400 -7.79 -12.93 -15.38
CA ALA B 400 -6.79 -13.69 -16.09
C ALA B 400 -5.97 -12.83 -17.03
N HIS B 401 -6.61 -11.93 -17.76
CA HIS B 401 -5.86 -10.97 -18.54
C HIS B 401 -5.14 -10.05 -17.58
N LEU B 402 -5.84 -9.70 -16.50
CA LEU B 402 -5.30 -8.81 -15.48
C LEU B 402 -4.03 -9.37 -14.88
N GLU B 403 -3.97 -10.69 -14.74
CA GLU B 403 -2.76 -11.35 -14.29
C GLU B 403 -1.66 -11.20 -15.32
N ASP B 404 -2.04 -11.41 -16.57
CA ASP B 404 -1.09 -11.28 -17.64
C ASP B 404 -0.55 -9.87 -17.65
N ALA B 405 -1.38 -8.91 -17.29
CA ALA B 405 -0.92 -7.53 -17.25
C ALA B 405 0.14 -7.38 -16.19
N ARG B 406 -0.16 -7.90 -15.01
CA ARG B 406 0.73 -7.70 -13.88
C ARG B 406 2.08 -8.35 -14.13
N LYS B 407 2.10 -9.56 -14.68
CA LYS B 407 3.37 -10.24 -14.89
C LYS B 407 4.20 -9.41 -15.86
N MET B 408 3.55 -9.00 -16.94
CA MET B 408 4.14 -8.08 -17.93
C MET B 408 4.79 -6.84 -17.28
N ALA B 409 4.08 -6.17 -16.40
CA ALA B 409 4.63 -5.05 -15.64
C ALA B 409 5.88 -5.43 -14.83
N GLU B 410 5.83 -6.58 -14.18
CA GLU B 410 6.98 -7.07 -13.42
C GLU B 410 8.22 -7.29 -14.30
N LYS B 411 8.04 -8.05 -15.38
CA LYS B 411 9.10 -8.33 -16.36
C LYS B 411 9.62 -7.03 -16.96
N GLU B 412 8.78 -6.00 -16.95
CA GLU B 412 9.15 -4.69 -17.49
C GLU B 412 9.81 -3.82 -16.42
N GLY B 413 9.99 -4.37 -15.23
CA GLY B 413 10.72 -3.71 -14.17
C GLY B 413 9.86 -2.73 -13.42
N LEU B 414 8.56 -2.84 -13.65
CA LEU B 414 7.60 -2.03 -12.94
C LEU B 414 7.11 -2.73 -11.69
N ASN B 415 6.24 -2.05 -10.96
CA ASN B 415 5.61 -2.64 -9.80
C ASN B 415 4.20 -3.17 -10.11
N PRO B 416 4.03 -4.51 -10.15
CA PRO B 416 2.71 -5.12 -10.38
C PRO B 416 1.71 -4.89 -9.25
N ASN B 417 2.11 -4.22 -8.18
CA ASN B 417 1.20 -3.93 -7.08
C ASN B 417 0.72 -2.48 -7.10
N LYS B 418 1.19 -1.72 -8.08
CA LYS B 418 0.73 -0.35 -8.29
C LYS B 418 -0.12 -0.23 -9.54
N TRP B 419 -1.32 0.28 -9.37
CA TRP B 419 -2.25 0.42 -10.47
C TRP B 419 -1.68 1.35 -11.57
N LEU B 420 -1.06 2.46 -11.18
CA LEU B 420 -0.46 3.38 -12.13
C LEU B 420 0.51 2.65 -13.07
N ASP B 421 1.24 1.65 -12.56
CA ASP B 421 2.13 0.88 -13.41
C ASP B 421 1.42 -0.15 -14.30
N VAL B 422 0.59 -0.99 -13.69
CA VAL B 422 -0.07 -2.09 -14.40
C VAL B 422 -1.03 -1.57 -15.42
N LYS B 423 -1.57 -0.39 -15.18
CA LYS B 423 -2.51 0.21 -16.11
C LYS B 423 -1.78 0.53 -17.41
N LYS B 424 -0.54 0.98 -17.33
CA LYS B 424 0.29 1.17 -18.53
C LYS B 424 0.53 -0.12 -19.37
N MET B 425 0.43 -1.28 -18.74
CA MET B 425 0.64 -2.52 -19.46
C MET B 425 -0.60 -2.95 -20.24
N LEU B 426 -1.77 -2.57 -19.75
CA LEU B 426 -3.04 -3.12 -20.23
C LEU B 426 -3.34 -2.89 -21.70
N PRO B 427 -3.10 -1.68 -22.23
CA PRO B 427 -3.33 -1.52 -23.67
C PRO B 427 -2.46 -2.41 -24.58
N ARG B 428 -1.40 -2.98 -24.02
CA ARG B 428 -0.53 -3.83 -24.82
C ARG B 428 -1.18 -5.17 -25.09
N LEU B 429 -2.18 -5.54 -24.29
CA LEU B 429 -2.90 -6.78 -24.54
C LEU B 429 -3.67 -6.74 -25.87
N ALA B 430 -3.81 -5.55 -26.43
CA ALA B 430 -4.48 -5.41 -27.73
C ALA B 430 -3.47 -5.47 -28.89
N GLN B 431 -2.18 -5.67 -28.56
CA GLN B 431 -1.09 -5.72 -29.56
C GLN B 431 -0.40 -7.07 -29.64
N LYS B 432 -0.36 -7.67 -30.83
CA LYS B 432 0.04 -9.06 -30.96
C LYS B 432 1.47 -9.29 -30.52
N GLN B 433 2.36 -8.39 -30.93
CA GLN B 433 3.75 -8.45 -30.52
C GLN B 433 3.88 -8.65 -29.01
N TRP B 434 3.00 -8.01 -28.25
CA TRP B 434 2.94 -8.19 -26.80
C TRP B 434 2.06 -9.33 -26.28
N TYR B 435 0.87 -9.53 -26.85
CA TYR B 435 -0.03 -10.53 -26.29
C TYR B 435 0.27 -11.94 -26.77
N ALA B 436 1.20 -12.07 -27.70
CA ALA B 436 1.63 -13.39 -28.15
C ALA B 436 2.40 -14.11 -27.05
N LYS B 437 2.90 -13.33 -26.10
CA LYS B 437 3.82 -13.83 -25.10
C LYS B 437 3.11 -14.18 -23.79
N THR B 438 1.92 -13.63 -23.59
CA THR B 438 1.09 -13.90 -22.41
C THR B 438 0.32 -15.22 -22.50
N ARG B 439 -0.20 -15.69 -21.37
CA ARG B 439 -0.94 -16.96 -21.35
C ARG B 439 -2.31 -16.86 -21.98
N TYR B 440 -2.96 -15.71 -21.78
CA TYR B 440 -4.35 -15.57 -22.19
C TYR B 440 -4.51 -14.72 -23.44
N GLY B 441 -3.40 -14.14 -23.93
CA GLY B 441 -3.38 -13.59 -25.27
C GLY B 441 -4.12 -12.27 -25.41
N TYR B 442 -4.81 -12.10 -26.54
CA TYR B 442 -5.49 -10.86 -26.84
C TYR B 442 -6.58 -10.45 -25.86
N ALA B 443 -6.57 -9.17 -25.47
CA ALA B 443 -7.66 -8.53 -24.75
C ALA B 443 -7.75 -7.06 -25.14
N ARG B 444 -8.95 -6.51 -25.28
CA ARG B 444 -9.05 -5.08 -25.55
C ARG B 444 -8.66 -4.31 -24.29
N GLY B 445 -7.37 -4.31 -24.00
CA GLY B 445 -6.91 -3.83 -22.73
C GLY B 445 -7.19 -2.37 -22.51
N GLY B 446 -7.04 -1.57 -23.56
CA GLY B 446 -7.27 -0.15 -23.49
C GLY B 446 -8.67 0.26 -23.06
N GLU B 447 -9.68 -0.54 -23.39
CA GLU B 447 -11.02 -0.26 -22.89
C GLU B 447 -11.13 -0.45 -21.37
N THR B 448 -10.38 -1.40 -20.85
CA THR B 448 -10.42 -1.67 -19.42
C THR B 448 -9.83 -0.46 -18.71
N VAL B 449 -8.76 0.11 -19.27
CA VAL B 449 -8.21 1.35 -18.72
C VAL B 449 -9.24 2.49 -18.74
N HIS B 450 -9.88 2.72 -19.89
CA HIS B 450 -10.98 3.71 -19.99
C HIS B 450 -12.07 3.48 -18.94
N PHE B 451 -12.41 2.20 -18.74
CA PHE B 451 -13.41 1.81 -17.76
C PHE B 451 -13.07 2.29 -16.36
N VAL B 452 -11.82 2.10 -15.95
CA VAL B 452 -11.44 2.34 -14.57
C VAL B 452 -11.37 3.84 -14.34
N GLN B 453 -10.75 4.53 -15.29
CA GLN B 453 -10.65 5.98 -15.23
C GLN B 453 -12.02 6.64 -15.10
N ASN B 454 -13.03 6.05 -15.73
CA ASN B 454 -14.39 6.59 -15.70
C ASN B 454 -15.11 6.33 -14.38
N VAL B 455 -15.15 5.07 -13.95
CA VAL B 455 -15.81 4.75 -12.69
C VAL B 455 -15.18 5.57 -11.59
N ARG B 456 -13.89 5.85 -11.71
CA ARG B 456 -13.23 6.71 -10.73
C ARG B 456 -13.66 8.18 -10.89
N ARG B 457 -13.80 8.62 -12.14
CA ARG B 457 -14.23 9.98 -12.44
C ARG B 457 -15.57 10.17 -11.78
N TYR B 458 -16.44 9.16 -11.89
CA TYR B 458 -17.79 9.25 -11.31
C TYR B 458 -17.75 9.12 -9.80
N TYR B 459 -16.91 8.22 -9.33
CA TYR B 459 -16.72 8.04 -7.91
C TYR B 459 -16.27 9.34 -7.28
N ASP B 460 -15.24 9.95 -7.84
CA ASP B 460 -14.80 11.27 -7.41
C ASP B 460 -15.95 12.29 -7.35
N ILE B 461 -16.68 12.44 -8.43
CA ILE B 461 -17.79 13.40 -8.49
C ILE B 461 -18.82 13.15 -7.38
N LEU B 462 -19.14 11.88 -7.12
CA LEU B 462 -20.07 11.54 -6.07
C LEU B 462 -19.59 11.91 -4.66
N THR B 463 -18.31 11.71 -4.36
CA THR B 463 -17.87 11.98 -2.98
C THR B 463 -17.68 13.48 -2.77
N TRP B 464 -17.55 14.24 -3.85
CA TRP B 464 -17.48 15.70 -3.74
C TRP B 464 -18.88 16.29 -3.56
N VAL B 465 -19.91 15.56 -3.96
CA VAL B 465 -21.28 16.01 -3.71
C VAL B 465 -21.85 15.32 -2.46
N THR B 466 -21.00 15.14 -1.45
CA THR B 466 -21.39 14.73 -0.08
C THR B 466 -20.16 14.54 0.84
N GLN B 467 -19.64 15.59 1.48
CA GLN B 467 -19.99 16.96 1.18
C GLN B 467 -18.68 17.77 1.10
N LYS C 50 2.09 -3.79 49.39
CA LYS C 50 2.76 -4.19 50.63
C LYS C 50 1.74 -4.67 51.66
N GLU C 51 1.28 -3.76 52.51
CA GLU C 51 0.25 -4.08 53.50
C GLU C 51 -0.47 -2.84 54.03
N GLY C 52 0.26 -1.98 54.75
CA GLY C 52 -0.28 -0.69 55.19
C GLY C 52 -0.42 0.26 54.00
N VAL C 53 -1.24 1.30 54.15
CA VAL C 53 -1.51 2.18 53.01
C VAL C 53 -1.48 3.67 53.35
N LEU C 54 -0.83 4.47 52.51
CA LEU C 54 -0.89 5.94 52.65
C LEU C 54 -1.81 6.63 51.62
N ARG C 55 -2.96 7.10 52.07
CA ARG C 55 -3.90 7.78 51.15
C ARG C 55 -3.52 9.24 50.95
N VAL C 56 -3.12 9.61 49.74
CA VAL C 56 -2.73 10.99 49.44
C VAL C 56 -3.76 11.60 48.49
N ILE C 57 -4.30 12.75 48.86
CA ILE C 57 -5.20 13.42 47.91
C ILE C 57 -4.48 14.57 47.21
N THR C 58 -4.77 14.73 45.92
CA THR C 58 -4.05 15.69 45.09
C THR C 58 -4.93 16.17 43.96
N ARG C 59 -4.32 16.87 43.00
CA ARG C 59 -5.01 17.44 41.85
C ARG C 59 -4.58 16.77 40.55
N ASN C 60 -5.55 16.47 39.67
CA ASN C 60 -5.21 16.01 38.32
C ASN C 60 -4.73 17.22 37.56
N SER C 61 -3.43 17.28 37.34
CA SER C 61 -2.79 18.50 36.91
C SER C 61 -1.32 18.23 36.59
N PRO C 62 -0.81 18.85 35.53
CA PRO C 62 0.57 18.64 35.08
C PRO C 62 1.61 19.03 36.12
N ALA C 63 1.26 19.94 37.02
CA ALA C 63 2.19 20.32 38.09
C ALA C 63 2.27 19.21 39.11
N THR C 64 1.11 18.73 39.51
CA THR C 64 0.98 17.78 40.59
C THR C 64 1.05 16.30 40.21
N TYR C 65 0.05 15.83 39.47
CA TYR C 65 -0.20 14.39 39.23
C TYR C 65 -1.06 14.07 37.99
N PHE C 66 -0.58 13.19 37.11
CA PHE C 66 -1.37 12.79 35.95
C PHE C 66 -0.86 11.50 35.30
N GLN C 67 -1.43 11.13 34.16
CA GLN C 67 -0.98 9.98 33.42
C GLN C 67 -0.30 10.30 32.08
N ASP C 68 0.90 9.79 31.88
CA ASP C 68 1.53 9.90 30.59
C ASP C 68 1.49 8.51 29.95
N ARG C 69 2.24 8.36 28.87
CA ARG C 69 2.38 7.09 28.17
C ARG C 69 2.75 5.96 29.11
N ASN C 70 3.55 6.27 30.12
CA ASN C 70 4.25 5.23 30.87
C ASN C 70 3.72 5.01 32.30
N GLY C 71 2.49 5.43 32.55
CA GLY C 71 1.90 5.22 33.87
C GLY C 71 1.59 6.51 34.60
N GLU C 72 1.62 6.45 35.94
CA GLU C 72 1.38 7.63 36.75
C GLU C 72 2.64 8.44 36.82
N THR C 73 2.48 9.72 37.12
CA THR C 73 3.60 10.64 37.11
C THR C 73 3.14 11.95 37.72
N GLY C 74 4.07 12.89 37.83
CA GLY C 74 3.80 14.17 38.43
C GLY C 74 4.84 14.45 39.48
N PHE C 75 5.10 15.73 39.72
CA PHE C 75 6.00 16.12 40.79
C PHE C 75 5.51 15.64 42.18
N GLU C 76 4.23 15.86 42.47
CA GLU C 76 3.73 15.54 43.80
C GLU C 76 3.61 14.06 43.90
N TYR C 77 3.19 13.45 42.80
CA TYR C 77 3.16 11.99 42.76
C TYR C 77 4.53 11.38 43.11
N GLU C 78 5.56 11.73 42.34
CA GLU C 78 6.89 11.19 42.57
C GLU C 78 7.36 11.43 43.99
N LEU C 79 7.10 12.62 44.52
CA LEU C 79 7.52 12.95 45.86
C LEU C 79 6.68 12.17 46.88
N ALA C 80 5.36 12.19 46.75
CA ALA C 80 4.50 11.36 47.62
C ALA C 80 4.86 9.86 47.51
N LYS C 81 5.15 9.39 46.31
CA LYS C 81 5.35 7.97 46.08
C LYS C 81 6.51 7.46 46.87
N ARG C 82 7.51 8.32 47.08
CA ARG C 82 8.71 7.86 47.76
C ARG C 82 8.78 8.25 49.21
N PHE C 83 7.94 9.17 49.62
CA PHE C 83 7.63 9.24 51.03
C PHE C 83 7.01 7.90 51.45
N ALA C 84 6.24 7.30 50.56
CA ALA C 84 5.49 6.09 50.87
C ALA C 84 6.42 4.89 50.98
N GLU C 85 7.42 4.88 50.11
CA GLU C 85 8.40 3.82 50.13
C GLU C 85 9.15 3.88 51.44
N ARG C 86 9.36 5.11 51.94
CA ARG C 86 10.09 5.33 53.19
C ARG C 86 9.40 4.76 54.44
N LEU C 87 8.07 4.86 54.51
CA LEU C 87 7.28 4.20 55.56
C LEU C 87 7.08 2.74 55.22
N GLY C 88 7.34 2.41 53.96
CA GLY C 88 7.13 1.07 53.47
C GLY C 88 5.66 0.70 53.47
N VAL C 89 4.83 1.61 52.97
CA VAL C 89 3.41 1.34 52.83
C VAL C 89 3.01 1.56 51.38
N GLU C 90 1.93 0.93 50.94
CA GLU C 90 1.43 1.16 49.59
C GLU C 90 0.85 2.57 49.45
N LEU C 91 1.10 3.21 48.32
CA LEU C 91 0.57 4.55 48.04
C LEU C 91 -0.72 4.46 47.23
N LYS C 92 -1.72 5.23 47.64
CA LYS C 92 -2.98 5.28 46.92
C LYS C 92 -3.37 6.76 46.65
N ILE C 93 -3.10 7.27 45.45
CA ILE C 93 -3.47 8.65 45.10
C ILE C 93 -4.97 8.83 44.86
N GLU C 94 -5.52 9.94 45.35
CA GLU C 94 -6.92 10.27 45.08
C GLU C 94 -7.00 11.68 44.51
N THR C 95 -7.74 11.83 43.42
CA THR C 95 -8.00 13.15 42.82
C THR C 95 -9.24 13.81 43.42
N ALA C 96 -9.09 15.04 43.89
CA ALA C 96 -10.23 15.85 44.30
C ALA C 96 -10.75 16.61 43.10
N ASP C 97 -12.04 16.97 43.13
CA ASP C 97 -12.70 17.62 42.00
C ASP C 97 -12.38 19.10 41.91
N ASN C 98 -11.98 19.67 43.03
CA ASN C 98 -11.66 21.08 43.13
C ASN C 98 -11.04 21.30 44.48
N LEU C 99 -10.43 22.47 44.63
CA LEU C 99 -9.78 22.83 45.89
C LEU C 99 -10.71 22.74 47.09
N ASP C 100 -11.94 23.24 46.97
CA ASP C 100 -12.86 23.19 48.10
C ASP C 100 -13.16 21.76 48.55
N ASP C 101 -13.30 20.85 47.58
CA ASP C 101 -13.48 19.43 47.85
C ASP C 101 -12.27 18.83 48.54
N LEU C 102 -11.09 19.17 48.06
CA LEU C 102 -9.84 18.66 48.62
C LEU C 102 -9.75 18.91 50.10
N TYR C 103 -9.99 20.15 50.49
CA TYR C 103 -9.97 20.53 51.89
C TYR C 103 -11.10 19.85 52.68
N ALA C 104 -12.25 19.69 52.05
CA ALA C 104 -13.40 19.04 52.65
C ALA C 104 -13.09 17.58 52.99
N GLN C 105 -12.56 16.85 52.00
CA GLN C 105 -12.10 15.46 52.15
C GLN C 105 -11.12 15.30 53.27
N LEU C 106 -10.10 16.16 53.21
CA LEU C 106 -8.97 16.11 54.08
C LEU C 106 -9.35 16.24 55.57
N SER C 107 -10.46 16.93 55.83
CA SER C 107 -10.90 17.17 57.19
C SER C 107 -12.06 16.29 57.63
N ARG C 108 -12.55 15.43 56.74
CA ARG C 108 -13.56 14.44 57.14
C ARG C 108 -12.86 13.25 57.79
N GLU C 109 -13.34 12.85 58.97
CA GLU C 109 -12.77 11.69 59.68
C GLU C 109 -12.76 10.48 58.74
N GLY C 110 -11.69 9.69 58.79
CA GLY C 110 -11.50 8.62 57.84
C GLY C 110 -11.35 9.17 56.44
N GLY C 111 -10.56 10.24 56.35
CA GLY C 111 -10.26 10.87 55.09
C GLY C 111 -8.89 10.44 54.67
N PRO C 112 -8.32 11.12 53.67
CA PRO C 112 -6.97 10.75 53.25
C PRO C 112 -5.95 11.27 54.27
N ALA C 113 -4.71 10.79 54.21
CA ALA C 113 -3.77 11.02 55.30
C ALA C 113 -3.09 12.36 55.13
N LEU C 114 -2.97 12.79 53.87
CA LEU C 114 -2.36 14.07 53.60
C LEU C 114 -2.71 14.54 52.19
N ALA C 115 -2.70 15.86 51.96
CA ALA C 115 -2.90 16.45 50.64
C ALA C 115 -1.58 16.98 50.08
N ALA C 116 -1.20 16.53 48.90
CA ALA C 116 0.07 16.95 48.28
C ALA C 116 -0.22 17.53 46.92
N ALA C 117 -0.19 18.84 46.80
CA ALA C 117 -0.88 19.46 45.66
C ALA C 117 -0.55 20.92 45.39
N GLY C 118 0.64 21.37 45.76
CA GLY C 118 1.07 22.73 45.48
C GLY C 118 0.32 23.72 46.31
N LEU C 119 0.07 23.32 47.56
CA LEU C 119 -0.73 24.10 48.47
C LEU C 119 0.13 25.11 49.21
N THR C 120 -0.44 26.29 49.44
CA THR C 120 0.19 27.32 50.22
C THR C 120 -0.45 27.32 51.60
N PRO C 121 0.39 27.29 52.65
CA PRO C 121 -0.07 27.29 54.04
C PRO C 121 -1.02 28.45 54.32
N GLY C 122 -2.08 28.15 55.04
CA GLY C 122 -3.06 29.17 55.37
C GLY C 122 -2.66 29.95 56.60
N ARG C 123 -3.53 30.89 56.95
CA ARG C 123 -3.40 31.74 58.13
C ARG C 123 -2.92 30.98 59.38
N GLU C 124 -2.09 31.68 60.16
CA GLU C 124 -1.42 31.15 61.33
C GLU C 124 -2.37 30.81 62.47
N ASP C 125 -3.47 31.55 62.56
CA ASP C 125 -4.40 31.41 63.68
C ASP C 125 -5.50 30.36 63.40
N ASP C 126 -5.27 29.50 62.43
CA ASP C 126 -6.20 28.43 62.09
C ASP C 126 -5.53 27.05 62.25
N ALA C 127 -6.26 26.12 62.85
CA ALA C 127 -5.72 24.82 63.17
C ALA C 127 -6.42 23.69 62.41
N SER C 128 -7.49 24.03 61.70
CA SER C 128 -8.25 23.08 60.90
C SER C 128 -7.36 22.29 59.95
N VAL C 129 -6.32 22.95 59.48
CA VAL C 129 -5.38 22.36 58.56
C VAL C 129 -3.97 22.61 59.08
N ARG C 130 -3.14 21.57 59.03
CA ARG C 130 -1.73 21.69 59.37
C ARG C 130 -0.82 21.58 58.13
N TYR C 131 0.18 22.44 58.02
CA TYR C 131 1.09 22.33 56.89
C TYR C 131 2.47 21.77 57.28
N SER C 132 3.08 21.06 56.35
CA SER C 132 4.42 20.53 56.50
C SER C 132 5.49 21.61 56.36
N HIS C 133 6.72 21.20 56.53
CA HIS C 133 7.85 22.02 56.14
C HIS C 133 7.68 22.23 54.63
N THR C 134 8.17 23.36 54.12
CA THR C 134 8.02 23.67 52.69
C THR C 134 9.03 22.92 51.84
N TYR C 135 8.67 22.66 50.58
CA TYR C 135 9.51 21.88 49.65
C TYR C 135 9.75 22.57 48.31
N LEU C 136 9.20 23.76 48.10
CA LEU C 136 9.39 24.49 46.84
C LEU C 136 8.94 25.96 46.93
N ASP C 137 9.86 26.89 46.67
CA ASP C 137 9.57 28.33 46.71
C ASP C 137 8.87 28.80 45.43
N VAL C 138 7.80 29.55 45.59
CA VAL C 138 7.11 30.12 44.45
C VAL C 138 6.67 31.53 44.80
N THR C 139 6.37 32.28 43.77
CA THR C 139 5.97 33.64 43.95
C THR C 139 4.73 33.81 43.07
N PRO C 140 3.61 34.30 43.63
CA PRO C 140 2.39 34.44 42.85
C PRO C 140 2.54 35.57 41.83
N GLN C 141 2.04 35.37 40.62
CA GLN C 141 2.25 36.32 39.52
C GLN C 141 0.94 36.57 38.81
N ILE C 142 0.72 37.84 38.45
CA ILE C 142 -0.38 38.22 37.56
C ILE C 142 0.06 38.03 36.09
N ILE C 143 -0.84 37.45 35.29
CA ILE C 143 -0.50 37.11 33.92
C ILE C 143 -1.37 37.87 32.94
N TYR C 144 -0.77 38.57 32.00
CA TYR C 144 -1.54 39.28 30.98
C TYR C 144 -1.26 38.66 29.64
N ARG C 145 -1.84 39.22 28.58
CA ARG C 145 -1.71 38.64 27.25
C ARG C 145 -0.97 39.56 26.31
N ASN C 146 0.16 39.10 25.77
CA ASN C 146 1.00 39.98 24.99
C ASN C 146 0.23 40.60 23.84
N GLY C 147 0.51 41.87 23.57
CA GLY C 147 -0.25 42.63 22.59
C GLY C 147 -1.20 43.55 23.33
N GLN C 148 -1.77 43.05 24.42
CA GLN C 148 -2.56 43.91 25.29
C GLN C 148 -1.58 44.65 26.19
N GLN C 149 -2.08 45.52 27.07
CA GLN C 149 -1.17 46.34 27.88
C GLN C 149 -0.89 45.78 29.28
N ARG C 150 0.35 45.98 29.74
CA ARG C 150 0.85 45.43 30.97
C ARG C 150 0.34 46.18 32.20
N PRO C 151 -0.47 45.51 33.04
CA PRO C 151 -0.73 46.11 34.35
C PRO C 151 0.55 46.10 35.17
N THR C 152 0.91 47.26 35.76
CA THR C 152 2.16 47.39 36.48
C THR C 152 1.94 47.34 37.99
N ARG C 153 0.78 47.87 38.40
CA ARG C 153 0.46 48.12 39.80
C ARG C 153 -0.80 47.33 40.12
N PRO C 154 -0.94 46.85 41.36
CA PRO C 154 -2.14 46.08 41.74
C PRO C 154 -3.50 46.74 41.39
N GLU C 155 -3.69 48.05 41.56
CA GLU C 155 -5.01 48.60 41.21
C GLU C 155 -5.25 48.68 39.70
N ASP C 156 -4.25 48.33 38.90
CA ASP C 156 -4.45 48.25 37.47
C ASP C 156 -5.25 47.01 37.10
N LEU C 157 -5.62 46.19 38.09
CA LEU C 157 -6.41 44.99 37.82
C LEU C 157 -7.89 45.29 37.91
N VAL C 158 -8.22 46.52 38.24
CA VAL C 158 -9.61 46.90 38.25
C VAL C 158 -10.04 47.23 36.84
N GLY C 159 -11.10 46.58 36.36
CA GLY C 159 -11.64 46.83 35.04
C GLY C 159 -11.46 45.68 34.07
N LYS C 160 -10.50 44.82 34.36
CA LYS C 160 -10.20 43.70 33.48
C LYS C 160 -11.04 42.49 33.89
N ARG C 161 -11.27 41.55 32.97
CA ARG C 161 -11.89 40.28 33.32
C ARG C 161 -10.84 39.36 33.90
N ILE C 162 -11.02 38.98 35.16
CA ILE C 162 -10.06 38.14 35.86
C ILE C 162 -10.70 36.81 36.25
N MET C 163 -9.93 35.71 36.16
CA MET C 163 -10.40 34.40 36.64
C MET C 163 -9.33 33.64 37.39
N VAL C 164 -9.64 33.23 38.63
CA VAL C 164 -8.78 32.32 39.41
C VAL C 164 -9.55 31.12 39.91
N LEU C 165 -8.86 30.13 40.46
CA LEU C 165 -9.55 28.93 40.94
C LEU C 165 -10.32 29.20 42.25
N LYS C 166 -11.54 28.69 42.35
CA LYS C 166 -12.35 28.88 43.57
C LYS C 166 -11.85 28.06 44.74
N GLY C 167 -11.48 28.75 45.80
CA GLY C 167 -11.08 28.11 47.04
C GLY C 167 -9.57 28.11 47.14
N SER C 168 -8.93 28.93 46.33
CA SER C 168 -7.49 28.96 46.29
C SER C 168 -6.91 30.12 47.07
N SER C 169 -5.64 29.99 47.38
CA SER C 169 -4.88 31.06 47.98
C SER C 169 -4.88 32.32 47.09
N HIS C 170 -4.86 32.14 45.76
CA HIS C 170 -4.92 33.29 44.87
C HIS C 170 -6.29 33.98 44.86
N ALA C 171 -7.35 33.18 44.98
CA ALA C 171 -8.69 33.74 45.19
C ALA C 171 -8.76 34.64 46.46
N GLU C 172 -8.23 34.14 47.57
CA GLU C 172 -8.25 34.91 48.81
C GLU C 172 -7.41 36.16 48.64
N GLN C 173 -6.40 36.08 47.78
CA GLN C 173 -5.53 37.22 47.52
C GLN C 173 -6.27 38.37 46.87
N LEU C 174 -7.08 38.05 45.87
CA LEU C 174 -7.90 39.07 45.18
C LEU C 174 -8.96 39.59 46.14
N ALA C 175 -9.46 38.70 46.99
CA ALA C 175 -10.39 39.08 48.04
C ALA C 175 -9.88 40.24 48.91
N GLU C 176 -8.69 40.07 49.49
CA GLU C 176 -8.02 41.11 50.27
C GLU C 176 -7.86 42.40 49.48
N LEU C 177 -7.59 42.25 48.18
CA LEU C 177 -7.35 43.38 47.30
C LEU C 177 -8.63 44.16 47.02
N LYS C 178 -9.77 43.46 47.06
CA LYS C 178 -11.07 44.07 46.81
C LYS C 178 -11.53 44.92 48.02
N LYS C 179 -10.99 44.60 49.18
CA LYS C 179 -11.26 45.39 50.37
C LYS C 179 -10.61 46.78 50.26
N GLN C 180 -9.53 46.85 49.49
CA GLN C 180 -8.83 48.11 49.26
C GLN C 180 -9.46 48.89 48.10
N TYR C 181 -9.41 48.30 46.90
CA TYR C 181 -10.12 48.81 45.73
C TYR C 181 -11.41 48.04 45.50
N PRO C 182 -12.56 48.60 45.92
CA PRO C 182 -13.81 47.84 45.87
C PRO C 182 -14.43 47.65 44.48
N GLU C 183 -14.18 48.53 43.50
CA GLU C 183 -14.85 48.31 42.22
C GLU C 183 -14.09 47.27 41.36
N LEU C 184 -13.08 46.63 41.96
CA LEU C 184 -12.47 45.43 41.41
C LEU C 184 -13.43 44.24 41.29
N LYS C 185 -13.66 43.75 40.07
CA LYS C 185 -14.43 42.51 39.85
C LYS C 185 -13.48 41.37 39.49
N TYR C 186 -13.81 40.14 39.89
CA TYR C 186 -13.07 38.93 39.46
C TYR C 186 -13.97 37.66 39.50
N GLU C 187 -13.60 36.62 38.75
CA GLU C 187 -14.40 35.37 38.71
C GLU C 187 -13.67 34.15 39.27
N GLU C 188 -14.37 33.32 40.01
CA GLU C 188 -13.76 32.08 40.48
C GLU C 188 -14.65 30.90 40.08
N SER C 189 -14.02 29.85 39.56
CA SER C 189 -14.74 28.68 39.10
C SER C 189 -14.15 27.38 39.67
N ASP C 190 -15.01 26.36 39.80
CA ASP C 190 -14.61 24.99 40.16
C ASP C 190 -14.38 24.14 38.93
N ALA C 191 -14.36 24.76 37.74
CA ALA C 191 -14.36 23.99 36.50
C ALA C 191 -13.09 24.22 35.70
N VAL C 192 -12.10 24.79 36.35
CA VAL C 192 -10.85 25.05 35.68
C VAL C 192 -9.71 24.64 36.59
N GLU C 193 -8.61 24.23 35.96
CA GLU C 193 -7.32 24.08 36.64
C GLU C 193 -6.39 25.21 36.11
N VAL C 194 -5.17 25.28 36.61
CA VAL C 194 -4.28 26.37 36.25
C VAL C 194 -3.92 26.33 34.77
N VAL C 195 -3.88 25.13 34.20
CA VAL C 195 -3.58 25.01 32.78
C VAL C 195 -4.70 25.63 31.94
N ASP C 196 -5.92 25.63 32.45
CA ASP C 196 -7.07 26.26 31.83
C ASP C 196 -6.96 27.77 31.89
N LEU C 197 -6.50 28.26 33.04
CA LEU C 197 -6.43 29.69 33.28
C LEU C 197 -5.45 30.32 32.32
N LEU C 198 -4.41 29.56 31.99
CA LEU C 198 -3.37 30.10 31.13
C LEU C 198 -3.85 30.07 29.69
N ARG C 199 -4.56 28.99 29.33
CA ARG C 199 -5.20 28.90 28.01
C ARG C 199 -6.11 30.10 27.76
N MET C 200 -7.00 30.36 28.72
CA MET C 200 -8.01 31.40 28.61
C MET C 200 -7.41 32.80 28.30
N VAL C 201 -6.20 33.05 28.82
CA VAL C 201 -5.47 34.29 28.57
C VAL C 201 -4.76 34.28 27.22
N ASP C 202 -4.13 33.14 26.92
CA ASP C 202 -3.38 32.96 25.69
C ASP C 202 -4.24 33.26 24.49
N VAL C 203 -5.52 32.91 24.59
CA VAL C 203 -6.42 33.02 23.45
C VAL C 203 -7.30 34.27 23.50
N GLY C 204 -7.32 34.96 24.65
CA GLY C 204 -8.03 36.21 24.79
C GLY C 204 -9.42 36.13 25.40
N ASP C 205 -9.80 34.94 25.87
CA ASP C 205 -11.10 34.72 26.50
C ASP C 205 -11.21 35.41 27.87
N ILE C 206 -10.08 35.64 28.54
CA ILE C 206 -10.06 36.53 29.71
C ILE C 206 -8.80 37.38 29.63
N ASP C 207 -8.73 38.42 30.46
CA ASP C 207 -7.66 39.40 30.36
C ASP C 207 -6.46 39.09 31.30
N LEU C 208 -6.74 38.79 32.56
CA LEU C 208 -5.70 38.51 33.54
C LEU C 208 -5.93 37.20 34.29
N THR C 209 -4.89 36.69 34.91
CA THR C 209 -5.11 35.67 35.95
C THR C 209 -4.00 35.74 36.99
N LEU C 210 -4.11 34.91 38.02
CA LEU C 210 -3.13 34.92 39.09
C LEU C 210 -2.76 33.48 39.51
N VAL C 211 -1.54 33.10 39.18
CA VAL C 211 -1.05 31.74 39.45
C VAL C 211 0.32 31.78 40.13
N ASP C 212 0.68 30.67 40.77
CA ASP C 212 1.99 30.54 41.37
C ASP C 212 3.03 30.45 40.27
N SER C 213 4.15 31.15 40.43
CA SER C 213 5.20 31.17 39.42
C SER C 213 5.68 29.82 38.90
N ASN C 214 5.55 28.76 39.69
CA ASN C 214 6.00 27.45 39.24
C ASN C 214 5.14 26.96 38.08
N GLU C 215 3.85 27.31 38.11
CA GLU C 215 2.91 26.83 37.11
C GLU C 215 3.14 27.55 35.81
N LEU C 216 3.60 28.80 35.92
CA LEU C 216 3.94 29.52 34.72
C LEU C 216 5.30 29.00 34.16
N ALA C 217 6.17 28.52 35.04
CA ALA C 217 7.49 28.05 34.62
C ALA C 217 7.39 26.76 33.81
N MET C 218 6.36 25.96 34.13
CA MET C 218 6.21 24.64 33.52
C MET C 218 5.38 24.67 32.26
N ASN C 219 4.56 25.71 32.08
CA ASN C 219 3.56 25.77 31.00
C ASN C 219 3.77 26.80 29.89
N GLN C 220 4.67 27.77 30.10
CA GLN C 220 4.74 28.92 29.19
C GLN C 220 5.18 28.55 27.79
N VAL C 221 5.98 27.48 27.68
CA VAL C 221 6.31 26.90 26.38
C VAL C 221 5.04 26.67 25.54
N TYR C 222 3.96 26.28 26.23
CA TYR C 222 2.75 25.80 25.58
C TYR C 222 1.72 26.90 25.39
N PHE C 223 2.03 28.07 25.93
CA PHE C 223 1.16 29.24 25.77
C PHE C 223 2.01 30.44 25.34
N PRO C 224 2.11 30.64 24.02
CA PRO C 224 2.99 31.63 23.39
C PRO C 224 2.61 33.10 23.61
N ASN C 225 1.46 33.40 24.19
CA ASN C 225 1.09 34.81 24.34
C ASN C 225 1.10 35.32 25.79
N VAL C 226 1.20 34.41 26.75
CA VAL C 226 1.14 34.84 28.12
C VAL C 226 2.49 35.42 28.56
N ARG C 227 2.41 36.50 29.32
CA ARG C 227 3.58 37.15 29.90
C ARG C 227 3.29 37.48 31.37
N VAL C 228 4.34 37.79 32.13
CA VAL C 228 4.15 38.16 33.54
C VAL C 228 3.93 39.67 33.72
N ALA C 229 2.83 40.04 34.36
CA ALA C 229 2.54 41.44 34.63
C ALA C 229 3.54 41.95 35.64
N PHE C 230 3.47 41.37 36.83
CA PHE C 230 4.35 41.65 37.96
C PHE C 230 4.08 40.58 39.02
N ASP C 231 5.09 40.30 39.84
CA ASP C 231 4.89 39.41 40.99
C ASP C 231 3.89 40.10 41.92
N PHE C 232 3.01 39.33 42.54
CA PHE C 232 2.02 39.87 43.46
C PHE C 232 1.92 39.06 44.75
N GLY C 233 2.44 39.63 45.83
CA GLY C 233 2.60 38.92 47.08
C GLY C 233 4.04 38.44 47.22
N GLU C 234 4.54 38.38 48.46
CA GLU C 234 5.92 37.97 48.71
C GLU C 234 6.15 36.50 48.35
N ALA C 235 7.38 36.13 48.03
CA ALA C 235 7.68 34.71 47.76
C ALA C 235 7.36 33.86 49.00
N ARG C 236 6.86 32.64 48.77
CA ARG C 236 6.39 31.78 49.86
C ARG C 236 6.65 30.30 49.57
N GLY C 237 6.61 29.46 50.61
CA GLY C 237 6.84 28.04 50.43
C GLY C 237 5.60 27.18 50.34
N LEU C 238 5.61 26.24 49.40
CA LEU C 238 4.53 25.28 49.22
C LEU C 238 4.68 24.12 50.18
N ALA C 239 3.56 23.55 50.62
CA ALA C 239 3.61 22.52 51.65
C ALA C 239 2.52 21.49 51.51
N TRP C 240 2.71 20.38 52.20
CA TRP C 240 1.68 19.34 52.29
C TRP C 240 0.69 19.69 53.40
N ALA C 241 -0.59 19.41 53.18
CA ALA C 241 -1.56 19.69 54.23
C ALA C 241 -2.02 18.41 54.89
N LEU C 242 -2.11 18.43 56.20
CA LEU C 242 -2.63 17.31 56.97
C LEU C 242 -3.83 17.79 57.77
N PRO C 243 -4.71 16.86 58.17
CA PRO C 243 -5.85 17.22 59.03
C PRO C 243 -5.36 17.74 60.38
N GLY C 244 -6.01 18.74 60.94
CA GLY C 244 -5.70 19.09 62.32
C GLY C 244 -6.47 18.11 63.19
N GLY C 245 -5.85 17.58 64.23
CA GLY C 245 -4.41 17.63 64.38
C GLY C 245 -3.84 17.91 65.75
N ASP C 246 -3.89 16.95 66.67
CA ASP C 246 -3.02 17.08 67.83
C ASP C 246 -2.19 15.82 68.05
N ASP C 247 -2.33 14.86 67.13
CA ASP C 247 -1.42 13.72 67.03
C ASP C 247 -0.31 14.05 66.03
N ASP C 248 0.92 14.25 66.50
CA ASP C 248 1.97 14.68 65.60
C ASP C 248 2.72 13.53 64.93
N SER C 249 2.21 12.31 65.10
CA SER C 249 2.94 11.12 64.68
C SER C 249 3.28 11.15 63.20
N LEU C 250 2.28 11.38 62.35
CA LEU C 250 2.50 11.37 60.92
C LEU C 250 3.24 12.61 60.43
N MET C 251 2.98 13.77 61.03
CA MET C 251 3.65 14.99 60.59
C MET C 251 5.15 14.89 60.87
N ASN C 252 5.49 14.36 62.04
CA ASN C 252 6.89 14.20 62.42
C ASN C 252 7.66 13.41 61.37
N GLU C 253 7.05 12.31 60.90
CA GLU C 253 7.58 11.51 59.80
C GLU C 253 7.75 12.35 58.54
N VAL C 254 6.65 12.95 58.07
CA VAL C 254 6.64 13.80 56.88
C VAL C 254 7.76 14.85 56.91
N ASN C 255 7.99 15.46 58.07
CA ASN C 255 8.98 16.53 58.12
C ASN C 255 10.39 15.97 58.09
N ALA C 256 10.58 14.81 58.68
CA ALA C 256 11.88 14.15 58.60
C ALA C 256 12.17 13.81 57.14
N PHE C 257 11.14 13.32 56.44
CA PHE C 257 11.26 13.00 55.02
C PHE C 257 11.63 14.22 54.17
N LEU C 258 10.82 15.27 54.22
CA LEU C 258 11.09 16.46 53.42
C LEU C 258 12.42 17.10 53.79
N ASP C 259 12.76 17.10 55.07
CA ASP C 259 14.02 17.66 55.52
C ASP C 259 15.21 16.98 54.87
N GLN C 260 15.09 15.68 54.66
CA GLN C 260 16.17 14.91 54.08
C GLN C 260 16.11 14.92 52.57
N ALA C 261 14.92 15.17 52.03
CA ALA C 261 14.82 15.31 50.61
C ALA C 261 15.59 16.56 50.20
N LYS C 262 15.45 17.61 51.00
CA LYS C 262 16.16 18.85 50.72
C LYS C 262 17.66 18.55 50.73
N LYS C 263 18.15 18.04 51.85
CA LYS C 263 19.57 17.80 52.03
C LYS C 263 20.19 16.88 50.97
N GLU C 264 19.49 15.79 50.66
CA GLU C 264 19.95 14.81 49.66
C GLU C 264 19.94 15.36 48.25
N GLY C 265 19.41 16.56 48.07
CA GLY C 265 19.22 17.13 46.75
C GLY C 265 18.06 16.51 45.98
N LEU C 266 17.26 15.68 46.64
CA LEU C 266 16.10 15.09 45.99
C LEU C 266 15.11 16.17 45.57
N LEU C 267 14.89 17.16 46.42
CA LEU C 267 14.00 18.26 46.06
C LEU C 267 14.52 19.00 44.84
N GLN C 268 15.82 19.25 44.77
CA GLN C 268 16.38 19.92 43.61
C GLN C 268 16.33 19.05 42.35
N ARG C 269 16.58 17.75 42.47
CA ARG C 269 16.46 16.84 41.31
C ARG C 269 15.04 16.81 40.69
N LEU C 270 14.02 16.95 41.52
CA LEU C 270 12.66 17.00 41.04
C LEU C 270 12.36 18.39 40.47
N LYS C 271 12.64 19.41 41.26
CA LYS C 271 12.39 20.81 40.89
C LYS C 271 12.96 21.17 39.52
N ASP C 272 13.89 20.38 38.96
CA ASP C 272 14.28 20.65 37.57
C ASP C 272 14.24 19.42 36.63
N ARG C 273 13.69 18.29 37.07
CA ARG C 273 13.18 17.31 36.11
C ARG C 273 11.83 17.81 35.57
N TYR C 274 11.18 18.67 36.34
CA TYR C 274 9.81 19.08 36.00
C TYR C 274 9.68 20.53 35.56
N TYR C 275 10.66 21.38 35.85
CA TYR C 275 10.46 22.79 35.54
C TYR C 275 11.55 23.35 34.59
N GLY C 276 11.20 23.39 33.30
CA GLY C 276 11.95 24.06 32.23
C GLY C 276 13.31 23.48 31.93
N HIS C 277 13.78 23.51 30.68
CA HIS C 277 13.05 23.93 29.48
C HIS C 277 13.03 22.75 28.48
N VAL C 278 12.14 22.72 27.48
CA VAL C 278 12.30 21.73 26.38
C VAL C 278 12.09 22.34 24.93
N ASP C 279 10.84 22.64 24.54
CA ASP C 279 10.47 23.25 23.22
C ASP C 279 10.64 22.36 21.97
N VAL C 280 11.55 22.76 21.06
CA VAL C 280 11.58 22.44 19.60
C VAL C 280 10.91 21.18 19.00
N LEU C 281 10.07 21.38 17.99
CA LEU C 281 9.73 22.73 17.54
C LEU C 281 8.18 22.89 17.44
N GLY C 282 7.42 22.17 16.60
CA GLY C 282 7.81 21.55 15.35
C GLY C 282 7.65 22.70 14.38
N TYR C 283 7.70 22.46 13.07
CA TYR C 283 8.18 23.44 12.09
C TYR C 283 9.63 23.00 11.98
N VAL C 284 10.44 23.76 11.24
CA VAL C 284 11.90 23.71 11.34
C VAL C 284 12.36 24.58 10.20
N GLY C 285 11.49 24.70 9.21
CA GLY C 285 11.79 25.53 8.07
C GLY C 285 12.20 24.70 6.89
N ALA C 286 11.61 25.02 5.74
CA ALA C 286 11.93 24.35 4.49
C ALA C 286 13.39 24.60 4.05
N TYR C 287 14.28 24.81 5.01
CA TYR C 287 15.62 25.28 4.71
C TYR C 287 16.59 24.52 5.58
N THR C 288 16.35 24.55 6.88
CA THR C 288 17.20 23.78 7.76
C THR C 288 16.83 22.31 7.56
N PHE C 289 15.66 22.04 6.98
CA PHE C 289 15.28 20.67 6.66
C PHE C 289 16.03 20.16 5.43
N THR C 290 16.52 21.10 4.65
CA THR C 290 17.39 20.76 3.53
C THR C 290 18.76 20.38 4.03
N GLN C 291 19.32 21.24 4.87
CA GLN C 291 20.61 20.97 5.48
C GLN C 291 20.58 19.59 6.11
N HIS C 292 19.62 19.38 7.00
CA HIS C 292 19.49 18.11 7.71
C HIS C 292 19.26 16.92 6.79
N LEU C 293 18.66 17.17 5.64
CA LEU C 293 18.46 16.11 4.67
C LEU C 293 19.81 15.64 4.08
N GLN C 294 20.68 16.60 3.79
CA GLN C 294 22.01 16.26 3.31
C GLN C 294 22.94 15.90 4.46
N GLN C 295 22.95 16.71 5.52
CA GLN C 295 23.90 16.57 6.61
C GLN C 295 23.73 15.30 7.46
N ARG C 296 22.48 14.90 7.69
CA ARG C 296 22.15 13.91 8.71
C ARG C 296 21.58 12.60 8.18
N LEU C 297 20.53 12.74 7.37
CA LEU C 297 19.76 11.59 6.89
C LEU C 297 20.56 10.48 6.21
N PRO C 298 21.57 10.81 5.38
CA PRO C 298 22.33 9.73 4.73
C PRO C 298 22.94 8.71 5.69
N ARG C 299 23.51 9.21 6.78
CA ARG C 299 24.04 8.36 7.86
C ARG C 299 23.03 7.28 8.22
N TYR C 300 21.87 7.73 8.66
CA TYR C 300 20.83 6.85 9.15
C TYR C 300 19.75 6.54 8.11
N GLU C 301 20.09 6.47 6.82
CA GLU C 301 19.04 6.29 5.79
C GLU C 301 18.84 4.84 5.40
N SER C 302 19.92 4.13 5.15
CA SER C 302 19.77 2.72 4.84
C SER C 302 19.16 2.00 6.06
N HIS C 303 19.49 2.50 7.25
CA HIS C 303 18.95 1.97 8.51
C HIS C 303 17.41 2.01 8.52
N PHE C 304 16.86 3.19 8.22
CA PHE C 304 15.41 3.41 8.08
C PHE C 304 14.81 2.48 7.02
N LYS C 305 15.46 2.40 5.86
CA LYS C 305 15.04 1.50 4.77
C LYS C 305 15.10 0.05 5.21
N GLN C 306 16.27 -0.35 5.71
CA GLN C 306 16.47 -1.69 6.25
C GLN C 306 15.42 -2.00 7.31
N SER C 307 15.17 -1.04 8.19
CA SER C 307 14.31 -1.32 9.35
C SER C 307 12.84 -1.48 8.91
N GLY C 308 12.45 -0.88 7.79
CA GLY C 308 11.13 -1.14 7.21
C GLY C 308 11.06 -2.50 6.53
N LYS C 309 11.80 -3.49 7.07
CA LYS C 309 11.90 -4.83 6.51
C LYS C 309 10.61 -5.63 6.58
N GLN C 310 10.56 -6.65 7.45
CA GLN C 310 9.36 -7.45 7.65
C GLN C 310 8.28 -6.50 8.19
N LYS C 311 8.73 -5.35 8.67
CA LYS C 311 7.84 -4.29 9.13
C LYS C 311 6.74 -3.91 8.14
N ASP C 312 7.05 -3.94 6.85
CA ASP C 312 6.05 -3.74 5.80
C ASP C 312 5.46 -2.32 5.85
N THR C 313 6.28 -1.33 6.22
CA THR C 313 5.82 0.07 6.25
C THR C 313 6.78 1.00 5.53
N ASP C 314 6.25 2.13 5.06
CA ASP C 314 7.03 3.16 4.36
C ASP C 314 8.13 3.72 5.26
N TRP C 315 9.38 3.67 4.77
CA TRP C 315 10.52 4.16 5.54
C TRP C 315 10.46 5.67 5.72
N ARG C 316 9.83 6.36 4.77
CA ARG C 316 9.75 7.81 4.85
C ARG C 316 8.91 8.23 6.04
N LEU C 317 8.10 7.30 6.55
CA LEU C 317 7.34 7.61 7.75
C LEU C 317 8.23 7.46 8.97
N LEU C 318 8.87 6.32 9.07
CA LEU C 318 9.81 6.06 10.15
C LEU C 318 10.83 7.19 10.27
N ALA C 319 11.37 7.59 9.12
CA ALA C 319 12.27 8.72 9.03
C ALA C 319 11.61 10.01 9.50
N ALA C 320 10.36 10.22 9.10
CA ALA C 320 9.60 11.38 9.53
C ALA C 320 9.37 11.38 11.05
N ILE C 321 9.10 10.21 11.62
CA ILE C 321 9.00 10.06 13.07
C ILE C 321 10.29 10.48 13.75
N GLY C 322 11.36 9.78 13.41
CA GLY C 322 12.67 10.05 13.99
C GLY C 322 13.12 11.49 13.82
N TYR C 323 12.62 12.16 12.78
CA TYR C 323 12.99 13.55 12.61
C TYR C 323 12.25 14.39 13.63
N GLN C 324 11.02 14.03 13.92
CA GLN C 324 10.21 14.83 14.82
C GLN C 324 10.75 14.65 16.22
N GLU C 325 11.22 13.44 16.51
CA GLU C 325 11.70 13.13 17.84
C GLU C 325 13.06 13.74 18.18
N SER C 326 13.99 13.77 17.23
CA SER C 326 15.37 14.14 17.54
C SER C 326 16.13 14.78 16.40
N LEU C 327 15.43 15.15 15.33
CA LEU C 327 16.04 15.76 14.17
C LEU C 327 17.21 14.91 13.62
N TRP C 328 17.03 13.59 13.63
CA TRP C 328 18.02 12.64 13.13
C TRP C 328 19.35 12.82 13.86
N GLN C 329 19.27 13.02 15.17
CA GLN C 329 20.46 13.13 16.00
C GLN C 329 20.48 12.00 17.04
N PRO C 330 21.43 11.05 16.86
CA PRO C 330 21.43 9.76 17.54
C PRO C 330 21.65 9.83 19.02
N GLY C 331 21.92 11.02 19.56
CA GLY C 331 22.20 11.16 20.96
C GLY C 331 21.43 12.28 21.65
N ALA C 332 20.35 12.73 21.01
CA ALA C 332 19.45 13.70 21.65
C ALA C 332 18.84 13.07 22.89
N THR C 333 18.91 13.79 24.00
CA THR C 333 18.35 13.31 25.25
C THR C 333 17.32 14.28 25.79
N SER C 334 16.70 13.92 26.91
CA SER C 334 15.72 14.77 27.57
C SER C 334 15.68 14.43 29.05
N LYS C 335 15.09 15.30 29.85
CA LYS C 335 15.05 15.03 31.30
C LYS C 335 13.85 14.15 31.64
N THR C 336 12.87 14.08 30.73
CA THR C 336 11.74 13.18 30.87
C THR C 336 12.15 11.72 30.85
N GLY C 337 13.34 11.46 30.31
CA GLY C 337 13.91 10.13 30.32
C GLY C 337 13.81 9.44 28.98
N VAL C 338 13.74 10.22 27.91
CA VAL C 338 13.81 9.70 26.55
C VAL C 338 15.14 10.03 25.90
N ARG C 339 15.86 9.01 25.44
CA ARG C 339 17.13 9.20 24.76
C ARG C 339 17.09 8.65 23.35
N GLY C 340 17.93 9.20 22.49
CA GLY C 340 18.17 8.57 21.20
C GLY C 340 17.35 9.09 20.03
N LEU C 341 17.50 8.39 18.91
CA LEU C 341 17.02 8.87 17.64
C LEU C 341 15.52 8.99 17.66
N MET C 342 14.88 7.94 18.14
CA MET C 342 13.41 7.88 18.15
C MET C 342 12.88 8.16 19.57
N MET C 343 13.76 8.72 20.41
CA MET C 343 13.41 9.21 21.74
C MET C 343 12.59 8.20 22.55
N LEU C 344 13.23 7.11 22.96
CA LEU C 344 12.59 6.04 23.71
C LEU C 344 12.76 6.19 25.20
N THR C 345 11.80 5.67 25.98
CA THR C 345 11.96 5.48 27.43
C THR C 345 12.73 4.18 27.71
N ASN C 346 13.34 4.03 28.89
CA ASN C 346 14.03 2.77 29.22
C ASN C 346 13.13 1.55 29.19
N ARG C 347 11.88 1.71 29.62
CA ARG C 347 10.97 0.60 29.62
C ARG C 347 10.75 0.15 28.21
N THR C 348 10.29 1.11 27.41
CA THR C 348 9.95 0.92 26.00
C THR C 348 11.07 0.25 25.20
N ALA C 349 12.32 0.57 25.56
CA ALA C 349 13.49 0.11 24.83
C ALA C 349 13.81 -1.35 25.13
N GLN C 350 13.79 -1.72 26.41
CA GLN C 350 14.05 -3.09 26.79
C GLN C 350 12.94 -4.01 26.28
N ALA C 351 11.75 -3.43 26.12
CA ALA C 351 10.61 -4.19 25.66
C ALA C 351 10.61 -4.40 24.16
N MET C 352 11.46 -3.67 23.44
CA MET C 352 11.65 -3.92 21.99
C MET C 352 13.03 -4.53 21.71
N GLY C 353 13.84 -4.62 22.76
CA GLY C 353 15.13 -5.29 22.69
C GLY C 353 16.32 -4.39 22.45
N VAL C 354 16.21 -3.15 22.89
CA VAL C 354 17.30 -2.19 22.71
C VAL C 354 18.28 -2.19 23.90
N SER C 355 19.49 -2.67 23.62
CA SER C 355 20.57 -2.72 24.60
C SER C 355 21.10 -1.33 24.91
N ASN C 356 21.43 -0.60 23.84
CA ASN C 356 21.91 0.77 23.94
C ASN C 356 20.95 1.69 23.21
N ARG C 357 20.32 2.60 23.94
CA ARG C 357 19.33 3.49 23.34
C ARG C 357 19.97 4.54 22.44
N LEU C 358 21.29 4.64 22.52
CA LEU C 358 22.03 5.71 21.85
C LEU C 358 22.81 5.18 20.64
N ASP C 359 22.73 3.87 20.43
CA ASP C 359 23.15 3.30 19.15
C ASP C 359 22.07 3.65 18.14
N PRO C 360 22.43 4.44 17.13
CA PRO C 360 21.47 4.93 16.14
C PRO C 360 20.76 3.78 15.46
N LYS C 361 21.52 2.73 15.15
CA LYS C 361 20.99 1.52 14.56
C LYS C 361 19.87 1.02 15.46
N GLN C 362 20.21 0.71 16.71
CA GLN C 362 19.28 0.06 17.64
C GLN C 362 18.04 0.91 17.97
N SER C 363 18.22 2.23 18.01
CA SER C 363 17.15 3.13 18.36
C SER C 363 16.16 3.20 17.22
N ILE C 364 16.58 2.79 16.03
CA ILE C 364 15.69 2.93 14.87
C ILE C 364 14.77 1.75 14.76
N GLN C 365 15.32 0.53 14.87
CA GLN C 365 14.46 -0.64 14.86
C GLN C 365 13.65 -0.62 16.13
N GLY C 366 14.21 -0.03 17.17
CA GLY C 366 13.51 0.17 18.44
C GLY C 366 12.23 0.96 18.22
N GLY C 367 12.37 2.25 17.93
CA GLY C 367 11.24 3.09 17.60
C GLY C 367 10.29 2.40 16.64
N SER C 368 10.84 1.88 15.55
CA SER C 368 10.03 1.29 14.49
C SER C 368 9.28 0.01 14.87
N LYS C 369 9.88 -0.89 15.65
CA LYS C 369 9.12 -2.05 16.06
C LYS C 369 7.98 -1.58 16.92
N TYR C 370 8.25 -0.59 17.76
CA TYR C 370 7.24 -0.08 18.70
C TYR C 370 6.07 0.62 17.98
N PHE C 371 6.37 1.41 16.96
CA PHE C 371 5.33 2.13 16.22
C PHE C 371 4.38 1.21 15.48
N VAL C 372 4.95 0.21 14.82
CA VAL C 372 4.17 -0.76 14.06
C VAL C 372 3.42 -1.69 15.02
N GLN C 373 3.96 -1.88 16.22
CA GLN C 373 3.29 -2.71 17.21
C GLN C 373 2.06 -1.97 17.77
N ILE C 374 2.23 -0.71 18.14
CA ILE C 374 1.10 0.12 18.56
C ILE C 374 0.01 0.13 17.49
N ARG C 375 0.42 0.28 16.24
CA ARG C 375 -0.52 0.38 15.14
C ARG C 375 -1.29 -0.91 14.93
N SER C 376 -0.58 -2.04 15.00
CA SER C 376 -1.22 -3.35 14.90
C SER C 376 -2.27 -3.54 15.97
N GLU C 377 -2.03 -2.95 17.14
CA GLU C 377 -2.94 -3.10 18.28
C GLU C 377 -4.20 -2.24 18.20
N LEU C 378 -4.19 -1.18 17.38
CA LEU C 378 -5.38 -0.33 17.23
C LEU C 378 -6.60 -1.12 16.73
N PRO C 379 -7.75 -0.97 17.42
CA PRO C 379 -9.03 -1.62 17.07
C PRO C 379 -9.32 -1.64 15.57
N GLU C 380 -9.76 -2.77 15.04
CA GLU C 380 -9.83 -2.92 13.58
C GLU C 380 -10.86 -2.01 12.90
N SER C 381 -11.69 -1.33 13.67
CA SER C 381 -12.65 -0.41 13.10
C SER C 381 -11.95 0.79 12.43
N ILE C 382 -10.69 1.01 12.82
CA ILE C 382 -9.85 2.09 12.30
C ILE C 382 -8.99 1.68 11.12
N LYS C 383 -9.53 1.79 9.90
CA LYS C 383 -8.80 1.43 8.69
C LYS C 383 -7.73 2.50 8.28
N GLU C 384 -6.83 2.17 7.37
CA GLU C 384 -5.82 3.14 6.95
C GLU C 384 -6.40 4.11 5.93
N PRO C 385 -5.81 5.32 5.79
CA PRO C 385 -4.62 5.90 6.41
C PRO C 385 -4.81 6.49 7.81
N ASP C 386 -6.03 6.76 8.25
CA ASP C 386 -6.27 7.28 9.61
C ASP C 386 -5.54 6.44 10.67
N ARG C 387 -5.47 5.12 10.44
CA ARG C 387 -4.86 4.20 11.38
C ARG C 387 -3.40 4.51 11.69
N SER C 388 -2.66 4.98 10.69
CA SER C 388 -1.29 5.41 10.93
C SER C 388 -1.27 6.68 11.77
N TRP C 389 -2.17 7.59 11.43
CA TRP C 389 -2.24 8.83 12.18
C TRP C 389 -2.55 8.54 13.66
N PHE C 390 -3.51 7.65 13.92
CA PHE C 390 -3.86 7.28 15.30
C PHE C 390 -2.64 6.64 15.96
N ALA C 391 -1.90 5.86 15.18
CA ALA C 391 -0.73 5.17 15.73
C ALA C 391 0.30 6.17 16.20
N LEU C 392 0.64 7.13 15.33
CA LEU C 392 1.51 8.24 15.71
C LEU C 392 1.01 8.98 16.95
N ALA C 393 -0.31 9.08 17.08
CA ALA C 393 -0.90 9.73 18.22
C ALA C 393 -0.59 8.95 19.47
N ALA C 394 -0.92 7.67 19.45
CA ALA C 394 -0.66 6.82 20.62
C ALA C 394 0.83 6.76 20.93
N TYR C 395 1.68 6.70 19.89
CA TYR C 395 3.13 6.72 20.06
C TYR C 395 3.54 7.83 21.02
N ASN C 396 2.90 8.99 20.84
CA ASN C 396 3.24 10.17 21.61
C ASN C 396 2.44 10.40 22.93
N ILE C 397 1.15 10.07 22.95
CA ILE C 397 0.31 10.45 24.11
C ILE C 397 -0.09 9.31 25.00
N GLY C 398 -0.10 8.10 24.45
CA GLY C 398 -0.50 6.93 25.22
C GLY C 398 -1.83 6.40 24.74
N GLY C 399 -1.91 5.09 24.61
CA GLY C 399 -3.10 4.47 24.07
C GLY C 399 -4.36 4.70 24.88
N ALA C 400 -4.22 4.97 26.18
CA ALA C 400 -5.39 5.11 27.05
C ALA C 400 -5.99 6.52 26.95
N HIS C 401 -5.13 7.53 26.85
CA HIS C 401 -5.58 8.89 26.55
C HIS C 401 -6.24 8.96 25.17
N LEU C 402 -5.61 8.31 24.19
CA LEU C 402 -6.16 8.27 22.86
C LEU C 402 -7.50 7.61 22.84
N GLU C 403 -7.69 6.58 23.64
CA GLU C 403 -9.00 5.93 23.66
C GLU C 403 -10.04 6.85 24.28
N ASP C 404 -9.62 7.61 25.28
CA ASP C 404 -10.52 8.55 25.90
C ASP C 404 -10.96 9.60 24.90
N ALA C 405 -10.11 9.90 23.92
CA ALA C 405 -10.48 10.90 22.92
C ALA C 405 -11.47 10.31 21.92
N ARG C 406 -11.35 9.02 21.68
CA ARG C 406 -12.28 8.39 20.75
C ARG C 406 -13.66 8.25 21.39
N LYS C 407 -13.66 7.97 22.69
CA LYS C 407 -14.91 7.84 23.41
C LYS C 407 -15.58 9.18 23.39
N MET C 408 -14.80 10.23 23.61
CA MET C 408 -15.29 11.62 23.69
C MET C 408 -15.88 12.06 22.34
N ALA C 409 -15.25 11.62 21.25
CA ALA C 409 -15.71 11.95 19.91
C ALA C 409 -17.03 11.27 19.57
N GLU C 410 -17.16 10.02 20.00
CA GLU C 410 -18.39 9.31 19.71
C GLU C 410 -19.55 10.00 20.43
N LYS C 411 -19.41 10.17 21.75
CA LYS C 411 -20.41 10.83 22.57
C LYS C 411 -20.75 12.21 22.03
N GLU C 412 -19.82 12.80 21.28
CA GLU C 412 -20.00 14.13 20.70
C GLU C 412 -20.64 14.08 19.31
N GLY C 413 -20.94 12.88 18.83
CA GLY C 413 -21.66 12.78 17.58
C GLY C 413 -20.78 12.48 16.38
N LEU C 414 -19.48 12.63 16.56
CA LEU C 414 -18.56 12.37 15.46
C LEU C 414 -18.16 10.89 15.35
N ASN C 415 -17.18 10.68 14.47
CA ASN C 415 -16.70 9.37 14.11
C ASN C 415 -15.42 9.02 14.84
N PRO C 416 -15.46 8.05 15.74
CA PRO C 416 -14.26 7.63 16.46
C PRO C 416 -13.23 6.95 15.59
N ASN C 417 -13.51 6.77 14.30
CA ASN C 417 -12.61 6.02 13.42
C ASN C 417 -11.90 6.90 12.41
N LYS C 418 -12.24 8.19 12.43
CA LYS C 418 -11.64 9.16 11.51
C LYS C 418 -10.75 10.14 12.26
N TRP C 419 -9.46 10.13 11.94
CA TRP C 419 -8.49 10.99 12.60
C TRP C 419 -8.95 12.45 12.59
N LEU C 420 -9.60 12.87 11.51
CA LEU C 420 -10.05 14.24 11.39
C LEU C 420 -11.06 14.67 12.47
N ASP C 421 -11.64 13.70 13.17
CA ASP C 421 -12.61 14.00 14.22
C ASP C 421 -11.96 13.85 15.59
N VAL C 422 -11.22 12.76 15.80
CA VAL C 422 -10.57 12.52 17.10
C VAL C 422 -9.46 13.53 17.37
N LYS C 423 -8.87 14.06 16.30
CA LYS C 423 -7.88 15.14 16.38
C LYS C 423 -8.48 16.39 17.03
N LYS C 424 -9.79 16.55 16.88
CA LYS C 424 -10.54 17.66 17.48
C LYS C 424 -10.80 17.49 18.99
N MET C 425 -10.90 16.24 19.44
CA MET C 425 -11.16 15.99 20.84
C MET C 425 -9.89 16.07 21.62
N LEU C 426 -8.80 15.67 20.98
CA LEU C 426 -7.51 15.60 21.64
C LEU C 426 -7.12 16.82 22.48
N PRO C 427 -7.35 18.05 22.01
CA PRO C 427 -6.92 19.17 22.86
C PRO C 427 -7.84 19.43 24.05
N ARG C 428 -8.99 18.78 24.06
CA ARG C 428 -9.97 19.00 25.10
C ARG C 428 -9.49 18.28 26.34
N LEU C 429 -8.58 17.35 26.15
CA LEU C 429 -7.95 16.68 27.28
C LEU C 429 -7.15 17.63 28.19
N ALA C 430 -6.98 18.87 27.77
CA ALA C 430 -6.17 19.81 28.52
C ALA C 430 -7.07 20.85 29.12
N GLN C 431 -8.38 20.64 28.97
CA GLN C 431 -9.42 21.43 29.65
C GLN C 431 -10.16 20.60 30.71
N LYS C 432 -10.07 21.02 31.97
CA LYS C 432 -10.69 20.29 33.08
C LYS C 432 -12.15 19.89 32.86
N GLN C 433 -13.01 20.87 32.55
CA GLN C 433 -14.40 20.61 32.19
C GLN C 433 -14.55 19.34 31.37
N TRP C 434 -13.62 19.11 30.44
CA TRP C 434 -13.65 17.89 29.64
C TRP C 434 -12.86 16.73 30.24
N TYR C 435 -11.62 16.95 30.65
CA TYR C 435 -10.82 15.78 31.02
C TYR C 435 -11.28 15.14 32.31
N ALA C 436 -11.94 15.90 33.17
CA ALA C 436 -12.45 15.37 34.45
C ALA C 436 -13.54 14.34 34.22
N LYS C 437 -14.05 14.28 33.00
CA LYS C 437 -15.12 13.36 32.69
C LYS C 437 -14.59 12.14 31.96
N THR C 438 -13.26 12.08 31.81
CA THR C 438 -12.64 10.95 31.17
C THR C 438 -12.02 10.03 32.20
N ARG C 439 -11.70 8.83 31.76
CA ARG C 439 -11.25 7.81 32.68
C ARG C 439 -9.78 8.05 33.08
N TYR C 440 -9.03 8.82 32.31
CA TYR C 440 -7.61 8.96 32.57
C TYR C 440 -7.19 10.39 32.83
N GLY C 441 -8.13 11.31 32.62
CA GLY C 441 -7.96 12.68 33.05
C GLY C 441 -7.03 13.47 32.17
N TYR C 442 -6.31 14.40 32.77
CA TYR C 442 -5.47 15.34 32.03
C TYR C 442 -4.50 14.69 31.04
N ALA C 443 -4.33 15.32 29.87
CA ALA C 443 -3.16 15.10 28.99
C ALA C 443 -2.98 16.32 28.12
N ARG C 444 -1.75 16.68 27.83
CA ARG C 444 -1.50 17.80 26.94
C ARG C 444 -1.83 17.40 25.51
N GLY C 445 -3.07 16.97 25.30
CA GLY C 445 -3.53 16.49 24.00
C GLY C 445 -3.30 17.43 22.83
N GLY C 446 -3.12 18.72 23.09
CA GLY C 446 -2.77 19.65 22.04
C GLY C 446 -1.43 19.31 21.43
N GLU C 447 -0.43 18.99 22.26
CA GLU C 447 0.92 18.67 21.77
C GLU C 447 0.91 17.44 20.90
N THR C 448 -0.03 16.56 21.19
CA THR C 448 -0.15 15.32 20.46
C THR C 448 -0.65 15.58 19.06
N VAL C 449 -1.45 16.62 18.90
CA VAL C 449 -1.94 16.97 17.57
C VAL C 449 -0.82 17.67 16.80
N HIS C 450 -0.07 18.53 17.49
CA HIS C 450 1.04 19.23 16.84
C HIS C 450 2.07 18.20 16.42
N PHE C 451 2.15 17.11 17.19
CA PHE C 451 3.07 16.03 16.88
C PHE C 451 2.71 15.38 15.55
N VAL C 452 1.46 14.95 15.47
CA VAL C 452 0.96 14.23 14.32
C VAL C 452 1.05 15.08 13.06
N GLN C 453 0.63 16.34 13.16
CA GLN C 453 0.81 17.30 12.06
C GLN C 453 2.22 17.31 11.49
N ASN C 454 3.21 17.36 12.38
CA ASN C 454 4.59 17.56 11.94
C ASN C 454 5.14 16.34 11.25
N VAL C 455 5.09 15.21 11.93
CA VAL C 455 5.48 13.94 11.35
C VAL C 455 4.92 13.83 9.94
N ARG C 456 3.62 14.11 9.79
CA ARG C 456 2.99 14.10 8.48
C ARG C 456 3.54 15.15 7.53
N ARG C 457 3.87 16.32 8.07
CA ARG C 457 4.43 17.39 7.24
C ARG C 457 5.76 16.88 6.68
N TYR C 458 6.60 16.34 7.56
CA TYR C 458 7.87 15.74 7.19
C TYR C 458 7.73 14.59 6.19
N TYR C 459 6.89 13.64 6.55
CA TYR C 459 6.65 12.47 5.74
C TYR C 459 6.21 12.87 4.33
N ASP C 460 5.28 13.81 4.22
CA ASP C 460 4.83 14.27 2.90
C ASP C 460 5.95 14.92 2.08
N ILE C 461 6.90 15.55 2.77
CA ILE C 461 8.06 16.13 2.12
C ILE C 461 9.04 15.06 1.65
N LEU C 462 9.34 14.08 2.49
CA LEU C 462 10.26 13.04 2.07
C LEU C 462 9.67 12.32 0.86
N THR C 463 8.36 12.16 0.87
CA THR C 463 7.69 11.51 -0.25
C THR C 463 7.89 12.33 -1.53
N TRP C 464 7.95 13.64 -1.36
CA TRP C 464 8.06 14.57 -2.49
C TRP C 464 9.47 14.71 -3.04
N VAL C 465 10.48 14.28 -2.29
CA VAL C 465 11.86 14.28 -2.82
C VAL C 465 12.19 12.94 -3.46
N THR C 466 11.44 11.90 -3.09
CA THR C 466 11.78 10.57 -3.57
C THR C 466 10.91 10.16 -4.77
N GLN C 467 9.91 10.97 -5.11
CA GLN C 467 9.20 10.77 -6.36
C GLN C 467 10.18 10.97 -7.53
N PRO C 468 9.96 10.24 -8.64
CA PRO C 468 10.70 10.52 -9.86
C PRO C 468 9.81 10.92 -11.04
N GLY D 52 30.67 24.93 -59.77
CA GLY D 52 31.43 25.37 -58.60
C GLY D 52 30.73 25.08 -57.26
N VAL D 53 29.85 24.09 -57.26
CA VAL D 53 29.13 23.71 -56.05
C VAL D 53 29.04 22.19 -55.91
N LEU D 54 29.29 21.69 -54.70
CA LEU D 54 29.30 20.24 -54.45
C LEU D 54 28.00 19.70 -53.86
N ARG D 55 27.36 18.79 -54.60
CA ARG D 55 26.07 18.20 -54.21
C ARG D 55 26.24 16.85 -53.53
N VAL D 56 26.24 16.86 -52.20
CA VAL D 56 26.46 15.65 -51.41
C VAL D 56 25.13 15.12 -50.84
N ILE D 57 24.75 13.92 -51.27
CA ILE D 57 23.52 13.34 -50.78
C ILE D 57 23.85 12.50 -49.54
N THR D 58 22.92 12.50 -48.58
CA THR D 58 23.08 11.77 -47.32
C THR D 58 21.72 11.41 -46.75
N ARG D 59 21.69 10.73 -45.62
CA ARG D 59 20.43 10.49 -44.94
C ARG D 59 20.31 11.38 -43.70
N ASN D 60 19.09 11.76 -43.36
CA ASN D 60 18.83 12.53 -42.16
C ASN D 60 18.97 11.68 -40.90
N SER D 61 20.12 11.76 -40.23
CA SER D 61 20.42 10.91 -39.10
C SER D 61 21.39 11.60 -38.15
N PRO D 62 21.46 11.14 -36.88
CA PRO D 62 22.53 11.60 -35.96
C PRO D 62 23.93 11.10 -36.33
N ALA D 63 24.00 10.04 -37.12
CA ALA D 63 25.29 9.50 -37.53
C ALA D 63 25.82 10.21 -38.77
N THR D 64 24.93 10.93 -39.45
CA THR D 64 25.26 11.53 -40.73
C THR D 64 25.11 13.05 -40.74
N TYR D 65 23.86 13.52 -40.80
CA TYR D 65 23.60 14.95 -40.94
C TYR D 65 22.22 15.38 -40.42
N PHE D 66 22.18 16.49 -39.68
CA PHE D 66 20.94 17.00 -39.14
C PHE D 66 21.07 18.40 -38.55
N GLN D 67 19.93 19.06 -38.34
CA GLN D 67 19.93 20.37 -37.69
C GLN D 67 19.86 20.28 -36.18
N ASP D 68 20.84 20.87 -35.49
CA ASP D 68 20.74 21.04 -34.05
C ASP D 68 20.41 22.51 -33.80
N ARG D 69 20.64 23.02 -32.58
CA ARG D 69 20.24 24.40 -32.28
C ARG D 69 21.19 25.42 -32.90
N ASN D 70 22.35 24.96 -33.36
CA ASN D 70 23.37 25.84 -33.92
C ASN D 70 23.53 25.72 -35.42
N GLY D 71 22.47 25.29 -36.11
CA GLY D 71 22.52 25.12 -37.54
C GLY D 71 22.80 23.68 -37.93
N GLU D 72 23.45 23.47 -39.07
CA GLU D 72 23.72 22.13 -39.56
C GLU D 72 24.84 21.50 -38.77
N THR D 73 24.88 20.16 -38.74
CA THR D 73 25.92 19.41 -38.03
C THR D 73 25.77 17.92 -38.36
N GLY D 74 26.73 17.12 -37.92
CA GLY D 74 26.81 15.71 -38.31
C GLY D 74 28.20 15.29 -38.79
N PHE D 75 28.62 14.07 -38.43
CA PHE D 75 29.93 13.52 -38.78
C PHE D 75 30.17 13.56 -40.28
N GLU D 76 29.26 12.95 -41.03
CA GLU D 76 29.34 12.95 -42.48
C GLU D 76 29.25 14.37 -43.00
N TYR D 77 28.42 15.18 -42.36
CA TYR D 77 28.32 16.59 -42.75
C TYR D 77 29.70 17.28 -42.69
N GLU D 78 30.32 17.28 -41.52
CA GLU D 78 31.51 18.07 -41.29
C GLU D 78 32.67 17.66 -42.18
N LEU D 79 32.80 16.35 -42.40
CA LEU D 79 33.83 15.84 -43.30
C LEU D 79 33.57 16.30 -44.73
N ALA D 80 32.30 16.37 -45.12
CA ALA D 80 31.92 16.81 -46.46
C ALA D 80 32.15 18.30 -46.66
N LYS D 81 32.33 19.06 -45.58
CA LYS D 81 32.54 20.50 -45.72
C LYS D 81 34.03 20.85 -45.53
N ARG D 82 34.77 20.02 -44.78
CA ARG D 82 36.23 20.11 -44.76
C ARG D 82 36.77 19.76 -46.15
N PHE D 83 35.99 18.98 -46.90
CA PHE D 83 36.28 18.64 -48.28
C PHE D 83 35.90 19.80 -49.21
N ALA D 84 34.75 20.41 -48.95
CA ALA D 84 34.27 21.54 -49.74
C ALA D 84 35.30 22.67 -49.81
N GLU D 85 35.82 23.06 -48.64
CA GLU D 85 36.81 24.13 -48.54
C GLU D 85 38.15 23.75 -49.16
N ARG D 86 38.52 22.49 -49.02
CA ARG D 86 39.73 21.98 -49.62
C ARG D 86 39.60 21.99 -51.15
N LEU D 87 38.35 21.96 -51.63
CA LEU D 87 38.07 21.97 -53.06
C LEU D 87 37.79 23.38 -53.55
N GLY D 88 37.69 24.32 -52.61
CA GLY D 88 37.40 25.70 -52.95
C GLY D 88 35.97 25.91 -53.43
N VAL D 89 35.06 25.01 -53.04
CA VAL D 89 33.66 25.12 -53.45
C VAL D 89 32.70 25.28 -52.26
N GLU D 90 31.42 25.46 -52.59
CA GLU D 90 30.37 25.58 -51.59
C GLU D 90 29.63 24.25 -51.49
N LEU D 91 29.11 23.94 -50.31
CA LEU D 91 28.42 22.67 -50.07
C LEU D 91 26.90 22.82 -50.13
N LYS D 92 26.21 21.80 -50.65
CA LYS D 92 24.74 21.80 -50.72
C LYS D 92 24.17 20.43 -50.40
N ILE D 93 23.77 20.20 -49.15
CA ILE D 93 23.25 18.90 -48.73
C ILE D 93 21.83 18.63 -49.22
N GLU D 94 21.61 17.42 -49.74
CA GLU D 94 20.28 16.94 -50.15
C GLU D 94 20.04 15.57 -49.51
N THR D 95 18.94 15.44 -48.76
CA THR D 95 18.66 14.17 -48.07
C THR D 95 17.70 13.28 -48.87
N ALA D 96 17.94 11.97 -48.84
CA ALA D 96 17.06 11.00 -49.47
C ALA D 96 16.31 10.20 -48.40
N ASP D 97 15.01 10.03 -48.56
CA ASP D 97 14.19 9.51 -47.46
C ASP D 97 14.12 7.97 -47.40
N ASN D 98 15.19 7.34 -47.88
CA ASN D 98 15.51 5.93 -47.65
C ASN D 98 16.75 5.58 -48.46
N LEU D 99 17.38 4.43 -48.17
CA LEU D 99 18.63 4.08 -48.84
C LEU D 99 18.45 3.71 -50.30
N ASP D 100 17.35 3.01 -50.62
CA ASP D 100 17.00 2.66 -52.00
C ASP D 100 16.95 3.89 -52.90
N ASP D 101 16.64 5.04 -52.29
CA ASP D 101 16.57 6.31 -53.02
C ASP D 101 17.97 6.89 -53.16
N LEU D 102 18.70 6.90 -52.04
CA LEU D 102 20.07 7.42 -51.97
C LEU D 102 20.92 6.92 -53.12
N TYR D 103 20.69 5.67 -53.51
CA TYR D 103 21.43 5.07 -54.62
C TYR D 103 20.82 5.41 -55.97
N ALA D 104 19.49 5.54 -56.02
CA ALA D 104 18.83 5.83 -57.29
C ALA D 104 19.27 7.19 -57.78
N GLN D 105 19.27 8.18 -56.89
CA GLN D 105 19.65 9.54 -57.26
C GLN D 105 21.13 9.66 -57.61
N LEU D 106 21.95 8.81 -57.00
CA LEU D 106 23.41 8.86 -57.20
C LEU D 106 23.87 8.35 -58.56
N SER D 107 23.21 7.30 -59.05
CA SER D 107 23.59 6.68 -60.30
C SER D 107 22.57 7.03 -61.36
N ARG D 108 22.03 8.24 -61.27
CA ARG D 108 21.03 8.73 -62.21
C ARG D 108 21.51 10.07 -62.73
N GLU D 109 22.01 10.08 -63.95
CA GLU D 109 22.82 11.20 -64.44
C GLU D 109 22.05 12.52 -64.40
N GLY D 110 22.70 13.53 -63.83
CA GLY D 110 22.06 14.81 -63.60
C GLY D 110 21.79 14.98 -62.12
N GLY D 111 22.10 13.94 -61.35
CA GLY D 111 21.90 13.96 -59.90
C GLY D 111 23.17 14.36 -59.19
N PRO D 112 23.18 14.25 -57.85
CA PRO D 112 24.30 14.63 -56.97
C PRO D 112 25.63 14.00 -57.34
N ALA D 113 26.71 14.44 -56.68
CA ALA D 113 28.06 14.06 -57.09
C ALA D 113 28.68 12.97 -56.22
N LEU D 114 28.18 12.78 -55.00
CA LEU D 114 28.65 11.70 -54.13
C LEU D 114 27.73 11.50 -52.92
N ALA D 115 27.82 10.32 -52.31
CA ALA D 115 27.02 9.99 -51.15
C ALA D 115 27.87 9.76 -49.92
N ALA D 116 27.68 10.60 -48.91
CA ALA D 116 28.36 10.47 -47.62
C ALA D 116 27.37 10.15 -46.52
N ALA D 117 27.26 8.87 -46.16
CA ALA D 117 26.19 8.44 -45.27
C ALA D 117 26.51 7.10 -44.63
N GLY D 118 27.76 6.91 -44.24
CA GLY D 118 28.17 5.70 -43.55
C GLY D 118 27.93 4.42 -44.33
N LEU D 119 28.11 4.49 -45.64
CA LEU D 119 27.80 3.33 -46.47
C LEU D 119 28.87 2.24 -46.35
N THR D 120 28.40 1.00 -46.28
CA THR D 120 29.29 -0.15 -46.38
C THR D 120 29.49 -0.48 -47.86
N PRO D 121 30.74 -0.71 -48.29
CA PRO D 121 30.88 -1.27 -49.62
C PRO D 121 30.26 -2.66 -49.59
N GLY D 122 29.42 -2.95 -50.57
CA GLY D 122 29.20 -1.99 -51.62
C GLY D 122 29.27 -2.84 -52.84
N ARG D 123 30.46 -2.94 -53.45
CA ARG D 123 30.44 -3.34 -54.85
C ARG D 123 31.73 -3.42 -55.69
N GLU D 124 32.14 -4.63 -56.05
CA GLU D 124 33.27 -4.80 -56.96
C GLU D 124 32.82 -5.39 -58.33
N ASP D 125 31.80 -4.76 -58.91
CA ASP D 125 31.27 -5.09 -60.27
C ASP D 125 30.49 -3.87 -60.85
N ASP D 126 29.43 -4.10 -61.63
CA ASP D 126 28.32 -3.16 -61.77
C ASP D 126 28.55 -1.68 -62.24
N ALA D 127 29.68 -1.12 -61.83
CA ALA D 127 30.06 0.31 -61.67
C ALA D 127 29.52 1.50 -62.50
N SER D 128 28.40 2.16 -62.22
CA SER D 128 27.41 2.07 -61.13
C SER D 128 27.59 2.99 -59.94
N VAL D 129 28.05 2.38 -58.87
CA VAL D 129 28.16 3.02 -57.58
C VAL D 129 29.59 2.73 -57.11
N ARG D 130 30.54 3.63 -57.38
CA ARG D 130 31.93 3.36 -56.99
C ARG D 130 32.30 3.93 -55.62
N TYR D 131 33.19 3.23 -54.90
CA TYR D 131 33.49 3.60 -53.52
C TYR D 131 34.91 4.14 -53.27
N SER D 132 34.98 5.05 -52.29
CA SER D 132 36.21 5.72 -51.90
C SER D 132 36.98 4.93 -50.86
N HIS D 133 38.14 5.44 -50.45
CA HIS D 133 38.94 4.78 -49.42
C HIS D 133 38.21 4.87 -48.08
N THR D 134 38.35 3.83 -47.27
CA THR D 134 37.56 3.73 -46.05
C THR D 134 38.07 4.71 -44.97
N TYR D 135 37.13 5.31 -44.24
CA TYR D 135 37.44 6.36 -43.28
C TYR D 135 37.04 6.04 -41.84
N LEU D 136 36.40 4.89 -41.64
CA LEU D 136 35.96 4.50 -40.30
C LEU D 136 35.73 3.00 -40.22
N ASP D 137 36.27 2.37 -39.17
CA ASP D 137 36.06 0.94 -38.98
C ASP D 137 34.89 0.64 -38.03
N VAL D 138 33.95 -0.16 -38.55
CA VAL D 138 32.73 -0.54 -37.82
C VAL D 138 32.48 -2.04 -37.95
N THR D 139 31.86 -2.63 -36.95
CA THR D 139 31.57 -4.06 -37.01
C THR D 139 30.08 -4.32 -36.73
N PRO D 140 29.37 -4.90 -37.71
CA PRO D 140 27.93 -5.17 -37.55
C PRO D 140 27.65 -6.00 -36.31
N GLN D 141 26.77 -5.51 -35.45
CA GLN D 141 26.45 -6.19 -34.22
C GLN D 141 24.96 -6.54 -34.18
N ILE D 142 24.63 -7.72 -33.68
CA ILE D 142 23.25 -8.07 -33.36
C ILE D 142 22.92 -7.44 -32.02
N ILE D 143 21.73 -6.85 -31.92
CA ILE D 143 21.31 -6.14 -30.72
C ILE D 143 20.08 -6.79 -30.08
N TYR D 144 20.11 -7.03 -28.78
CA TYR D 144 18.92 -7.54 -28.09
C TYR D 144 18.52 -6.64 -26.94
N ARG D 145 17.38 -6.93 -26.34
CA ARG D 145 16.85 -6.13 -25.23
C ARG D 145 17.22 -6.76 -23.89
N ASN D 146 17.99 -6.05 -23.07
CA ASN D 146 18.39 -6.56 -21.75
C ASN D 146 17.18 -7.05 -20.96
N GLY D 147 17.14 -8.35 -20.69
CA GLY D 147 15.97 -8.94 -20.08
C GLY D 147 15.69 -10.30 -20.69
N GLN D 148 15.17 -10.31 -21.92
CA GLN D 148 14.99 -11.54 -22.69
C GLN D 148 16.36 -12.15 -22.94
N GLN D 149 16.38 -13.45 -23.23
CA GLN D 149 17.63 -14.18 -23.36
C GLN D 149 18.45 -13.70 -24.55
N ARG D 150 19.76 -13.87 -24.45
CA ARG D 150 20.71 -13.30 -25.40
C ARG D 150 21.18 -14.31 -26.43
N PRO D 151 20.82 -14.07 -27.70
CA PRO D 151 21.36 -14.90 -28.79
C PRO D 151 22.88 -14.91 -28.73
N THR D 152 23.47 -16.08 -28.90
CA THR D 152 24.90 -16.25 -28.71
C THR D 152 25.62 -16.55 -30.02
N ARG D 153 24.83 -16.75 -31.08
CA ARG D 153 25.34 -17.13 -32.39
C ARG D 153 24.21 -17.04 -33.41
N PRO D 154 24.55 -16.96 -34.72
CA PRO D 154 23.54 -16.79 -35.77
C PRO D 154 22.28 -17.68 -35.66
N GLU D 155 22.40 -18.90 -35.14
CA GLU D 155 21.26 -19.82 -35.08
C GLU D 155 20.09 -19.23 -34.29
N ASP D 156 20.42 -18.47 -33.26
CA ASP D 156 19.41 -18.03 -32.32
C ASP D 156 18.44 -16.99 -32.90
N LEU D 157 18.82 -16.39 -34.03
CA LEU D 157 18.02 -15.32 -34.66
C LEU D 157 16.70 -15.81 -35.24
N VAL D 158 16.53 -17.11 -35.36
CA VAL D 158 15.29 -17.67 -35.86
C VAL D 158 14.26 -17.57 -34.76
N GLY D 159 13.04 -17.20 -35.13
CA GLY D 159 11.95 -17.14 -34.16
C GLY D 159 11.91 -15.84 -33.36
N LYS D 160 12.65 -14.82 -33.80
CA LYS D 160 12.53 -13.51 -33.19
C LYS D 160 11.94 -12.56 -34.22
N ARG D 161 11.39 -11.44 -33.76
CA ARG D 161 11.00 -10.36 -34.67
C ARG D 161 12.22 -9.46 -34.84
N ILE D 162 12.78 -9.47 -36.04
CA ILE D 162 13.96 -8.68 -36.34
C ILE D 162 13.57 -7.57 -37.29
N MET D 163 14.13 -6.38 -37.12
CA MET D 163 13.92 -5.33 -38.12
C MET D 163 15.24 -4.69 -38.53
N VAL D 164 15.40 -4.49 -39.83
CA VAL D 164 16.57 -3.79 -40.39
C VAL D 164 16.16 -2.69 -41.38
N LEU D 165 17.07 -1.78 -41.65
CA LEU D 165 16.85 -0.79 -42.70
C LEU D 165 16.79 -1.47 -44.07
N LYS D 166 15.84 -1.06 -44.92
CA LYS D 166 15.66 -1.71 -46.20
C LYS D 166 16.67 -1.21 -47.23
N GLY D 167 17.19 -2.14 -48.03
CA GLY D 167 18.19 -1.82 -49.02
C GLY D 167 19.58 -1.94 -48.42
N SER D 168 19.64 -1.75 -47.12
CA SER D 168 20.89 -1.76 -46.35
C SER D 168 21.81 -2.95 -46.59
N SER D 169 23.06 -2.79 -46.16
CA SER D 169 24.02 -3.88 -46.18
C SER D 169 23.55 -4.96 -45.21
N HIS D 170 23.04 -4.50 -44.06
CA HIS D 170 22.53 -5.39 -43.03
C HIS D 170 21.30 -6.19 -43.48
N ALA D 171 20.55 -5.66 -44.43
CA ALA D 171 19.43 -6.41 -44.99
C ALA D 171 19.92 -7.63 -45.77
N GLU D 172 20.89 -7.44 -46.67
CA GLU D 172 21.34 -8.58 -47.45
C GLU D 172 22.13 -9.51 -46.55
N GLN D 173 22.75 -8.96 -45.51
CA GLN D 173 23.44 -9.77 -44.51
C GLN D 173 22.55 -10.94 -44.07
N LEU D 174 21.34 -10.60 -43.64
CA LEU D 174 20.37 -11.58 -43.15
C LEU D 174 19.83 -12.47 -44.27
N ALA D 175 19.67 -11.90 -45.46
CA ALA D 175 19.20 -12.66 -46.61
C ALA D 175 20.23 -13.74 -46.98
N GLU D 176 21.49 -13.48 -46.66
CA GLU D 176 22.52 -14.49 -46.84
C GLU D 176 22.38 -15.57 -45.77
N LEU D 177 22.23 -15.14 -44.51
CA LEU D 177 22.04 -16.10 -43.43
C LEU D 177 20.76 -16.93 -43.65
N LYS D 178 19.79 -16.37 -44.39
CA LYS D 178 18.53 -17.07 -44.64
C LYS D 178 18.69 -18.18 -45.67
N LYS D 179 19.67 -18.02 -46.56
CA LYS D 179 20.05 -19.07 -47.50
C LYS D 179 20.50 -20.30 -46.71
N GLN D 180 21.04 -20.05 -45.53
CA GLN D 180 21.56 -21.10 -44.66
C GLN D 180 20.45 -21.79 -43.89
N TYR D 181 19.66 -21.00 -43.15
CA TYR D 181 18.54 -21.52 -42.37
C TYR D 181 17.26 -20.82 -42.76
N PRO D 182 16.47 -21.48 -43.63
CA PRO D 182 15.23 -20.93 -44.19
C PRO D 182 14.21 -20.48 -43.13
N GLU D 183 14.18 -21.15 -41.97
CA GLU D 183 13.24 -20.82 -40.89
C GLU D 183 13.38 -19.38 -40.36
N LEU D 184 14.46 -18.72 -40.76
CA LEU D 184 14.70 -17.34 -40.35
C LEU D 184 13.67 -16.40 -40.98
N LYS D 185 13.12 -15.53 -40.15
CA LYS D 185 12.22 -14.50 -40.63
C LYS D 185 12.74 -13.15 -40.12
N TYR D 186 12.65 -12.13 -40.98
CA TYR D 186 13.01 -10.75 -40.59
C TYR D 186 12.23 -9.71 -41.40
N GLU D 187 12.15 -8.50 -40.88
CA GLU D 187 11.42 -7.42 -41.56
C GLU D 187 12.34 -6.28 -42.01
N GLU D 188 11.98 -5.61 -43.09
CA GLU D 188 12.77 -4.47 -43.56
C GLU D 188 11.90 -3.33 -44.05
N SER D 189 12.26 -2.10 -43.66
CA SER D 189 11.41 -0.92 -43.85
C SER D 189 12.15 0.29 -44.42
N ASP D 190 11.41 1.17 -45.10
CA ASP D 190 11.93 2.43 -45.60
C ASP D 190 11.58 3.59 -44.67
N ALA D 191 10.62 3.35 -43.77
CA ALA D 191 10.12 4.40 -42.91
C ALA D 191 10.64 4.24 -41.48
N VAL D 192 11.80 3.58 -41.34
CA VAL D 192 12.56 3.62 -40.09
C VAL D 192 13.98 4.15 -40.33
N GLU D 193 14.71 4.36 -39.24
CA GLU D 193 16.10 4.74 -39.29
C GLU D 193 16.81 3.87 -38.27
N VAL D 194 18.11 4.06 -38.06
CA VAL D 194 18.83 3.23 -37.12
C VAL D 194 18.36 3.51 -35.68
N VAL D 195 18.06 4.77 -35.36
CA VAL D 195 17.57 5.08 -34.01
C VAL D 195 16.16 4.57 -33.82
N ASP D 196 15.43 4.36 -34.92
CA ASP D 196 14.09 3.77 -34.83
C ASP D 196 14.19 2.32 -34.42
N LEU D 197 15.15 1.61 -34.99
CA LEU D 197 15.37 0.22 -34.62
C LEU D 197 15.75 0.17 -33.16
N LEU D 198 16.68 1.03 -32.75
CA LEU D 198 17.19 0.97 -31.38
C LEU D 198 16.03 1.18 -30.40
N ARG D 199 15.23 2.21 -30.69
CA ARG D 199 13.99 2.49 -29.97
C ARG D 199 13.11 1.26 -29.86
N MET D 200 13.04 0.50 -30.95
CA MET D 200 12.14 -0.64 -31.00
C MET D 200 12.58 -1.83 -30.15
N VAL D 201 13.87 -2.12 -30.13
CA VAL D 201 14.41 -3.14 -29.25
C VAL D 201 14.26 -2.69 -27.80
N ASP D 202 14.65 -1.44 -27.55
CA ASP D 202 14.66 -0.84 -26.22
C ASP D 202 13.33 -0.95 -25.50
N VAL D 203 12.23 -0.70 -26.20
CA VAL D 203 10.93 -0.77 -25.55
C VAL D 203 10.35 -2.18 -25.60
N GLY D 204 10.58 -2.89 -26.71
CA GLY D 204 10.17 -4.28 -26.84
C GLY D 204 9.26 -4.59 -28.01
N ASP D 205 9.15 -3.65 -28.95
CA ASP D 205 8.30 -3.78 -30.14
C ASP D 205 8.88 -4.72 -31.21
N ILE D 206 10.22 -4.81 -31.28
CA ILE D 206 10.91 -5.87 -32.01
C ILE D 206 11.84 -6.55 -31.01
N ASP D 207 12.31 -7.75 -31.35
CA ASP D 207 13.16 -8.52 -30.44
C ASP D 207 14.63 -8.18 -30.65
N LEU D 208 15.07 -8.25 -31.91
CA LEU D 208 16.46 -8.02 -32.28
C LEU D 208 16.59 -6.97 -33.38
N THR D 209 17.81 -6.48 -33.57
CA THR D 209 18.09 -5.66 -34.73
C THR D 209 19.56 -5.85 -35.12
N LEU D 210 19.95 -5.39 -36.29
CA LEU D 210 21.33 -5.51 -36.77
C LEU D 210 21.83 -4.19 -37.36
N VAL D 211 22.81 -3.58 -36.68
CA VAL D 211 23.36 -2.27 -37.06
C VAL D 211 24.87 -2.20 -36.90
N ASP D 212 25.52 -1.29 -37.65
CA ASP D 212 26.98 -1.08 -37.54
C ASP D 212 27.35 -0.65 -36.11
N SER D 213 28.46 -1.16 -35.58
CA SER D 213 28.92 -0.83 -34.22
C SER D 213 28.94 0.66 -33.92
N ASN D 214 29.30 1.47 -34.91
CA ASN D 214 29.41 2.91 -34.71
C ASN D 214 28.11 3.57 -34.26
N GLU D 215 26.97 3.08 -34.74
CA GLU D 215 25.68 3.70 -34.43
C GLU D 215 25.29 3.31 -33.03
N LEU D 216 25.70 2.11 -32.62
CA LEU D 216 25.47 1.68 -31.25
C LEU D 216 26.32 2.51 -30.29
N ALA D 217 27.53 2.85 -30.70
CA ALA D 217 28.41 3.72 -29.90
C ALA D 217 27.77 5.09 -29.65
N MET D 218 27.22 5.69 -30.69
CA MET D 218 26.70 7.04 -30.55
C MET D 218 25.42 7.08 -29.73
N ASN D 219 24.61 6.02 -29.82
CA ASN D 219 23.24 6.06 -29.28
C ASN D 219 22.89 5.16 -28.09
N GLN D 220 23.81 4.28 -27.68
CA GLN D 220 23.48 3.32 -26.62
C GLN D 220 23.04 4.05 -25.37
N VAL D 221 23.77 5.11 -25.05
CA VAL D 221 23.43 6.04 -23.98
C VAL D 221 21.95 6.31 -23.82
N TYR D 222 21.27 6.50 -24.95
CA TYR D 222 19.89 6.98 -25.00
C TYR D 222 18.87 5.86 -25.05
N PHE D 223 19.36 4.62 -25.14
CA PHE D 223 18.48 3.47 -25.02
C PHE D 223 19.03 2.46 -24.01
N PRO D 224 18.69 2.66 -22.72
CA PRO D 224 19.21 1.90 -21.57
C PRO D 224 19.02 0.38 -21.66
N ASN D 225 17.89 -0.10 -22.18
CA ASN D 225 17.58 -1.53 -22.18
C ASN D 225 18.28 -2.32 -23.26
N VAL D 226 19.04 -1.61 -24.08
CA VAL D 226 19.66 -2.16 -25.27
C VAL D 226 21.05 -2.79 -25.02
N ARG D 227 21.25 -4.00 -25.53
CA ARG D 227 22.56 -4.66 -25.36
C ARG D 227 23.15 -5.24 -26.64
N VAL D 228 24.48 -5.37 -26.66
CA VAL D 228 25.16 -6.06 -27.74
C VAL D 228 25.14 -7.55 -27.50
N ALA D 229 24.61 -8.29 -28.47
CA ALA D 229 24.63 -9.74 -28.42
C ALA D 229 25.99 -10.25 -28.88
N PHE D 230 26.26 -10.11 -30.16
CA PHE D 230 27.54 -10.53 -30.69
C PHE D 230 27.79 -9.85 -32.03
N ASP D 231 29.05 -9.80 -32.43
CA ASP D 231 29.42 -9.18 -33.68
C ASP D 231 29.18 -10.15 -34.83
N PHE D 232 28.32 -9.75 -35.77
CA PHE D 232 27.92 -10.59 -36.88
C PHE D 232 28.65 -10.16 -38.15
N GLY D 233 29.68 -10.93 -38.52
CA GLY D 233 30.57 -10.59 -39.61
C GLY D 233 31.85 -9.98 -39.07
N GLU D 234 32.85 -9.87 -39.92
CA GLU D 234 34.14 -9.32 -39.49
C GLU D 234 34.17 -7.80 -39.71
N ALA D 235 35.09 -7.12 -39.04
CA ALA D 235 35.14 -5.66 -39.07
C ALA D 235 35.39 -5.12 -40.47
N ARG D 236 34.64 -4.11 -40.86
CA ARG D 236 34.80 -3.49 -42.17
C ARG D 236 34.91 -1.98 -42.07
N GLY D 237 35.11 -1.32 -43.22
CA GLY D 237 35.23 0.12 -43.25
C GLY D 237 34.19 0.84 -44.08
N LEU D 238 33.68 1.97 -43.57
CA LEU D 238 32.75 2.81 -44.30
C LEU D 238 33.42 3.60 -45.42
N ALA D 239 32.63 4.11 -46.36
CA ALA D 239 33.18 4.91 -47.45
C ALA D 239 32.13 5.72 -48.17
N TRP D 240 32.59 6.61 -49.04
CA TRP D 240 31.70 7.42 -49.85
C TRP D 240 31.39 6.72 -51.16
N ALA D 241 30.20 6.98 -51.71
CA ALA D 241 29.80 6.37 -52.98
C ALA D 241 29.65 7.42 -54.08
N LEU D 242 30.23 7.13 -55.23
CA LEU D 242 30.22 8.08 -56.34
C LEU D 242 29.57 7.42 -57.53
N PRO D 243 29.01 8.20 -58.46
CA PRO D 243 28.36 7.57 -59.61
C PRO D 243 29.37 6.81 -60.47
N GLY D 244 28.89 5.78 -61.16
CA GLY D 244 29.68 5.12 -62.15
C GLY D 244 29.75 6.03 -63.36
N GLY D 245 30.95 6.24 -63.87
CA GLY D 245 32.13 5.63 -63.29
C GLY D 245 33.27 5.71 -64.27
N ASP D 246 33.17 6.64 -65.20
CA ASP D 246 34.13 6.74 -66.29
C ASP D 246 35.12 7.89 -66.09
N ASP D 247 34.69 8.93 -65.39
CA ASP D 247 35.56 10.07 -65.09
C ASP D 247 36.24 9.89 -63.73
N ASP D 248 37.48 9.44 -63.76
CA ASP D 248 38.24 9.14 -62.54
C ASP D 248 38.90 10.36 -61.93
N SER D 249 38.38 11.56 -62.21
CA SER D 249 39.02 12.76 -61.68
C SER D 249 38.35 13.21 -60.39
N LEU D 250 37.04 13.08 -60.29
CA LEU D 250 36.36 13.45 -59.06
C LEU D 250 36.73 12.52 -57.92
N MET D 251 36.72 11.22 -58.18
CA MET D 251 37.07 10.24 -57.16
C MET D 251 38.49 10.48 -56.69
N ASN D 252 39.38 10.88 -57.60
CA ASN D 252 40.78 11.05 -57.23
C ASN D 252 41.00 12.13 -56.17
N GLU D 253 40.26 13.24 -56.30
CA GLU D 253 40.34 14.30 -55.30
C GLU D 253 39.75 13.78 -53.99
N VAL D 254 38.54 13.24 -54.08
CA VAL D 254 37.86 12.65 -52.93
C VAL D 254 38.76 11.65 -52.22
N ASN D 255 39.44 10.81 -53.00
CA ASN D 255 40.27 9.78 -52.40
C ASN D 255 41.56 10.37 -51.83
N ALA D 256 41.98 11.52 -52.33
CA ALA D 256 43.20 12.16 -51.83
C ALA D 256 42.91 12.91 -50.51
N PHE D 257 41.78 13.59 -50.47
CA PHE D 257 41.31 14.25 -49.26
C PHE D 257 41.22 13.26 -48.08
N LEU D 258 40.67 12.08 -48.35
CA LEU D 258 40.63 11.01 -47.37
C LEU D 258 41.94 10.22 -47.36
N ASP D 259 43.00 10.75 -47.96
CA ASP D 259 44.34 10.22 -47.73
C ASP D 259 45.29 11.33 -47.28
N GLN D 260 44.75 12.30 -46.56
CA GLN D 260 45.59 13.20 -45.81
C GLN D 260 44.99 13.31 -44.44
N ALA D 261 43.67 13.11 -44.39
CA ALA D 261 42.91 13.40 -43.20
C ALA D 261 43.01 12.35 -42.08
N LYS D 262 43.97 11.44 -42.11
CA LYS D 262 43.98 10.41 -41.05
C LYS D 262 44.79 10.71 -39.77
N LYS D 263 46.14 10.81 -39.71
CA LYS D 263 47.19 11.33 -40.61
C LYS D 263 47.30 12.82 -40.31
N GLU D 264 46.54 13.68 -40.98
CA GLU D 264 46.51 15.08 -40.52
C GLU D 264 45.66 15.18 -39.24
N GLY D 265 45.12 14.04 -38.80
CA GLY D 265 44.41 13.97 -37.53
C GLY D 265 42.90 14.05 -37.65
N LEU D 266 42.45 14.76 -38.68
CA LEU D 266 41.05 15.16 -38.84
C LEU D 266 40.04 14.06 -38.53
N LEU D 267 40.36 12.82 -38.88
CA LEU D 267 39.39 11.75 -38.72
C LEU D 267 39.32 11.24 -37.29
N GLN D 268 40.42 11.29 -36.55
CA GLN D 268 40.38 10.74 -35.21
C GLN D 268 39.66 11.69 -34.26
N ARG D 269 39.92 12.99 -34.40
CA ARG D 269 39.29 13.98 -33.53
C ARG D 269 37.84 14.20 -33.96
N LEU D 270 37.51 13.74 -35.17
CA LEU D 270 36.14 13.75 -35.66
C LEU D 270 35.37 12.49 -35.24
N LYS D 271 36.10 11.40 -35.04
CA LYS D 271 35.53 10.22 -34.42
C LYS D 271 35.20 10.58 -32.98
N ASP D 272 35.91 11.55 -32.45
CA ASP D 272 35.83 11.87 -31.03
C ASP D 272 34.97 13.10 -30.74
N ARG D 273 34.41 13.72 -31.76
CA ARG D 273 33.48 14.81 -31.46
C ARG D 273 32.03 14.32 -31.51
N TYR D 274 31.80 13.19 -32.17
CA TYR D 274 30.44 12.70 -32.32
C TYR D 274 30.19 11.34 -31.70
N TYR D 275 31.14 10.79 -30.94
CA TYR D 275 30.95 9.43 -30.43
C TYR D 275 31.19 9.27 -28.93
N GLY D 276 30.09 9.11 -28.20
CA GLY D 276 30.12 8.83 -26.78
C GLY D 276 29.14 9.64 -25.93
N HIS D 277 29.42 10.94 -25.83
CA HIS D 277 28.81 11.87 -24.87
C HIS D 277 27.27 11.86 -24.81
N VAL D 278 26.72 12.49 -23.76
CA VAL D 278 25.28 12.49 -23.48
C VAL D 278 24.60 13.88 -23.55
N ASP D 279 25.32 14.93 -23.19
CA ASP D 279 24.77 16.21 -22.67
C ASP D 279 23.26 16.44 -22.83
N VAL D 280 22.68 16.84 -21.69
CA VAL D 280 21.31 16.61 -21.20
C VAL D 280 21.54 15.56 -20.12
N LEU D 281 21.90 16.05 -18.93
CA LEU D 281 22.45 15.22 -17.86
C LEU D 281 21.33 14.53 -17.11
N GLY D 282 21.67 13.56 -16.26
CA GLY D 282 20.65 12.85 -15.49
C GLY D 282 20.13 13.66 -14.31
N TYR D 283 18.88 13.42 -13.90
CA TYR D 283 18.36 14.04 -12.68
C TYR D 283 19.18 13.49 -11.53
N VAL D 284 19.81 14.37 -10.75
CA VAL D 284 20.80 13.92 -9.77
C VAL D 284 20.17 13.36 -8.50
N GLY D 285 18.86 13.55 -8.35
CA GLY D 285 18.15 13.05 -7.19
C GLY D 285 18.11 14.01 -6.02
N ALA D 286 17.45 13.58 -4.95
CA ALA D 286 17.28 14.43 -3.77
C ALA D 286 18.62 14.81 -3.16
N TYR D 287 19.38 13.80 -2.76
CA TYR D 287 20.61 14.00 -2.01
C TYR D 287 21.62 14.82 -2.77
N THR D 288 21.97 14.34 -3.96
CA THR D 288 23.02 15.00 -4.73
C THR D 288 22.72 16.49 -4.86
N PHE D 289 21.45 16.85 -5.00
CA PHE D 289 21.08 18.25 -5.17
C PHE D 289 21.34 19.05 -3.91
N THR D 290 20.78 18.59 -2.80
CA THR D 290 21.03 19.17 -1.49
C THR D 290 22.50 19.45 -1.23
N GLN D 291 23.35 18.46 -1.56
CA GLN D 291 24.80 18.56 -1.33
C GLN D 291 25.42 19.69 -2.13
N HIS D 292 24.64 20.31 -3.01
CA HIS D 292 25.11 21.41 -3.84
C HIS D 292 24.46 22.75 -3.56
N LEU D 293 23.40 22.78 -2.75
CA LEU D 293 22.76 24.05 -2.44
C LEU D 293 23.50 24.81 -1.36
N GLN D 294 24.19 24.06 -0.50
CA GLN D 294 24.95 24.71 0.56
C GLN D 294 26.44 24.49 0.35
N GLN D 295 26.79 23.94 -0.81
CA GLN D 295 28.19 23.84 -1.22
C GLN D 295 28.54 24.75 -2.39
N ARG D 296 27.70 24.76 -3.43
CA ARG D 296 28.01 25.53 -4.62
C ARG D 296 27.19 26.80 -4.78
N LEU D 297 25.89 26.72 -4.47
CA LEU D 297 24.99 27.84 -4.75
C LEU D 297 25.46 29.20 -4.16
N PRO D 298 25.84 29.25 -2.86
CA PRO D 298 26.21 30.56 -2.30
C PRO D 298 27.34 31.25 -3.07
N ARG D 299 28.18 30.45 -3.73
CA ARG D 299 29.20 31.02 -4.59
C ARG D 299 28.54 31.87 -5.68
N TYR D 300 27.42 31.40 -6.21
CA TYR D 300 26.85 32.06 -7.40
C TYR D 300 25.44 32.65 -7.20
N GLU D 301 24.98 32.74 -5.96
CA GLU D 301 23.60 33.19 -5.69
C GLU D 301 23.39 34.69 -5.94
N SER D 302 24.31 35.52 -5.46
CA SER D 302 24.22 36.96 -5.70
C SER D 302 24.13 37.23 -7.21
N HIS D 303 24.86 36.43 -7.98
CA HIS D 303 24.91 36.59 -9.43
C HIS D 303 23.59 36.28 -10.10
N PHE D 304 23.03 35.10 -9.78
CA PHE D 304 21.72 34.73 -10.27
C PHE D 304 20.71 35.79 -9.91
N LYS D 305 20.74 36.22 -8.65
CA LYS D 305 19.71 37.12 -8.16
C LYS D 305 19.58 38.42 -8.92
N GLN D 306 20.70 39.03 -9.25
CA GLN D 306 20.58 40.38 -9.77
C GLN D 306 20.47 40.32 -11.30
N SER D 307 21.07 39.29 -11.94
CA SER D 307 20.70 39.00 -13.33
C SER D 307 19.20 38.72 -13.40
N GLY D 308 18.63 38.34 -12.26
CA GLY D 308 17.23 38.01 -12.14
C GLY D 308 16.30 39.21 -12.18
N LYS D 309 16.57 40.23 -11.39
CA LYS D 309 15.68 41.39 -11.45
C LYS D 309 16.22 42.42 -12.44
N GLN D 310 17.46 42.25 -12.88
CA GLN D 310 17.95 43.06 -14.00
C GLN D 310 17.10 42.74 -15.24
N LYS D 311 16.59 41.52 -15.28
CA LYS D 311 15.76 41.11 -16.42
C LYS D 311 14.33 40.78 -16.02
N ASP D 312 13.96 41.09 -14.79
CA ASP D 312 12.61 40.90 -14.28
C ASP D 312 12.12 39.43 -14.27
N THR D 313 13.02 38.45 -14.45
CA THR D 313 12.64 37.04 -14.36
C THR D 313 12.91 36.50 -12.96
N ASP D 314 12.13 35.49 -12.57
CA ASP D 314 12.37 34.72 -11.34
C ASP D 314 13.78 34.12 -11.34
N TRP D 315 14.66 34.65 -10.49
CA TRP D 315 16.06 34.20 -10.42
C TRP D 315 16.22 32.71 -10.16
N ARG D 316 15.19 32.09 -9.60
CA ARG D 316 15.27 30.72 -9.15
C ARG D 316 15.20 29.80 -10.36
N LEU D 317 14.47 30.24 -11.38
CA LEU D 317 14.42 29.50 -12.64
C LEU D 317 15.77 29.58 -13.35
N LEU D 318 16.36 30.78 -13.34
CA LEU D 318 17.69 30.99 -13.89
C LEU D 318 18.67 30.04 -13.27
N ALA D 319 18.63 29.97 -11.94
CA ALA D 319 19.53 29.13 -11.16
C ALA D 319 19.40 27.67 -11.56
N ALA D 320 18.14 27.25 -11.73
CA ALA D 320 17.84 25.88 -12.08
C ALA D 320 18.45 25.53 -13.44
N ILE D 321 18.33 26.45 -14.40
CA ILE D 321 18.89 26.26 -15.74
C ILE D 321 20.36 25.92 -15.61
N GLY D 322 21.11 26.83 -14.99
CA GLY D 322 22.50 26.59 -14.65
C GLY D 322 22.82 25.24 -14.02
N TYR D 323 21.97 24.73 -13.13
CA TYR D 323 22.30 23.45 -12.54
C TYR D 323 22.19 22.34 -13.59
N GLN D 324 21.10 22.32 -14.34
CA GLN D 324 20.93 21.31 -15.37
C GLN D 324 22.01 21.38 -16.42
N GLU D 325 22.51 22.58 -16.66
CA GLU D 325 23.50 22.75 -17.71
C GLU D 325 24.91 22.35 -17.26
N SER D 326 25.25 22.66 -16.00
CA SER D 326 26.63 22.51 -15.48
C SER D 326 26.75 22.17 -14.00
N LEU D 327 25.63 21.94 -13.33
CA LEU D 327 25.60 21.69 -11.88
C LEU D 327 26.32 22.75 -11.04
N TRP D 328 26.19 24.02 -11.46
CA TRP D 328 26.87 25.15 -10.79
C TRP D 328 28.39 24.93 -10.72
N GLN D 329 28.94 24.47 -11.83
CA GLN D 329 30.39 24.38 -11.99
C GLN D 329 30.81 25.33 -13.11
N PRO D 330 31.48 26.42 -12.76
CA PRO D 330 31.77 27.47 -13.74
C PRO D 330 32.82 27.05 -14.79
N GLY D 331 33.52 25.94 -14.55
CA GLY D 331 34.52 25.47 -15.49
C GLY D 331 34.06 24.32 -16.38
N ALA D 332 32.75 24.11 -16.44
CA ALA D 332 32.15 23.03 -17.24
C ALA D 332 32.34 23.21 -18.75
N THR D 333 32.68 22.13 -19.44
CA THR D 333 32.85 22.17 -20.89
C THR D 333 32.45 20.84 -21.52
N SER D 334 32.22 20.85 -22.82
CA SER D 334 31.75 19.67 -23.53
C SER D 334 32.45 19.49 -24.88
N LYS D 335 32.40 18.27 -25.40
CA LYS D 335 32.90 17.95 -26.73
C LYS D 335 32.32 18.87 -27.80
N THR D 336 31.14 19.40 -27.52
CA THR D 336 30.34 20.11 -28.51
C THR D 336 30.62 21.60 -28.58
N GLY D 337 31.33 22.13 -27.58
CA GLY D 337 31.74 23.53 -27.62
C GLY D 337 30.88 24.45 -26.80
N VAL D 338 30.20 23.90 -25.81
CA VAL D 338 29.50 24.74 -24.82
C VAL D 338 30.32 24.81 -23.54
N ARG D 339 30.41 26.01 -22.96
CA ARG D 339 31.37 26.25 -21.88
C ARG D 339 30.89 27.30 -20.89
N GLY D 340 31.15 27.03 -19.61
CA GLY D 340 30.75 27.94 -18.55
C GLY D 340 29.57 27.41 -17.77
N LEU D 341 29.17 28.17 -16.76
CA LEU D 341 28.10 27.76 -15.85
C LEU D 341 26.78 27.55 -16.58
N MET D 342 26.50 28.39 -17.57
CA MET D 342 25.28 28.25 -18.38
C MET D 342 25.54 27.51 -19.70
N MET D 343 26.77 26.97 -19.84
CA MET D 343 27.15 26.16 -20.99
C MET D 343 26.78 26.80 -22.31
N LEU D 344 27.25 28.03 -22.52
CA LEU D 344 26.97 28.76 -23.74
C LEU D 344 27.94 28.41 -24.89
N THR D 345 27.43 28.46 -26.12
CA THR D 345 28.25 28.17 -27.29
C THR D 345 29.15 29.36 -27.51
N ASN D 346 30.12 29.26 -28.41
CA ASN D 346 31.00 30.40 -28.62
C ASN D 346 30.37 31.52 -29.46
N ARG D 347 29.45 31.14 -30.35
CA ARG D 347 28.75 32.15 -31.14
C ARG D 347 27.73 32.90 -30.26
N THR D 348 26.97 32.18 -29.45
CA THR D 348 25.96 32.80 -28.60
C THR D 348 26.61 33.65 -27.48
N ALA D 349 27.79 33.27 -27.01
CA ALA D 349 28.43 34.06 -25.96
C ALA D 349 28.97 35.37 -26.54
N GLN D 350 29.46 35.34 -27.78
CA GLN D 350 29.91 36.56 -28.41
C GLN D 350 28.72 37.45 -28.73
N ALA D 351 27.58 36.84 -28.98
CA ALA D 351 26.37 37.59 -29.27
C ALA D 351 25.75 38.21 -28.02
N MET D 352 25.81 37.50 -26.89
CA MET D 352 25.19 37.98 -25.66
C MET D 352 26.08 38.93 -24.89
N GLY D 353 27.21 39.30 -25.49
CA GLY D 353 28.18 40.18 -24.86
C GLY D 353 28.88 39.52 -23.68
N VAL D 354 29.51 38.38 -23.96
CA VAL D 354 30.22 37.60 -22.95
C VAL D 354 31.63 37.30 -23.46
N SER D 355 32.62 37.99 -22.90
CA SER D 355 33.98 37.81 -23.37
C SER D 355 34.54 36.53 -22.78
N ASN D 356 34.57 36.45 -21.46
CA ASN D 356 35.06 35.25 -20.81
C ASN D 356 33.92 34.31 -20.40
N ARG D 357 33.73 33.24 -21.18
CA ARG D 357 32.71 32.23 -20.90
C ARG D 357 32.88 31.55 -19.54
N LEU D 358 34.09 31.60 -18.99
CA LEU D 358 34.40 30.90 -17.75
C LEU D 358 34.23 31.77 -16.52
N ASP D 359 33.87 33.05 -16.71
CA ASP D 359 33.47 33.89 -15.60
C ASP D 359 32.00 33.66 -15.25
N PRO D 360 31.75 33.18 -14.04
CA PRO D 360 30.39 32.85 -13.62
C PRO D 360 29.43 34.03 -13.81
N LYS D 361 29.79 35.20 -13.31
CA LYS D 361 28.91 36.38 -13.39
C LYS D 361 28.53 36.68 -14.82
N GLN D 362 29.55 36.82 -15.65
CA GLN D 362 29.38 37.17 -17.05
C GLN D 362 28.60 36.10 -17.81
N SER D 363 28.77 34.85 -17.39
CA SER D 363 28.11 33.73 -18.04
C SER D 363 26.63 33.59 -17.63
N ILE D 364 26.37 33.80 -16.33
CA ILE D 364 25.02 33.77 -15.78
C ILE D 364 24.22 34.94 -16.34
N GLN D 365 24.89 36.08 -16.49
CA GLN D 365 24.29 37.21 -17.17
C GLN D 365 23.96 36.82 -18.61
N GLY D 366 24.99 36.49 -19.39
CA GLY D 366 24.81 36.10 -20.78
C GLY D 366 23.76 35.02 -21.02
N GLY D 367 23.82 33.96 -20.23
CA GLY D 367 22.89 32.86 -20.38
C GLY D 367 21.46 33.23 -20.03
N SER D 368 21.29 33.99 -18.95
CA SER D 368 19.96 34.46 -18.57
C SER D 368 19.40 35.42 -19.63
N LYS D 369 20.24 36.33 -20.12
CA LYS D 369 19.85 37.23 -21.22
C LYS D 369 19.45 36.42 -22.45
N TYR D 370 20.15 35.33 -22.72
CA TYR D 370 19.81 34.49 -23.87
C TYR D 370 18.49 33.79 -23.66
N PHE D 371 18.23 33.35 -22.42
CA PHE D 371 16.98 32.68 -22.10
C PHE D 371 15.79 33.62 -22.18
N VAL D 372 15.89 34.75 -21.50
CA VAL D 372 14.82 35.73 -21.47
C VAL D 372 14.50 36.26 -22.86
N GLN D 373 15.54 36.36 -23.69
CA GLN D 373 15.39 36.80 -25.08
C GLN D 373 14.52 35.82 -25.87
N ILE D 374 14.89 34.55 -25.86
CA ILE D 374 14.09 33.50 -26.52
C ILE D 374 12.62 33.54 -26.09
N ARG D 375 12.39 33.77 -24.80
CA ARG D 375 11.04 33.79 -24.26
C ARG D 375 10.23 35.02 -24.74
N SER D 376 10.91 36.07 -25.17
CA SER D 376 10.23 37.19 -25.83
C SER D 376 9.88 36.83 -27.27
N GLU D 377 10.78 36.12 -27.92
CA GLU D 377 10.66 35.81 -29.34
C GLU D 377 9.64 34.69 -29.65
N LEU D 378 9.18 33.99 -28.61
CA LEU D 378 8.04 33.07 -28.76
C LEU D 378 6.82 33.81 -29.26
N PRO D 379 5.99 33.15 -30.09
CA PRO D 379 4.76 33.80 -30.55
C PRO D 379 3.84 34.17 -29.38
N GLU D 380 3.12 35.28 -29.53
CA GLU D 380 2.27 35.86 -28.48
C GLU D 380 1.30 34.82 -27.92
N SER D 381 0.86 33.97 -28.84
CA SER D 381 -0.18 32.98 -28.66
C SER D 381 0.10 32.02 -27.46
N ILE D 382 1.37 31.79 -27.14
CA ILE D 382 1.77 31.00 -25.97
C ILE D 382 1.71 31.81 -24.66
N LYS D 383 0.96 31.32 -23.67
CA LYS D 383 0.82 32.02 -22.39
C LYS D 383 1.62 31.44 -21.21
N GLU D 384 1.98 32.29 -20.26
CA GLU D 384 2.69 31.87 -19.06
C GLU D 384 1.80 30.99 -18.17
N PRO D 385 2.40 30.00 -17.48
CA PRO D 385 3.84 29.75 -17.41
C PRO D 385 4.40 28.91 -18.57
N ASP D 386 3.56 28.38 -19.46
CA ASP D 386 4.05 27.46 -20.48
C ASP D 386 5.06 28.11 -21.41
N ARG D 387 4.89 29.40 -21.66
CA ARG D 387 5.90 30.22 -22.34
C ARG D 387 7.30 29.96 -21.75
N SER D 388 7.41 29.93 -20.43
CA SER D 388 8.68 29.61 -19.79
C SER D 388 9.14 28.22 -20.21
N TRP D 389 8.27 27.23 -20.08
CA TRP D 389 8.66 25.86 -20.42
C TRP D 389 9.02 25.77 -21.90
N PHE D 390 8.24 26.45 -22.74
CA PHE D 390 8.50 26.48 -24.16
C PHE D 390 9.86 27.09 -24.41
N ALA D 391 10.21 28.09 -23.59
CA ALA D 391 11.51 28.75 -23.72
C ALA D 391 12.61 27.80 -23.31
N LEU D 392 12.45 27.13 -22.17
CA LEU D 392 13.41 26.08 -21.78
C LEU D 392 13.57 25.05 -22.90
N ALA D 393 12.45 24.64 -23.49
CA ALA D 393 12.49 23.77 -24.67
C ALA D 393 13.41 24.36 -25.72
N ALA D 394 13.10 25.56 -26.20
CA ALA D 394 13.92 26.22 -27.22
C ALA D 394 15.40 26.35 -26.81
N TYR D 395 15.65 26.67 -25.55
CA TYR D 395 17.01 26.83 -25.07
C TYR D 395 17.87 25.60 -25.38
N ASN D 396 17.26 24.43 -25.40
CA ASN D 396 17.97 23.18 -25.60
C ASN D 396 17.88 22.61 -27.02
N ILE D 397 16.71 22.76 -27.67
CA ILE D 397 16.44 22.13 -28.95
C ILE D 397 16.65 23.09 -30.13
N GLY D 398 16.60 24.40 -29.83
CA GLY D 398 16.57 25.43 -30.84
C GLY D 398 15.13 25.70 -31.25
N GLY D 399 14.74 26.97 -31.24
CA GLY D 399 13.39 27.37 -31.59
C GLY D 399 12.74 26.80 -32.86
N ALA D 400 13.56 26.49 -33.86
CA ALA D 400 13.04 26.02 -35.15
C ALA D 400 12.45 24.60 -35.01
N HIS D 401 13.22 23.69 -34.43
CA HIS D 401 12.69 22.37 -34.12
C HIS D 401 11.40 22.44 -33.27
N LEU D 402 11.36 23.41 -32.37
CA LEU D 402 10.22 23.58 -31.48
C LEU D 402 9.00 23.93 -32.29
N GLU D 403 9.18 24.86 -33.24
CA GLU D 403 8.09 25.25 -34.12
C GLU D 403 7.68 24.04 -34.96
N ASP D 404 8.66 23.26 -35.40
CA ASP D 404 8.37 22.01 -36.09
C ASP D 404 7.42 21.14 -35.26
N ALA D 405 7.59 21.14 -33.94
CA ALA D 405 6.78 20.33 -33.02
C ALA D 405 5.46 20.99 -32.67
N ARG D 406 5.48 22.32 -32.62
CA ARG D 406 4.25 23.04 -32.40
C ARG D 406 3.28 22.75 -33.53
N LYS D 407 3.80 22.75 -34.74
CA LYS D 407 2.92 22.64 -35.88
C LYS D 407 2.50 21.19 -36.13
N MET D 408 3.30 20.25 -35.64
CA MET D 408 2.91 18.84 -35.65
C MET D 408 1.77 18.60 -34.64
N ALA D 409 1.85 19.29 -33.51
CA ALA D 409 0.80 19.24 -32.49
C ALA D 409 -0.51 19.81 -33.02
N GLU D 410 -0.41 20.93 -33.73
CA GLU D 410 -1.57 21.48 -34.44
C GLU D 410 -2.28 20.41 -35.26
N LYS D 411 -1.58 19.90 -36.28
CA LYS D 411 -2.15 18.97 -37.25
C LYS D 411 -2.64 17.68 -36.62
N GLU D 412 -2.10 17.36 -35.46
CA GLU D 412 -2.57 16.21 -34.70
C GLU D 412 -3.80 16.58 -33.87
N GLY D 413 -4.18 17.87 -33.90
CA GLY D 413 -5.40 18.33 -33.25
C GLY D 413 -5.24 18.77 -31.79
N LEU D 414 -4.00 19.01 -31.38
CA LEU D 414 -3.71 19.41 -30.03
C LEU D 414 -3.52 20.93 -29.95
N ASN D 415 -3.28 21.47 -28.76
CA ASN D 415 -3.13 22.92 -28.60
C ASN D 415 -1.65 23.32 -28.68
N PRO D 416 -1.23 24.00 -29.77
CA PRO D 416 0.18 24.29 -29.95
C PRO D 416 0.70 25.39 -29.01
N ASN D 417 -0.12 25.80 -28.05
CA ASN D 417 0.25 26.84 -27.10
C ASN D 417 0.20 26.29 -25.68
N LYS D 418 0.11 24.97 -25.59
CA LYS D 418 0.02 24.30 -24.30
C LYS D 418 1.17 23.33 -24.20
N TRP D 419 2.04 23.54 -23.22
CA TRP D 419 3.22 22.71 -23.08
C TRP D 419 2.88 21.24 -22.94
N LEU D 420 1.83 20.92 -22.19
CA LEU D 420 1.53 19.53 -21.92
C LEU D 420 1.18 18.76 -23.21
N ASP D 421 0.84 19.49 -24.28
CA ASP D 421 0.57 18.86 -25.58
C ASP D 421 1.85 18.77 -26.42
N VAL D 422 2.42 19.92 -26.76
CA VAL D 422 3.65 20.01 -27.54
C VAL D 422 4.77 19.15 -26.93
N LYS D 423 4.73 19.01 -25.60
CA LYS D 423 5.64 18.10 -24.87
C LYS D 423 5.49 16.64 -25.34
N LYS D 424 4.27 16.25 -25.75
CA LYS D 424 4.01 14.87 -26.19
C LYS D 424 4.41 14.66 -27.67
N MET D 425 4.60 15.77 -28.38
CA MET D 425 4.92 15.71 -29.80
C MET D 425 6.43 15.71 -30.03
N LEU D 426 7.19 16.23 -29.08
CA LEU D 426 8.65 16.34 -29.21
C LEU D 426 9.39 15.01 -29.46
N PRO D 427 9.14 13.97 -28.65
CA PRO D 427 9.92 12.74 -28.85
C PRO D 427 9.69 12.08 -30.21
N ARG D 428 8.71 12.58 -30.96
CA ARG D 428 8.40 12.02 -32.27
C ARG D 428 9.34 12.55 -33.33
N LEU D 429 10.11 13.58 -32.97
CA LEU D 429 11.10 14.12 -33.90
C LEU D 429 12.28 13.17 -34.12
N ALA D 430 12.38 12.12 -33.30
CA ALA D 430 13.42 11.11 -33.46
C ALA D 430 12.88 9.84 -34.09
N GLN D 431 11.65 9.91 -34.56
CA GLN D 431 11.01 8.79 -35.24
C GLN D 431 10.83 9.18 -36.70
N LYS D 432 11.58 8.53 -37.60
CA LYS D 432 11.62 8.93 -39.00
C LYS D 432 10.25 9.07 -39.62
N GLN D 433 9.37 8.11 -39.35
CA GLN D 433 7.98 8.16 -39.83
C GLN D 433 7.34 9.50 -39.51
N TRP D 434 7.87 10.20 -38.51
CA TRP D 434 7.33 11.51 -38.15
C TRP D 434 8.23 12.67 -38.59
N TYR D 435 9.54 12.58 -38.34
CA TYR D 435 10.38 13.75 -38.60
C TYR D 435 10.69 13.96 -40.09
N ALA D 436 10.53 12.92 -40.90
CA ALA D 436 10.73 13.08 -42.33
C ALA D 436 9.70 14.04 -42.90
N LYS D 437 8.56 14.17 -42.22
CA LYS D 437 7.49 15.02 -42.69
C LYS D 437 7.59 16.42 -42.11
N THR D 438 8.64 16.67 -41.33
CA THR D 438 8.90 18.01 -40.79
C THR D 438 9.91 18.74 -41.66
N ARG D 439 10.13 20.02 -41.37
CA ARG D 439 11.02 20.83 -42.22
C ARG D 439 12.48 20.74 -41.80
N TYR D 440 12.72 20.60 -40.50
CA TYR D 440 14.07 20.54 -40.01
C TYR D 440 14.41 19.11 -39.56
N GLY D 441 13.52 18.18 -39.89
CA GLY D 441 13.80 16.77 -39.73
C GLY D 441 14.19 16.35 -38.35
N TYR D 442 15.07 15.37 -38.26
CA TYR D 442 15.45 14.73 -37.01
C TYR D 442 16.02 15.62 -35.88
N ALA D 443 15.46 15.47 -34.69
CA ALA D 443 16.00 16.04 -33.45
C ALA D 443 15.84 14.99 -32.40
N ARG D 444 16.80 14.91 -31.48
CA ARG D 444 16.66 14.04 -30.33
C ARG D 444 15.68 14.71 -29.36
N GLY D 445 14.42 14.77 -29.77
CA GLY D 445 13.43 15.59 -29.09
C GLY D 445 13.10 15.14 -27.68
N GLY D 446 13.22 13.84 -27.44
CA GLY D 446 12.96 13.30 -26.12
C GLY D 446 13.93 13.82 -25.09
N GLU D 447 15.20 14.03 -25.48
CA GLU D 447 16.17 14.54 -24.52
C GLU D 447 15.85 15.98 -24.12
N THR D 448 15.19 16.70 -25.01
CA THR D 448 14.70 18.04 -24.71
C THR D 448 13.54 17.94 -23.70
N VAL D 449 12.68 16.95 -23.84
CA VAL D 449 11.63 16.79 -22.85
C VAL D 449 12.25 16.47 -21.48
N HIS D 450 13.25 15.59 -21.44
CA HIS D 450 13.93 15.27 -20.17
C HIS D 450 14.58 16.51 -19.60
N PHE D 451 15.10 17.34 -20.49
CA PHE D 451 15.76 18.58 -20.10
C PHE D 451 14.82 19.52 -19.36
N VAL D 452 13.68 19.79 -19.98
CA VAL D 452 12.68 20.72 -19.46
C VAL D 452 12.12 20.23 -18.13
N GLN D 453 11.88 18.91 -17.98
CA GLN D 453 11.19 18.51 -16.75
C GLN D 453 12.25 18.51 -15.66
N ASN D 454 13.48 18.24 -16.05
CA ASN D 454 14.59 18.29 -15.11
C ASN D 454 14.80 19.68 -14.56
N VAL D 455 14.83 20.67 -15.43
CA VAL D 455 14.98 22.06 -14.99
C VAL D 455 13.83 22.36 -14.04
N ARG D 456 12.60 22.11 -14.49
CA ARG D 456 11.41 22.34 -13.66
C ARG D 456 11.44 21.64 -12.30
N ARG D 457 12.05 20.46 -12.23
CA ARG D 457 12.18 19.74 -10.96
C ARG D 457 13.03 20.57 -9.96
N TYR D 458 14.15 21.13 -10.43
CA TYR D 458 15.07 21.90 -9.60
C TYR D 458 14.43 23.23 -9.20
N TYR D 459 13.74 23.85 -10.16
CA TYR D 459 12.98 25.08 -9.93
C TYR D 459 11.99 24.91 -8.77
N ASP D 460 11.33 23.75 -8.69
CA ASP D 460 10.38 23.44 -7.61
C ASP D 460 11.07 23.31 -6.26
N ILE D 461 12.25 22.68 -6.23
CA ILE D 461 13.02 22.57 -4.99
C ILE D 461 13.63 23.90 -4.58
N LEU D 462 14.06 24.70 -5.55
CA LEU D 462 14.57 26.02 -5.25
C LEU D 462 13.48 26.93 -4.73
N THR D 463 12.33 26.90 -5.38
CA THR D 463 11.22 27.69 -4.92
C THR D 463 10.82 27.25 -3.53
N TRP D 464 10.84 25.94 -3.30
CA TRP D 464 10.43 25.42 -2.00
C TRP D 464 11.32 25.86 -0.85
N VAL D 465 12.62 26.03 -1.11
CA VAL D 465 13.53 26.50 -0.07
C VAL D 465 13.65 28.03 -0.09
N THR D 466 12.59 28.72 -0.51
CA THR D 466 12.54 30.18 -0.42
C THR D 466 11.10 30.66 -0.12
N GLN D 467 10.78 30.78 1.16
CA GLN D 467 9.48 31.30 1.63
C GLN D 467 8.28 30.42 1.23
N PRO D 468 7.11 30.58 1.92
CA PRO D 468 5.95 29.73 1.62
C PRO D 468 5.35 29.94 0.23
O3 AH0 E 1 -12.83 -14.92 53.80
CA AH0 E 1 -13.68 -15.64 53.31
CB AH0 E 1 -14.77 -15.93 54.33
C AH0 E 1 -13.07 -16.96 52.80
O AH0 E 1 -11.86 -17.04 52.67
N ALA E 2 -13.88 -18.10 52.45
CA ALA E 2 -13.22 -19.28 51.98
C ALA E 2 -14.08 -20.00 50.96
N FGA E 3 -13.58 -20.27 49.60
CA FGA E 3 -14.38 -20.95 48.62
C FGA E 3 -15.29 -20.04 47.88
O FGA E 3 -15.01 -18.84 47.71
CB FGA E 3 -13.57 -21.65 47.55
CG FGA E 3 -14.46 -22.84 47.13
CD FGA E 3 -14.70 -22.71 45.62
OE1 FGA E 3 -15.81 -22.63 45.14
OXT FGA E 3 -16.35 -20.53 47.42
C API E 4 -14.06 -23.22 42.51
CA API E 4 -13.10 -22.60 43.54
C3 API E 4 -11.76 -23.26 43.43
C4 API E 4 -11.46 -24.18 44.62
C5 API E 4 -11.24 -25.56 43.94
C6 API E 4 -11.73 -26.60 44.89
C7 API E 4 -10.54 -27.34 45.39
O API E 4 -13.65 -24.18 41.85
O3 API E 4 -10.25 -28.42 44.91
O4 API E 4 -9.87 -26.85 46.28
N API E 4 -13.43 -22.71 44.92
N6 API E 4 -12.62 -27.49 44.22
N DAL E 5 -15.38 -22.62 42.33
CA DAL E 5 -16.45 -22.99 41.39
CB DAL E 5 -16.48 -24.44 40.99
C DAL E 5 -16.22 -22.20 40.13
O DAL E 5 -15.12 -21.73 39.98
N DAL E 6 -17.32 -22.02 39.19
CA DAL E 6 -17.25 -21.29 37.94
CB DAL E 6 -16.47 -20.03 38.02
C DAL E 6 -18.57 -20.72 37.53
O DAL E 6 -18.99 -20.84 36.34
OXT DAL E 6 -19.20 -20.06 38.41
CL CL F . 4.00 -26.71 4.41
CL CL G . -5.96 13.76 -36.51
CL CL H . -6.51 -14.58 -45.69
CL CL I . -6.42 10.34 37.13
CL CL J . 37.82 27.76 -27.87
#